data_6Y9B
#
_entry.id   6Y9B
#
_cell.length_a   1.00
_cell.length_b   1.00
_cell.length_c   1.00
_cell.angle_alpha   90.00
_cell.angle_beta   90.00
_cell.angle_gamma   90.00
#
_symmetry.space_group_name_H-M   'P 1'
#
loop_
_entity.id
_entity.type
_entity.pdbx_description
1 polymer 'Metalloreductase STEAP1'
2 polymer 'Fab120.545 light chain'
3 polymer 'Fab120.545 heavy chain'
4 non-polymer 'PROTOPORPHYRIN IX CONTAINING FE'
5 non-polymer 1,2-DIMYRISTOYL-SN-GLYCERO-3-PHOSPHATE
#
loop_
_entity_poly.entity_id
_entity_poly.type
_entity_poly.pdbx_seq_one_letter_code
_entity_poly.pdbx_strand_id
1 'polypeptide(L)'
;MGSESRKDITNQEELWKMKPRRNLEEDDYLHKDTGETSMLKRPVLLHLHQTAHADEFDCPSELQHTQELFPQWHLPIKIA
AIIASLTFLYTLLREVIHPLATSHQQYFYKIPILVINKVLPMVSITLLALVYLPGVIAAIVQLHNGTKYKKFPHWLDKWM
LTRKQFGLLSFFFAVLHAIYSLSYPMRRSYRYKLLNWAYQQVQQNKEDAWIEHDVWRMEIYVSLGIVGLAILALLAVTSI
PSVSDSLTWREFHYIQSKLGIVSLLLGTIHALIFAWNKWIDIKQFVWYTPPTFMIAVFLPIVVLIFKSILFLPCLRKKIL
KIRHGWEDVTKINKTEICSQLAAAGAAWSHPQFEKGAAWSHPQFEKGAAWSHPQFEKGAA
;
C,A,B
2 'polypeptide(L)'
;DIVMSQSPSSLAVSVGEKVTMSCKSSQSLLYRSNQKNYLAWYQQKPGQSPKLLIYWASTRESGVPDRFTGSGSGTDFTLT
ISSVKAEDLAVYYCQQYYNYPRTFGGGTKLEIKRTVAAPSVFIFPPSDEQLKSGTASVVCLLNNFYPREAKVQWKVDNAL
QSGNSQESVTEQDSKDSTYSLSSTLTLSKADYEKHKVYACEVTHQGLSSPVTKSFNRGEC
;
L,M,N
3 'polypeptide(L)'
;DVQVQESGPGLVKPSQSLSLTCTVTGYSITSDYAWNWIRQFPGNKLEWMGYISNSGSTSYNPSLKSRISITRDTSKNQFF
LQLISVTTEDTATYYCARERNYDYDDYYYAMDYWGQGTTLTVSAASTKGPSVFPLAPSSKSTSGGTAALGCLVKDYFPEP
VTVSWNSGALTSGVHTFPAVLQSSGLYSLSSVVTVPSSSLGTQTYICNVNHKPSNTKVDKRVEPKSCDKTHTHHHHHH
;
H,I,J
#
loop_
_chem_comp.id
_chem_comp.type
_chem_comp.name
_chem_comp.formula
HEM non-polymer 'PROTOPORPHYRIN IX CONTAINING FE' 'C34 H32 Fe N4 O4'
XP4 non-polymer 1,2-DIMYRISTOYL-SN-GLYCERO-3-PHOSPHATE 'C31 H60 O8 P -1'
#
# COMPACT_ATOMS: atom_id res chain seq x y z
N LEU A 69 -22.23 43.47 -12.36
CA LEU A 69 -21.17 42.61 -11.86
C LEU A 69 -21.27 41.22 -12.45
N PHE A 70 -20.38 40.90 -13.39
CA PHE A 70 -20.36 39.65 -14.13
C PHE A 70 -21.72 39.36 -14.74
N PRO A 71 -22.13 40.10 -15.77
CA PRO A 71 -23.44 39.85 -16.36
C PRO A 71 -23.52 38.55 -17.14
N GLN A 72 -22.44 38.12 -17.76
CA GLN A 72 -22.45 36.90 -18.56
C GLN A 72 -22.17 35.65 -17.75
N TRP A 73 -21.97 35.78 -16.43
CA TRP A 73 -21.71 34.63 -15.58
C TRP A 73 -22.86 34.32 -14.64
N HIS A 74 -23.92 35.12 -14.64
CA HIS A 74 -25.05 34.84 -13.77
C HIS A 74 -25.74 33.54 -14.17
N LEU A 75 -26.11 33.42 -15.44
CA LEU A 75 -26.81 32.22 -15.89
C LEU A 75 -25.96 30.95 -15.75
N PRO A 76 -24.70 30.92 -16.16
CA PRO A 76 -23.94 29.66 -16.00
C PRO A 76 -23.71 29.26 -14.56
N ILE A 77 -23.47 30.23 -13.68
CA ILE A 77 -23.21 29.88 -12.28
C ILE A 77 -24.48 29.36 -11.61
N LYS A 78 -25.62 29.99 -11.87
CA LYS A 78 -26.88 29.51 -11.30
C LYS A 78 -27.18 28.09 -11.76
N ILE A 79 -26.89 27.78 -13.03
CA ILE A 79 -27.10 26.43 -13.51
C ILE A 79 -26.07 25.49 -12.91
N ALA A 80 -24.84 25.95 -12.73
CA ALA A 80 -23.82 25.12 -12.10
C ALA A 80 -24.13 24.89 -10.63
N ALA A 81 -24.67 25.90 -9.95
CA ALA A 81 -25.00 25.73 -8.54
C ALA A 81 -26.20 24.83 -8.35
N ILE A 82 -27.17 24.89 -9.27
CA ILE A 82 -28.34 24.03 -9.17
C ILE A 82 -27.95 22.57 -9.38
N ILE A 83 -27.15 22.31 -10.41
CA ILE A 83 -26.71 20.93 -10.66
C ILE A 83 -25.84 20.43 -9.52
N ALA A 84 -24.96 21.27 -9.00
CA ALA A 84 -24.08 20.84 -7.91
C ALA A 84 -24.88 20.57 -6.64
N SER A 85 -25.79 21.48 -6.28
CA SER A 85 -26.56 21.31 -5.06
C SER A 85 -27.51 20.12 -5.18
N LEU A 86 -28.11 19.93 -6.34
CA LEU A 86 -29.04 18.82 -6.52
C LEU A 86 -28.31 17.48 -6.53
N THR A 87 -27.15 17.42 -7.19
CA THR A 87 -26.37 16.19 -7.19
C THR A 87 -25.80 15.90 -5.80
N PHE A 88 -25.40 16.94 -5.08
CA PHE A 88 -24.82 16.74 -3.75
C PHE A 88 -25.80 16.05 -2.82
N LEU A 89 -27.01 16.61 -2.69
CA LEU A 89 -28.03 15.97 -1.86
C LEU A 89 -28.38 14.58 -2.37
N TYR A 90 -28.34 14.38 -3.69
CA TYR A 90 -28.65 13.07 -4.23
C TYR A 90 -27.56 12.07 -3.92
N THR A 91 -26.29 12.47 -4.06
CA THR A 91 -25.19 11.56 -3.75
C THR A 91 -25.04 11.36 -2.26
N LEU A 92 -25.21 12.42 -1.47
CA LEU A 92 -25.15 12.30 -0.02
C LEU A 92 -26.23 11.37 0.50
N LEU A 93 -27.36 11.29 -0.20
CA LEU A 93 -28.45 10.43 0.24
C LEU A 93 -28.13 8.97 -0.01
N ARG A 94 -27.48 8.66 -1.13
CA ARG A 94 -27.21 7.26 -1.47
C ARG A 94 -26.01 6.72 -0.70
N GLU A 95 -25.07 7.57 -0.29
CA GLU A 95 -23.82 7.11 0.30
C GLU A 95 -23.74 7.29 1.81
N VAL A 96 -24.54 8.18 2.39
CA VAL A 96 -24.45 8.50 3.81
C VAL A 96 -25.80 8.30 4.51
N ILE A 97 -26.86 8.91 3.97
CA ILE A 97 -28.15 8.87 4.64
C ILE A 97 -28.72 7.47 4.62
N HIS A 98 -28.71 6.80 3.46
CA HIS A 98 -29.28 5.46 3.38
C HIS A 98 -28.59 4.46 4.29
N PRO A 99 -27.25 4.38 4.35
CA PRO A 99 -26.66 3.44 5.33
C PRO A 99 -26.90 3.86 6.77
N LEU A 100 -27.06 5.15 7.02
CA LEU A 100 -27.27 5.62 8.39
C LEU A 100 -28.66 5.26 8.89
N ALA A 101 -29.67 5.36 8.02
CA ALA A 101 -31.03 5.07 8.43
C ALA A 101 -31.22 3.59 8.67
N THR A 102 -31.03 2.77 7.64
CA THR A 102 -31.16 1.33 7.74
C THR A 102 -29.80 0.72 8.06
N SER A 103 -29.75 -0.09 9.12
CA SER A 103 -28.51 -0.75 9.56
C SER A 103 -27.43 0.29 9.83
N HIS A 104 -27.66 1.04 10.92
CA HIS A 104 -26.91 2.25 11.26
C HIS A 104 -25.41 2.10 10.98
N GLN A 105 -24.89 2.97 10.13
CA GLN A 105 -23.48 3.01 9.78
C GLN A 105 -23.10 4.46 9.59
N GLN A 106 -21.99 4.88 10.21
CA GLN A 106 -21.62 6.29 10.20
C GLN A 106 -21.33 6.78 8.79
N TYR A 107 -20.27 6.28 8.15
CA TYR A 107 -19.87 6.66 6.80
C TYR A 107 -19.77 8.18 6.62
N PHE A 108 -19.60 8.92 7.71
CA PHE A 108 -19.53 10.37 7.60
C PHE A 108 -18.22 10.86 7.02
N TYR A 109 -17.19 10.02 7.01
CA TYR A 109 -15.90 10.41 6.46
C TYR A 109 -15.90 10.49 4.95
N LYS A 110 -16.93 9.96 4.28
CA LYS A 110 -16.97 9.98 2.83
C LYS A 110 -17.38 11.32 2.25
N ILE A 111 -17.89 12.23 3.08
CA ILE A 111 -18.40 13.52 2.61
C ILE A 111 -17.31 14.40 2.03
N PRO A 112 -16.18 14.63 2.72
CA PRO A 112 -15.22 15.62 2.21
C PRO A 112 -14.63 15.30 0.86
N ILE A 113 -14.43 14.03 0.52
CA ILE A 113 -13.78 13.71 -0.75
C ILE A 113 -14.62 12.76 -1.59
N LEU A 114 -14.98 11.61 -1.03
CA LEU A 114 -15.67 10.60 -1.81
C LEU A 114 -17.05 11.03 -2.26
N VAL A 115 -17.61 12.08 -1.68
CA VAL A 115 -18.88 12.63 -2.13
C VAL A 115 -18.66 13.84 -3.04
N ILE A 116 -17.71 14.71 -2.69
CA ILE A 116 -17.41 15.86 -3.53
C ILE A 116 -16.88 15.41 -4.87
N ASN A 117 -16.07 14.35 -4.89
CA ASN A 117 -15.53 13.84 -6.14
C ASN A 117 -16.58 13.08 -6.96
N LYS A 118 -17.82 13.02 -6.50
CA LYS A 118 -18.92 12.54 -7.33
C LYS A 118 -19.84 13.67 -7.78
N VAL A 119 -19.68 14.87 -7.24
CA VAL A 119 -20.43 16.03 -7.71
C VAL A 119 -19.65 16.79 -8.77
N LEU A 120 -18.35 16.97 -8.57
CA LEU A 120 -17.53 17.68 -9.55
C LEU A 120 -17.58 17.06 -10.94
N PRO A 121 -17.36 15.75 -11.11
CA PRO A 121 -17.38 15.21 -12.48
C PRO A 121 -18.75 15.29 -13.12
N MET A 122 -19.82 15.09 -12.37
CA MET A 122 -21.15 15.19 -12.95
C MET A 122 -21.46 16.63 -13.35
N VAL A 123 -21.04 17.60 -12.55
CA VAL A 123 -21.18 18.99 -12.95
C VAL A 123 -20.29 19.30 -14.15
N SER A 124 -19.08 18.72 -14.16
CA SER A 124 -18.15 19.01 -15.24
C SER A 124 -18.65 18.47 -16.57
N ILE A 125 -19.14 17.23 -16.59
CA ILE A 125 -19.55 16.63 -17.85
C ILE A 125 -20.92 17.10 -18.28
N THR A 126 -21.77 17.57 -17.36
CA THR A 126 -23.06 18.10 -17.75
C THR A 126 -22.92 19.48 -18.36
N LEU A 127 -22.15 20.37 -17.72
CA LEU A 127 -21.89 21.67 -18.30
C LEU A 127 -21.21 21.56 -19.65
N LEU A 128 -20.35 20.55 -19.82
CA LEU A 128 -19.71 20.36 -21.11
C LEU A 128 -20.72 19.95 -22.17
N ALA A 129 -21.70 19.13 -21.79
CA ALA A 129 -22.74 18.74 -22.75
C ALA A 129 -23.64 19.91 -23.11
N LEU A 130 -23.83 20.86 -22.18
CA LEU A 130 -24.64 22.03 -22.48
C LEU A 130 -23.96 23.01 -23.42
N VAL A 131 -22.70 22.76 -23.78
CA VAL A 131 -22.02 23.64 -24.72
C VAL A 131 -22.45 23.31 -26.15
N TYR A 132 -22.60 22.02 -26.46
CA TYR A 132 -22.93 21.58 -27.81
C TYR A 132 -24.39 21.20 -27.97
N LEU A 133 -25.15 21.16 -26.87
CA LEU A 133 -26.58 20.93 -27.00
C LEU A 133 -27.29 22.02 -27.81
N PRO A 134 -27.00 23.31 -27.64
CA PRO A 134 -27.62 24.30 -28.54
C PRO A 134 -27.18 24.14 -29.98
N GLY A 135 -25.93 23.72 -30.22
CA GLY A 135 -25.49 23.50 -31.58
C GLY A 135 -26.29 22.44 -32.30
N VAL A 136 -26.83 21.48 -31.56
CA VAL A 136 -27.69 20.47 -32.16
C VAL A 136 -29.11 20.99 -32.31
N ILE A 137 -29.61 21.67 -31.28
CA ILE A 137 -30.97 22.20 -31.35
C ILE A 137 -31.07 23.26 -32.45
N ALA A 138 -30.05 24.11 -32.57
CA ALA A 138 -30.07 25.15 -33.60
C ALA A 138 -30.11 24.54 -35.00
N ALA A 139 -29.55 23.34 -35.17
CA ALA A 139 -29.55 22.72 -36.48
C ALA A 139 -30.91 22.09 -36.81
N ILE A 140 -31.54 21.43 -35.83
CA ILE A 140 -32.81 20.76 -36.12
C ILE A 140 -33.92 21.78 -36.28
N VAL A 141 -33.89 22.89 -35.54
CA VAL A 141 -34.91 23.91 -35.72
C VAL A 141 -34.69 24.70 -37.00
N GLN A 142 -33.45 24.73 -37.51
CA GLN A 142 -33.22 25.33 -38.82
C GLN A 142 -33.83 24.47 -39.92
N LEU A 143 -33.83 23.16 -39.75
CA LEU A 143 -34.49 22.27 -40.71
C LEU A 143 -35.97 22.14 -40.43
N HIS A 144 -36.38 22.28 -39.17
CA HIS A 144 -37.80 22.18 -38.83
C HIS A 144 -38.61 23.29 -39.46
N ASN A 145 -38.00 24.46 -39.68
CA ASN A 145 -38.64 25.56 -40.37
C ASN A 145 -38.09 25.78 -41.77
N GLY A 146 -36.99 25.14 -42.13
CA GLY A 146 -36.39 25.30 -43.44
C GLY A 146 -35.59 26.57 -43.63
N THR A 147 -35.77 27.58 -42.77
CA THR A 147 -35.04 28.82 -42.89
C THR A 147 -34.88 29.48 -41.52
N LYS A 150 -35.35 33.33 -41.39
CA LYS A 150 -34.24 32.79 -40.60
C LYS A 150 -34.11 33.53 -39.28
N LYS A 151 -34.43 32.86 -38.19
CA LYS A 151 -34.39 33.48 -36.86
C LYS A 151 -34.29 32.38 -35.81
N PHE A 152 -33.82 32.78 -34.63
CA PHE A 152 -33.78 31.91 -33.46
C PHE A 152 -34.66 32.49 -32.36
N PRO A 153 -35.29 31.65 -31.56
CA PRO A 153 -36.06 32.16 -30.42
C PRO A 153 -35.14 32.85 -29.42
N HIS A 154 -35.76 33.68 -28.57
CA HIS A 154 -34.99 34.45 -27.60
C HIS A 154 -34.25 33.55 -26.62
N TRP A 155 -34.92 32.50 -26.13
CA TRP A 155 -34.30 31.62 -25.14
C TRP A 155 -33.11 30.87 -25.73
N LEU A 156 -33.14 30.60 -27.04
CA LEU A 156 -32.04 29.86 -27.64
C LEU A 156 -30.85 30.77 -27.93
N ASP A 157 -31.09 31.96 -28.48
CA ASP A 157 -29.99 32.86 -28.80
C ASP A 157 -29.29 33.35 -27.54
N LYS A 158 -30.06 33.58 -26.47
CA LYS A 158 -29.46 33.87 -25.17
C LYS A 158 -28.59 32.71 -24.70
N TRP A 159 -29.02 31.48 -24.99
CA TRP A 159 -28.25 30.30 -24.61
C TRP A 159 -26.99 30.18 -25.45
N MET A 160 -27.07 30.52 -26.74
CA MET A 160 -25.92 30.38 -27.62
C MET A 160 -24.76 31.27 -27.20
N LEU A 161 -25.05 32.40 -26.54
CA LEU A 161 -24.00 33.33 -26.18
C LEU A 161 -23.18 32.83 -24.98
N THR A 162 -23.82 32.10 -24.06
CA THR A 162 -23.14 31.64 -22.85
C THR A 162 -22.39 30.34 -23.07
N ARG A 163 -22.13 29.94 -24.31
CA ARG A 163 -21.38 28.73 -24.55
C ARG A 163 -19.92 28.88 -24.12
N LYS A 164 -19.38 30.10 -24.20
CA LYS A 164 -18.01 30.33 -23.76
C LYS A 164 -17.88 30.13 -22.25
N GLN A 165 -18.88 30.57 -21.49
CA GLN A 165 -18.80 30.44 -20.03
C GLN A 165 -19.00 29.00 -19.60
N PHE A 166 -19.90 28.27 -20.25
CA PHE A 166 -20.09 26.86 -19.92
C PHE A 166 -18.82 26.06 -20.13
N GLY A 167 -18.12 26.33 -21.23
CA GLY A 167 -16.88 25.62 -21.50
C GLY A 167 -15.78 25.92 -20.51
N LEU A 168 -15.86 27.04 -19.79
CA LEU A 168 -14.87 27.37 -18.80
C LEU A 168 -15.20 26.78 -17.43
N LEU A 169 -16.46 26.86 -17.01
CA LEU A 169 -16.85 26.21 -15.76
C LEU A 169 -16.67 24.71 -15.86
N SER A 170 -16.98 24.13 -17.01
CA SER A 170 -16.77 22.70 -17.20
C SER A 170 -15.30 22.34 -17.02
N PHE A 171 -14.41 23.20 -17.50
CA PHE A 171 -12.98 22.95 -17.31
C PHE A 171 -12.55 23.23 -15.88
N PHE A 172 -13.14 24.24 -15.25
CA PHE A 172 -12.77 24.55 -13.87
C PHE A 172 -13.15 23.43 -12.92
N PHE A 173 -14.24 22.73 -13.18
CA PHE A 173 -14.61 21.57 -12.37
C PHE A 173 -13.92 20.29 -12.83
N ALA A 174 -13.43 20.26 -14.06
CA ALA A 174 -12.69 19.08 -14.51
C ALA A 174 -11.35 18.97 -13.82
N VAL A 175 -10.65 20.10 -13.65
CA VAL A 175 -9.36 20.07 -12.98
C VAL A 175 -9.54 19.81 -11.49
N LEU A 176 -10.64 20.26 -10.90
CA LEU A 176 -10.92 19.92 -9.51
C LEU A 176 -11.19 18.43 -9.38
N HIS A 177 -12.00 17.88 -10.28
CA HIS A 177 -12.22 16.44 -10.30
C HIS A 177 -10.92 15.70 -10.58
N ALA A 178 -10.00 16.32 -11.30
CA ALA A 178 -8.71 15.71 -11.56
C ALA A 178 -7.84 15.66 -10.30
N ILE A 179 -7.76 16.77 -9.59
CA ILE A 179 -6.90 16.83 -8.41
C ILE A 179 -7.48 15.97 -7.29
N TYR A 180 -8.80 16.00 -7.11
CA TYR A 180 -9.42 15.15 -6.08
C TYR A 180 -9.15 13.69 -6.36
N SER A 181 -9.14 13.30 -7.64
CA SER A 181 -8.92 11.90 -7.97
C SER A 181 -7.48 11.49 -7.76
N LEU A 182 -6.53 12.37 -8.10
CA LEU A 182 -5.12 12.05 -7.90
C LEU A 182 -4.75 12.00 -6.42
N SER A 183 -5.59 12.55 -5.55
CA SER A 183 -5.32 12.55 -4.12
C SER A 183 -5.93 11.34 -3.42
N TYR A 184 -6.43 10.36 -4.15
CA TYR A 184 -6.98 9.16 -3.52
C TYR A 184 -5.92 8.36 -2.77
N PRO A 185 -4.80 7.97 -3.38
CA PRO A 185 -3.82 7.17 -2.63
C PRO A 185 -3.11 7.94 -1.53
N MET A 186 -3.33 9.25 -1.42
CA MET A 186 -2.66 10.03 -0.40
C MET A 186 -3.39 9.98 0.93
N ARG A 187 -4.69 9.75 0.91
CA ARG A 187 -5.50 9.79 2.12
C ARG A 187 -5.09 8.67 3.08
N ARG A 188 -5.50 8.82 4.34
CA ARG A 188 -5.27 7.78 5.34
C ARG A 188 -6.28 6.65 5.20
N SER A 189 -7.50 6.94 4.75
CA SER A 189 -8.48 5.88 4.56
C SER A 189 -8.00 4.86 3.55
N TYR A 190 -7.18 5.28 2.58
CA TYR A 190 -6.61 4.34 1.63
C TYR A 190 -5.49 3.53 2.24
N ARG A 191 -4.75 4.10 3.19
CA ARG A 191 -3.69 3.35 3.85
C ARG A 191 -4.26 2.27 4.74
N TYR A 192 -5.24 2.62 5.58
CA TYR A 192 -5.80 1.66 6.52
C TYR A 192 -6.57 0.55 5.81
N LYS A 193 -7.04 0.79 4.59
CA LYS A 193 -7.68 -0.28 3.83
C LYS A 193 -6.65 -1.18 3.16
N LEU A 194 -5.49 -0.64 2.79
CA LEU A 194 -4.43 -1.49 2.26
C LEU A 194 -3.89 -2.44 3.32
N LEU A 195 -3.76 -1.96 4.55
CA LEU A 195 -3.25 -2.82 5.60
C LEU A 195 -4.25 -3.89 6.00
N ASN A 196 -5.55 -3.57 5.92
CA ASN A 196 -6.57 -4.59 6.20
C ASN A 196 -6.60 -5.64 5.10
N TRP A 197 -6.55 -5.21 3.84
CA TRP A 197 -6.53 -6.17 2.74
C TRP A 197 -5.28 -7.04 2.80
N ALA A 198 -4.14 -6.45 3.13
CA ALA A 198 -2.91 -7.23 3.22
C ALA A 198 -2.99 -8.25 4.34
N TYR A 199 -3.63 -7.89 5.46
CA TYR A 199 -3.79 -8.83 6.55
C TYR A 199 -4.79 -9.93 6.18
N GLN A 200 -5.93 -9.55 5.62
CA GLN A 200 -6.95 -10.53 5.25
C GLN A 200 -6.47 -11.46 4.15
N GLN A 201 -5.50 -11.02 3.34
CA GLN A 201 -4.94 -11.91 2.33
C GLN A 201 -3.99 -12.93 2.95
N VAL A 202 -3.14 -12.48 3.88
CA VAL A 202 -2.28 -13.41 4.60
C VAL A 202 -3.11 -14.34 5.47
N GLN A 203 -4.24 -13.85 5.99
CA GLN A 203 -5.05 -14.65 6.88
C GLN A 203 -5.63 -15.86 6.16
N GLN A 204 -5.88 -15.74 4.86
CA GLN A 204 -6.49 -16.81 4.07
C GLN A 204 -5.53 -17.45 3.08
N ASN A 205 -4.23 -17.16 3.19
CA ASN A 205 -3.20 -17.83 2.41
C ASN A 205 -3.48 -17.75 0.91
N LYS A 206 -3.85 -16.55 0.45
CA LYS A 206 -4.18 -16.33 -0.94
C LYS A 206 -3.04 -15.58 -1.61
N GLU A 207 -2.15 -16.31 -2.27
CA GLU A 207 -1.14 -15.66 -3.08
C GLU A 207 -1.77 -15.09 -4.35
N ASP A 208 -1.07 -14.13 -4.95
CA ASP A 208 -1.44 -13.60 -6.27
C ASP A 208 -2.85 -13.02 -6.26
N ALA A 209 -3.02 -11.95 -5.50
CA ALA A 209 -4.29 -11.23 -5.45
C ALA A 209 -4.64 -10.52 -6.76
N TRP A 210 -3.87 -10.74 -7.81
CA TRP A 210 -4.10 -10.06 -9.08
C TRP A 210 -5.42 -10.48 -9.70
N ILE A 211 -6.13 -9.49 -10.26
CA ILE A 211 -7.37 -9.73 -10.99
C ILE A 211 -7.23 -9.07 -12.35
N GLU A 212 -7.22 -9.88 -13.41
CA GLU A 212 -6.82 -9.38 -14.72
C GLU A 212 -7.82 -8.37 -15.27
N HIS A 213 -9.10 -8.73 -15.33
CA HIS A 213 -10.09 -7.86 -15.96
C HIS A 213 -10.29 -6.57 -15.17
N ASP A 214 -9.99 -6.56 -13.88
CA ASP A 214 -10.12 -5.33 -13.11
C ASP A 214 -8.96 -4.37 -13.38
N VAL A 215 -7.77 -4.90 -13.65
CA VAL A 215 -6.65 -4.04 -14.01
C VAL A 215 -6.89 -3.42 -15.38
N TRP A 216 -7.44 -4.20 -16.32
CA TRP A 216 -7.79 -3.66 -17.62
C TRP A 216 -8.69 -2.45 -17.50
N ARG A 217 -9.68 -2.51 -16.61
CA ARG A 217 -10.62 -1.42 -16.45
C ARG A 217 -9.92 -0.15 -15.99
N MET A 218 -9.09 -0.26 -14.95
CA MET A 218 -8.51 0.92 -14.33
C MET A 218 -7.51 1.61 -15.26
N GLU A 219 -6.74 0.83 -16.02
CA GLU A 219 -5.74 1.44 -16.90
C GLU A 219 -6.39 2.25 -18.01
N ILE A 220 -7.58 1.84 -18.46
CA ILE A 220 -8.19 2.47 -19.62
C ILE A 220 -8.87 3.77 -19.25
N TYR A 221 -9.81 3.72 -18.31
CA TYR A 221 -10.59 4.93 -18.02
C TYR A 221 -9.76 6.00 -17.34
N VAL A 222 -8.64 5.64 -16.71
CA VAL A 222 -7.75 6.67 -16.19
C VAL A 222 -6.97 7.31 -17.33
N SER A 223 -6.53 6.51 -18.30
CA SER A 223 -5.81 7.05 -19.43
C SER A 223 -6.70 7.92 -20.31
N LEU A 224 -7.96 7.51 -20.49
CA LEU A 224 -8.88 8.31 -21.29
C LEU A 224 -9.25 9.61 -20.58
N GLY A 225 -9.35 9.58 -19.25
CA GLY A 225 -9.68 10.78 -18.53
C GLY A 225 -8.61 11.84 -18.59
N ILE A 226 -7.34 11.42 -18.73
CA ILE A 226 -6.25 12.39 -18.78
C ILE A 226 -6.19 13.05 -20.14
N VAL A 227 -6.27 12.26 -21.22
CA VAL A 227 -6.29 12.85 -22.55
C VAL A 227 -7.59 13.61 -22.80
N GLY A 228 -8.67 13.24 -22.09
CA GLY A 228 -9.88 14.03 -22.17
C GLY A 228 -9.76 15.37 -21.47
N LEU A 229 -8.94 15.43 -20.43
CA LEU A 229 -8.69 16.70 -19.75
C LEU A 229 -7.69 17.56 -20.52
N ALA A 230 -6.73 16.93 -21.19
CA ALA A 230 -5.76 17.69 -21.97
C ALA A 230 -6.43 18.46 -23.10
N ILE A 231 -7.44 17.85 -23.73
CA ILE A 231 -8.14 18.52 -24.82
C ILE A 231 -8.95 19.69 -24.28
N LEU A 232 -9.56 19.53 -23.10
CA LEU A 232 -10.24 20.64 -22.47
C LEU A 232 -9.29 21.80 -22.19
N ALA A 233 -8.04 21.50 -21.85
CA ALA A 233 -7.07 22.56 -21.61
C ALA A 233 -6.82 23.38 -22.86
N LEU A 234 -6.92 22.76 -24.03
CA LEU A 234 -6.79 23.51 -25.28
C LEU A 234 -7.98 24.44 -25.49
N LEU A 235 -9.18 23.99 -25.10
CA LEU A 235 -10.35 24.86 -25.20
C LEU A 235 -10.24 26.01 -24.22
N ALA A 236 -9.66 25.77 -23.04
CA ALA A 236 -9.56 26.84 -22.04
C ALA A 236 -8.49 27.84 -22.41
N VAL A 237 -7.36 27.38 -22.93
CA VAL A 237 -6.27 28.29 -23.23
C VAL A 237 -6.61 29.16 -24.43
N THR A 238 -7.44 28.67 -25.34
CA THR A 238 -7.89 29.48 -26.46
C THR A 238 -9.01 30.43 -26.09
N SER A 239 -9.46 30.41 -24.84
CA SER A 239 -10.46 31.35 -24.37
C SER A 239 -9.85 32.65 -23.84
N ILE A 240 -8.54 32.70 -23.67
CA ILE A 240 -7.88 33.94 -23.26
C ILE A 240 -8.06 34.98 -24.35
N PRO A 241 -8.53 36.19 -24.04
CA PRO A 241 -8.83 37.16 -25.10
C PRO A 241 -7.65 37.52 -25.97
N SER A 242 -6.43 37.50 -25.42
CA SER A 242 -5.26 37.79 -26.25
C SER A 242 -4.96 36.63 -27.19
N VAL A 243 -5.12 35.39 -26.70
CA VAL A 243 -4.91 34.22 -27.55
C VAL A 243 -6.09 34.02 -28.47
N SER A 244 -7.31 34.29 -27.99
CA SER A 244 -8.49 34.14 -28.82
C SER A 244 -8.48 35.13 -29.98
N ASP A 245 -8.12 36.38 -29.71
CA ASP A 245 -8.04 37.37 -30.78
C ASP A 245 -6.68 37.31 -31.45
N SER A 246 -6.24 36.10 -31.77
CA SER A 246 -5.01 35.91 -32.53
C SER A 246 -5.15 34.83 -33.59
N LEU A 247 -6.32 34.26 -33.79
CA LEU A 247 -6.54 33.17 -34.73
C LEU A 247 -7.71 33.52 -35.63
N THR A 248 -7.60 33.16 -36.91
CA THR A 248 -8.70 33.36 -37.82
C THR A 248 -9.89 32.50 -37.40
N TRP A 249 -11.07 32.89 -37.87
CA TRP A 249 -12.30 32.23 -37.43
C TRP A 249 -12.29 30.74 -37.77
N ARG A 250 -11.66 30.36 -38.89
CA ARG A 250 -11.61 28.95 -39.26
C ARG A 250 -10.80 28.15 -38.24
N GLU A 251 -9.70 28.72 -37.74
CA GLU A 251 -8.90 28.04 -36.73
C GLU A 251 -9.63 27.98 -35.40
N PHE A 252 -10.20 29.10 -34.97
CA PHE A 252 -10.91 29.14 -33.69
C PHE A 252 -12.10 28.18 -33.71
N HIS A 253 -12.88 28.21 -34.78
CA HIS A 253 -14.00 27.29 -34.89
C HIS A 253 -13.55 25.84 -34.97
N TYR A 254 -12.34 25.60 -35.48
CA TYR A 254 -11.84 24.24 -35.56
C TYR A 254 -11.54 23.67 -34.18
N ILE A 255 -11.09 24.51 -33.25
CA ILE A 255 -10.76 24.03 -31.92
C ILE A 255 -12.01 23.87 -31.08
N GLN A 256 -12.86 24.91 -31.05
CA GLN A 256 -14.03 24.89 -30.18
C GLN A 256 -15.05 23.84 -30.60
N SER A 257 -15.08 23.45 -31.87
CA SER A 257 -16.08 22.52 -32.36
C SER A 257 -15.52 21.13 -32.63
N LYS A 258 -14.48 21.02 -33.46
CA LYS A 258 -13.95 19.70 -33.78
C LYS A 258 -13.28 19.06 -32.58
N LEU A 259 -12.24 19.70 -32.05
CA LEU A 259 -11.58 19.18 -30.85
C LEU A 259 -12.46 19.27 -29.62
N GLY A 260 -13.43 20.19 -29.60
CA GLY A 260 -14.27 20.33 -28.43
C GLY A 260 -15.16 19.12 -28.21
N ILE A 261 -15.80 18.64 -29.28
CA ILE A 261 -16.68 17.50 -29.17
C ILE A 261 -15.91 16.21 -28.88
N VAL A 262 -14.63 16.18 -29.23
CA VAL A 262 -13.81 15.00 -28.92
C VAL A 262 -13.62 14.86 -27.42
N SER A 263 -13.40 15.97 -26.73
CA SER A 263 -13.26 15.92 -25.28
C SER A 263 -14.53 15.43 -24.61
N LEU A 264 -15.69 15.78 -25.17
CA LEU A 264 -16.94 15.23 -24.64
C LEU A 264 -17.04 13.74 -24.89
N LEU A 265 -16.53 13.28 -26.03
CA LEU A 265 -16.53 11.86 -26.32
C LEU A 265 -15.60 11.10 -25.38
N LEU A 266 -14.38 11.60 -25.20
CA LEU A 266 -13.46 10.97 -24.26
C LEU A 266 -13.93 11.11 -22.82
N GLY A 267 -14.73 12.13 -22.51
CA GLY A 267 -15.21 12.29 -21.16
C GLY A 267 -16.27 11.26 -20.79
N THR A 268 -17.19 10.98 -21.72
CA THR A 268 -18.25 10.03 -21.41
C THR A 268 -17.76 8.58 -21.48
N ILE A 269 -16.81 8.28 -22.38
CA ILE A 269 -16.22 6.95 -22.38
C ILE A 269 -15.40 6.74 -21.12
N HIS A 270 -14.74 7.81 -20.63
CA HIS A 270 -14.04 7.73 -19.35
C HIS A 270 -14.97 7.32 -18.22
N ALA A 271 -16.26 7.65 -18.33
CA ALA A 271 -17.23 7.28 -17.31
C ALA A 271 -17.88 5.93 -17.57
N LEU A 272 -18.04 5.55 -18.84
CA LEU A 272 -18.62 4.25 -19.15
C LEU A 272 -17.66 3.12 -18.80
N ILE A 273 -16.40 3.25 -19.20
CA ILE A 273 -15.39 2.25 -18.85
C ILE A 273 -15.26 2.14 -17.34
N PHE A 274 -15.45 3.26 -16.62
CA PHE A 274 -15.47 3.19 -15.16
C PHE A 274 -16.59 2.29 -14.66
N ALA A 275 -17.72 2.27 -15.36
CA ALA A 275 -18.82 1.37 -15.03
C ALA A 275 -18.73 0.13 -15.92
N TRP A 276 -17.70 -0.67 -15.65
CA TRP A 276 -17.44 -1.86 -16.45
C TRP A 276 -18.62 -2.81 -16.43
N ASN A 277 -19.11 -3.14 -15.23
CA ASN A 277 -20.24 -4.05 -15.10
C ASN A 277 -21.21 -3.59 -14.03
N LYS A 278 -21.12 -2.35 -13.58
CA LYS A 278 -22.03 -1.82 -12.57
C LYS A 278 -23.43 -1.56 -13.12
N TRP A 279 -23.65 -1.72 -14.42
CA TRP A 279 -24.98 -1.54 -14.97
C TRP A 279 -25.92 -2.65 -14.51
N ILE A 280 -25.49 -3.91 -14.68
CA ILE A 280 -26.34 -5.03 -14.35
C ILE A 280 -26.46 -5.25 -12.85
N ASP A 281 -25.54 -4.70 -12.06
CA ASP A 281 -25.57 -4.91 -10.63
C ASP A 281 -26.76 -4.18 -10.00
N ILE A 282 -27.45 -4.86 -9.09
CA ILE A 282 -28.59 -4.27 -8.41
C ILE A 282 -28.18 -3.61 -7.09
N LYS A 283 -27.00 -3.94 -6.56
CA LYS A 283 -26.53 -3.32 -5.32
C LYS A 283 -26.33 -1.82 -5.48
N GLN A 284 -26.17 -1.33 -6.71
CA GLN A 284 -25.97 0.11 -6.92
C GLN A 284 -27.21 0.90 -6.54
N PHE A 285 -28.39 0.38 -6.84
CA PHE A 285 -29.64 1.08 -6.54
C PHE A 285 -29.92 0.99 -5.05
N VAL A 286 -29.83 2.12 -4.36
CA VAL A 286 -29.96 2.12 -2.90
C VAL A 286 -31.39 1.79 -2.49
N TRP A 287 -32.34 2.64 -2.87
CA TRP A 287 -33.75 2.31 -2.69
C TRP A 287 -34.44 2.06 -4.03
N TYR A 288 -34.48 3.07 -4.90
CA TYR A 288 -34.82 2.87 -6.29
C TYR A 288 -34.04 3.78 -7.22
N THR A 289 -33.20 4.66 -6.70
CA THR A 289 -32.50 5.62 -7.50
C THR A 289 -31.35 4.96 -8.25
N PRO A 290 -31.08 5.39 -9.48
CA PRO A 290 -29.96 4.83 -10.23
C PRO A 290 -28.64 5.33 -9.67
N PRO A 291 -27.54 4.65 -9.95
CA PRO A 291 -26.23 5.17 -9.52
C PRO A 291 -25.94 6.52 -10.17
N THR A 292 -25.07 7.28 -9.51
CA THR A 292 -24.86 8.66 -9.91
C THR A 292 -24.26 8.79 -11.31
N PHE A 293 -23.53 7.77 -11.77
CA PHE A 293 -22.93 7.87 -13.10
C PHE A 293 -23.95 7.69 -14.21
N MET A 294 -25.04 6.96 -13.95
CA MET A 294 -26.05 6.78 -14.98
C MET A 294 -26.74 8.10 -15.31
N ILE A 295 -26.94 8.96 -14.30
CA ILE A 295 -27.53 10.26 -14.57
C ILE A 295 -26.50 11.18 -15.21
N ALA A 296 -25.21 10.98 -14.93
CA ALA A 296 -24.18 11.86 -15.48
C ALA A 296 -24.04 11.66 -16.98
N VAL A 297 -23.88 10.40 -17.41
CA VAL A 297 -23.63 10.11 -18.83
C VAL A 297 -24.88 10.17 -19.68
N PHE A 298 -26.04 10.42 -19.09
CA PHE A 298 -27.28 10.43 -19.87
C PHE A 298 -27.28 11.57 -20.88
N LEU A 299 -27.02 12.79 -20.43
CA LEU A 299 -27.08 13.94 -21.34
C LEU A 299 -25.99 13.90 -22.40
N PRO A 300 -24.72 13.63 -22.08
CA PRO A 300 -23.71 13.58 -23.15
C PRO A 300 -23.99 12.52 -24.19
N ILE A 301 -24.55 11.38 -23.81
CA ILE A 301 -24.87 10.35 -24.79
C ILE A 301 -25.94 10.84 -25.76
N VAL A 302 -26.92 11.58 -25.24
CA VAL A 302 -27.95 12.15 -26.11
C VAL A 302 -27.33 13.15 -27.09
N VAL A 303 -26.42 14.00 -26.61
CA VAL A 303 -25.81 14.99 -27.47
C VAL A 303 -24.93 14.33 -28.52
N LEU A 304 -24.23 13.26 -28.15
CA LEU A 304 -23.30 12.64 -29.08
C LEU A 304 -24.02 11.92 -30.22
N ILE A 305 -25.10 11.21 -29.91
CA ILE A 305 -25.78 10.46 -30.96
C ILE A 305 -26.48 11.42 -31.92
N PHE A 306 -27.01 12.54 -31.43
CA PHE A 306 -27.63 13.51 -32.32
C PHE A 306 -26.61 14.23 -33.18
N LYS A 307 -25.40 14.46 -32.64
CA LYS A 307 -24.32 14.99 -33.47
C LYS A 307 -23.94 13.98 -34.54
N SER A 308 -24.06 12.69 -34.26
CA SER A 308 -23.75 11.68 -35.26
C SER A 308 -24.86 11.57 -36.30
N ILE A 309 -26.12 11.67 -35.86
CA ILE A 309 -27.23 11.63 -36.81
C ILE A 309 -27.13 12.80 -37.78
N LEU A 310 -26.83 13.99 -37.27
CA LEU A 310 -26.67 15.15 -38.13
C LEU A 310 -25.46 15.03 -39.04
N PHE A 311 -24.45 14.25 -38.65
CA PHE A 311 -23.29 14.05 -39.50
C PHE A 311 -23.60 13.18 -40.71
N LEU A 312 -24.61 12.32 -40.61
CA LEU A 312 -25.07 11.57 -41.76
C LEU A 312 -25.63 12.53 -42.82
N PRO A 313 -25.66 12.11 -44.09
CA PRO A 313 -26.19 12.99 -45.14
C PRO A 313 -27.59 13.48 -44.84
N CYS A 314 -27.73 14.77 -44.60
CA CYS A 314 -29.00 15.37 -44.21
C CYS A 314 -28.92 16.88 -44.27
N ASP B 1 -8.46 -17.12 18.93
CA ASP B 1 -9.80 -17.52 18.51
C ASP B 1 -10.88 -16.74 19.26
N ILE B 2 -11.76 -16.10 18.51
CA ILE B 2 -12.86 -15.36 19.13
C ILE B 2 -13.82 -16.33 19.76
N VAL B 3 -14.04 -16.18 21.07
CA VAL B 3 -14.89 -17.09 21.82
C VAL B 3 -16.32 -16.54 21.80
N MET B 4 -17.23 -17.28 21.18
CA MET B 4 -18.64 -16.92 21.18
C MET B 4 -19.34 -17.57 22.35
N SER B 5 -20.26 -16.84 22.97
CA SER B 5 -20.97 -17.32 24.15
C SER B 5 -22.43 -16.94 24.04
N GLN B 6 -23.30 -17.94 23.97
CA GLN B 6 -24.74 -17.72 23.94
C GLN B 6 -25.30 -17.76 25.35
N SER B 7 -26.12 -16.76 25.71
CA SER B 7 -26.56 -16.65 27.09
C SER B 7 -27.52 -17.76 27.48
N PRO B 8 -28.68 -17.94 26.83
CA PRO B 8 -29.57 -19.02 27.26
C PRO B 8 -29.16 -20.33 26.58
N SER B 9 -28.74 -21.30 27.39
CA SER B 9 -28.36 -22.59 26.83
C SER B 9 -29.57 -23.34 26.29
N SER B 10 -30.70 -23.24 26.99
CA SER B 10 -31.93 -23.88 26.54
C SER B 10 -33.10 -23.19 27.23
N LEU B 11 -33.97 -22.56 26.45
CA LEU B 11 -35.11 -21.83 27.00
C LEU B 11 -36.39 -22.32 26.34
N ALA B 12 -37.45 -22.43 27.14
CA ALA B 12 -38.74 -22.89 26.68
C ALA B 12 -39.65 -21.70 26.36
N VAL B 13 -40.64 -21.95 25.50
CA VAL B 13 -41.57 -20.91 25.08
C VAL B 13 -42.78 -21.60 24.49
N SER B 14 -43.91 -20.89 24.48
CA SER B 14 -45.15 -21.39 23.88
C SER B 14 -45.32 -20.82 22.49
N VAL B 15 -46.22 -21.45 21.72
CA VAL B 15 -46.48 -21.01 20.36
C VAL B 15 -47.11 -19.62 20.39
N GLY B 16 -46.64 -18.75 19.50
CA GLY B 16 -47.13 -17.39 19.45
C GLY B 16 -46.68 -16.56 20.64
N GLU B 17 -45.37 -16.36 20.76
CA GLU B 17 -44.81 -15.61 21.86
C GLU B 17 -43.41 -15.13 21.47
N LYS B 18 -43.08 -13.90 21.86
CA LYS B 18 -41.78 -13.33 21.54
C LYS B 18 -40.69 -14.01 22.36
N VAL B 19 -39.54 -14.24 21.72
CA VAL B 19 -38.39 -14.86 22.37
C VAL B 19 -37.13 -14.22 21.83
N THR B 20 -36.11 -14.14 22.68
CA THR B 20 -34.84 -13.53 22.33
C THR B 20 -33.69 -14.45 22.72
N MET B 21 -32.66 -14.48 21.90
CA MET B 21 -31.46 -15.27 22.15
C MET B 21 -30.24 -14.36 22.02
N SER B 22 -29.36 -14.41 23.00
CA SER B 22 -28.19 -13.55 23.03
C SER B 22 -26.95 -14.33 22.59
N CYS B 23 -25.97 -13.57 22.08
CA CYS B 23 -24.69 -14.13 21.62
C CYS B 23 -23.60 -13.15 22.02
N LYS B 24 -23.02 -13.37 23.19
CA LYS B 24 -21.96 -12.51 23.70
C LYS B 24 -20.63 -12.92 23.10
N SER B 25 -19.95 -11.97 22.47
CA SER B 25 -18.69 -12.24 21.79
C SER B 25 -17.51 -11.93 22.70
N SER B 26 -16.32 -12.39 22.27
CA SER B 26 -15.10 -12.12 23.01
C SER B 26 -14.58 -10.72 22.70
N GLN B 27 -14.26 -10.46 21.44
CA GLN B 27 -13.86 -9.14 20.98
C GLN B 27 -14.88 -8.63 19.98
N SER B 28 -14.72 -7.36 19.60
CA SER B 28 -15.68 -6.73 18.71
C SER B 28 -15.62 -7.36 17.33
N LEU B 29 -16.80 -7.63 16.75
CA LEU B 29 -16.91 -8.19 15.41
C LEU B 29 -17.19 -7.12 14.37
N LEU B 30 -16.96 -5.85 14.70
CA LEU B 30 -17.29 -4.73 13.83
C LEU B 30 -16.03 -4.25 13.11
N TYR B 31 -16.03 -4.38 11.79
CA TYR B 31 -14.97 -3.78 10.99
C TYR B 31 -15.24 -2.29 10.85
N ARG B 32 -14.34 -1.47 11.40
CA ARG B 32 -14.56 -0.03 11.36
C ARG B 32 -14.41 0.56 9.98
N SER B 33 -13.81 -0.19 9.05
CA SER B 33 -13.72 0.29 7.66
C SER B 33 -15.12 0.44 7.07
N ASN B 34 -15.83 -0.67 6.92
CA ASN B 34 -17.23 -0.67 6.56
C ASN B 34 -18.00 -1.19 7.76
N GLN B 35 -18.80 -0.33 8.39
CA GLN B 35 -19.31 -0.64 9.72
C GLN B 35 -20.35 -1.73 9.67
N LYS B 36 -19.94 -2.95 9.35
CA LYS B 36 -20.80 -4.11 9.33
C LYS B 36 -20.29 -5.14 10.34
N ASN B 37 -21.19 -5.61 11.20
CA ASN B 37 -20.84 -6.65 12.16
C ASN B 37 -20.87 -8.00 11.45
N TYR B 38 -19.79 -8.76 11.59
CA TYR B 38 -19.63 -10.02 10.89
C TYR B 38 -20.04 -11.15 11.82
N LEU B 39 -21.34 -11.43 11.86
CA LEU B 39 -21.88 -12.48 12.70
C LEU B 39 -23.14 -13.03 12.03
N ALA B 40 -23.26 -14.35 12.00
CA ALA B 40 -24.39 -15.01 11.36
C ALA B 40 -25.14 -15.85 12.37
N TRP B 41 -26.39 -16.16 12.04
CA TRP B 41 -27.25 -17.01 12.87
C TRP B 41 -27.73 -18.18 12.04
N TYR B 42 -27.54 -19.39 12.54
CA TYR B 42 -27.97 -20.60 11.87
C TYR B 42 -29.08 -21.27 12.65
N GLN B 43 -29.80 -22.16 11.96
CA GLN B 43 -30.91 -22.89 12.56
C GLN B 43 -30.82 -24.33 12.10
N GLN B 44 -30.62 -25.24 13.04
CA GLN B 44 -30.48 -26.67 12.72
C GLN B 44 -31.72 -27.40 13.22
N LYS B 45 -32.63 -27.71 12.29
CA LYS B 45 -33.77 -28.53 12.62
C LYS B 45 -33.31 -29.90 13.11
N PRO B 46 -34.16 -30.62 13.85
CA PRO B 46 -33.78 -31.96 14.31
C PRO B 46 -33.43 -32.90 13.15
N GLY B 47 -32.17 -33.31 13.07
CA GLY B 47 -31.73 -34.22 12.03
C GLY B 47 -31.61 -33.59 10.67
N GLN B 48 -31.12 -32.35 10.58
CA GLN B 48 -30.91 -31.68 9.32
C GLN B 48 -29.62 -30.88 9.37
N SER B 49 -29.24 -30.34 8.23
CA SER B 49 -28.06 -29.49 8.17
C SER B 49 -28.42 -28.06 8.59
N PRO B 50 -27.51 -27.37 9.26
CA PRO B 50 -27.79 -25.99 9.66
C PRO B 50 -27.98 -25.10 8.44
N LYS B 51 -29.07 -24.34 8.45
CA LYS B 51 -29.38 -23.41 7.38
C LYS B 51 -29.23 -21.98 7.88
N LEU B 52 -28.77 -21.10 7.00
CA LEU B 52 -28.52 -19.71 7.39
C LEU B 52 -29.83 -18.96 7.54
N LEU B 53 -29.90 -18.13 8.58
CA LEU B 53 -31.06 -17.27 8.82
C LEU B 53 -30.72 -15.80 8.62
N ILE B 54 -29.71 -15.31 9.32
CA ILE B 54 -29.36 -13.89 9.30
C ILE B 54 -27.85 -13.78 9.18
N TYR B 55 -27.39 -13.02 8.20
CA TYR B 55 -25.97 -12.71 8.07
C TYR B 55 -25.76 -11.21 8.25
N TRP B 56 -24.53 -10.85 8.63
CA TRP B 56 -24.17 -9.49 9.02
C TRP B 56 -25.01 -8.98 10.19
N ALA B 57 -25.60 -9.90 10.94
CA ALA B 57 -26.25 -9.64 12.22
C ALA B 57 -27.57 -8.88 12.07
N SER B 58 -27.89 -8.42 10.87
CA SER B 58 -29.15 -7.71 10.68
C SER B 58 -29.94 -8.09 9.44
N THR B 59 -29.33 -8.65 8.40
CA THR B 59 -30.00 -8.91 7.14
C THR B 59 -30.46 -10.35 7.09
N ARG B 60 -31.74 -10.56 6.79
CA ARG B 60 -32.27 -11.91 6.67
C ARG B 60 -31.83 -12.55 5.35
N GLU B 61 -31.62 -13.86 5.41
CA GLU B 61 -31.31 -14.61 4.20
C GLU B 61 -32.57 -14.71 3.33
N SER B 62 -32.35 -14.72 2.02
CA SER B 62 -33.45 -14.83 1.08
C SER B 62 -34.22 -16.13 1.32
N GLY B 63 -35.49 -16.00 1.66
CA GLY B 63 -36.33 -17.15 1.96
C GLY B 63 -36.56 -17.42 3.43
N VAL B 64 -36.26 -16.46 4.30
CA VAL B 64 -36.45 -16.62 5.74
C VAL B 64 -37.69 -15.86 6.15
N PRO B 65 -38.55 -16.43 6.99
CA PRO B 65 -39.74 -15.71 7.45
C PRO B 65 -39.38 -14.39 8.11
N ASP B 66 -40.33 -13.45 8.07
CA ASP B 66 -40.10 -12.10 8.58
C ASP B 66 -40.01 -12.06 10.11
N ARG B 67 -40.45 -13.11 10.80
CA ARG B 67 -40.47 -13.07 12.26
C ARG B 67 -39.09 -13.14 12.88
N PHE B 68 -38.05 -13.45 12.10
CA PHE B 68 -36.69 -13.49 12.61
C PHE B 68 -36.04 -12.13 12.40
N THR B 69 -35.59 -11.50 13.49
CA THR B 69 -34.94 -10.20 13.41
C THR B 69 -33.73 -10.20 14.33
N GLY B 70 -32.55 -9.99 13.75
CA GLY B 70 -31.33 -9.91 14.50
C GLY B 70 -30.89 -8.46 14.67
N SER B 71 -30.31 -8.17 15.83
CA SER B 71 -29.88 -6.81 16.15
C SER B 71 -28.60 -6.90 16.96
N GLY B 72 -28.13 -5.75 17.43
CA GLY B 72 -26.92 -5.67 18.22
C GLY B 72 -25.72 -5.25 17.38
N SER B 73 -24.67 -4.83 18.07
CA SER B 73 -23.44 -4.41 17.41
C SER B 73 -22.31 -4.44 18.41
N GLY B 74 -21.11 -4.73 17.92
CA GLY B 74 -19.94 -4.79 18.77
C GLY B 74 -19.69 -6.18 19.32
N THR B 75 -20.07 -6.41 20.56
CA THR B 75 -19.84 -7.68 21.22
C THR B 75 -21.11 -8.35 21.74
N ASP B 76 -22.26 -7.69 21.62
CA ASP B 76 -23.53 -8.22 22.11
C ASP B 76 -24.53 -8.23 20.96
N PHE B 77 -24.95 -9.42 20.55
CA PHE B 77 -25.90 -9.58 19.47
C PHE B 77 -27.09 -10.39 19.97
N THR B 78 -28.25 -10.14 19.39
CA THR B 78 -29.48 -10.80 19.80
C THR B 78 -30.27 -11.23 18.59
N LEU B 79 -30.84 -12.43 18.66
CA LEU B 79 -31.76 -12.95 17.66
C LEU B 79 -33.14 -13.01 18.28
N THR B 80 -34.10 -12.32 17.67
CA THR B 80 -35.45 -12.23 18.21
C THR B 80 -36.44 -12.87 17.26
N ILE B 81 -37.38 -13.62 17.82
CA ILE B 81 -38.48 -14.22 17.08
C ILE B 81 -39.76 -13.58 17.59
N SER B 82 -40.49 -12.91 16.69
CA SER B 82 -41.68 -12.18 17.11
C SER B 82 -42.77 -13.13 17.60
N SER B 83 -43.08 -14.15 16.80
CA SER B 83 -44.13 -15.11 17.15
C SER B 83 -43.59 -16.51 16.87
N VAL B 84 -43.27 -17.25 17.93
CA VAL B 84 -42.76 -18.60 17.77
C VAL B 84 -43.85 -19.50 17.21
N LYS B 85 -43.54 -20.20 16.13
CA LYS B 85 -44.44 -21.17 15.53
C LYS B 85 -43.98 -22.58 15.85
N ALA B 86 -44.74 -23.56 15.37
CA ALA B 86 -44.43 -24.95 15.68
C ALA B 86 -43.16 -25.42 14.99
N GLU B 87 -42.87 -24.91 13.80
CA GLU B 87 -41.69 -25.34 13.06
C GLU B 87 -40.42 -24.62 13.48
N ASP B 88 -40.49 -23.71 14.43
CA ASP B 88 -39.31 -22.99 14.92
C ASP B 88 -38.61 -23.73 16.05
N LEU B 89 -38.86 -25.02 16.20
CA LEU B 89 -38.22 -25.84 17.23
C LEU B 89 -36.92 -26.37 16.65
N ALA B 90 -35.81 -25.76 17.03
CA ALA B 90 -34.50 -26.14 16.50
C ALA B 90 -33.43 -25.57 17.41
N VAL B 91 -32.18 -25.85 17.07
CA VAL B 91 -31.01 -25.30 17.77
C VAL B 91 -30.47 -24.15 16.95
N TYR B 92 -30.25 -23.02 17.59
CA TYR B 92 -29.80 -21.81 16.92
C TYR B 92 -28.37 -21.50 17.31
N TYR B 93 -27.48 -21.50 16.32
CA TYR B 93 -26.07 -21.19 16.52
C TYR B 93 -25.76 -19.80 16.01
N CYS B 94 -24.82 -19.13 16.67
CA CYS B 94 -24.26 -17.89 16.18
C CYS B 94 -22.79 -18.10 15.91
N GLN B 95 -22.37 -17.81 14.69
CA GLN B 95 -20.96 -17.89 14.31
C GLN B 95 -20.45 -16.51 13.94
N GLN B 96 -19.14 -16.36 13.96
CA GLN B 96 -18.48 -15.15 13.53
C GLN B 96 -17.56 -15.46 12.37
N TYR B 97 -17.53 -14.59 11.38
CA TYR B 97 -16.55 -14.66 10.30
C TYR B 97 -15.73 -13.38 10.24
N TYR B 98 -15.48 -12.79 11.40
CA TYR B 98 -14.65 -11.59 11.47
C TYR B 98 -13.21 -11.90 11.05
N ASN B 99 -12.72 -13.09 11.37
CA ASN B 99 -11.37 -13.49 11.00
C ASN B 99 -11.32 -15.02 11.00
N TYR B 100 -10.12 -15.56 10.87
CA TYR B 100 -9.93 -17.00 10.91
C TYR B 100 -9.25 -17.40 12.21
N PRO B 101 -9.62 -18.54 12.80
CA PRO B 101 -10.64 -19.47 12.31
C PRO B 101 -12.05 -19.06 12.71
N ARG B 102 -13.04 -19.50 11.93
CA ARG B 102 -14.43 -19.26 12.31
C ARG B 102 -14.76 -20.03 13.57
N THR B 103 -15.57 -19.43 14.44
CA THR B 103 -15.98 -20.07 15.69
C THR B 103 -17.48 -19.96 15.84
N PHE B 104 -18.09 -21.04 16.30
CA PHE B 104 -19.53 -21.10 16.53
C PHE B 104 -19.84 -20.97 18.02
N GLY B 105 -21.08 -20.63 18.29
CA GLY B 105 -21.53 -20.57 19.67
C GLY B 105 -21.88 -21.94 20.21
N GLY B 106 -22.20 -21.97 21.51
CA GLY B 106 -22.58 -23.23 22.13
C GLY B 106 -23.91 -23.77 21.67
N GLY B 107 -24.73 -22.94 21.03
CA GLY B 107 -26.04 -23.37 20.58
C GLY B 107 -27.11 -23.14 21.61
N THR B 108 -28.27 -22.64 21.16
CA THR B 108 -29.40 -22.38 22.05
C THR B 108 -30.56 -23.26 21.59
N LYS B 109 -30.89 -24.27 22.38
CA LYS B 109 -31.98 -25.18 22.04
C LYS B 109 -33.30 -24.54 22.43
N LEU B 110 -34.21 -24.44 21.47
CA LEU B 110 -35.52 -23.85 21.68
C LEU B 110 -36.54 -24.98 21.83
N GLU B 111 -37.18 -25.03 23.00
CA GLU B 111 -38.15 -26.07 23.32
C GLU B 111 -39.55 -25.47 23.35
N ILE B 112 -40.42 -25.90 22.46
CA ILE B 112 -41.78 -25.41 22.42
C ILE B 112 -42.57 -26.02 23.56
N LYS B 113 -43.42 -25.20 24.18
CA LYS B 113 -44.20 -25.63 25.33
C LYS B 113 -45.69 -25.51 25.07
N VAL C 2 -27.91 -25.90 -6.95
CA VAL C 2 -26.70 -26.59 -6.55
C VAL C 2 -27.02 -27.70 -5.55
N GLN C 3 -26.49 -28.89 -5.81
CA GLN C 3 -26.72 -30.05 -4.96
C GLN C 3 -25.36 -30.65 -4.60
N VAL C 4 -25.01 -30.61 -3.32
CA VAL C 4 -23.74 -31.13 -2.83
C VAL C 4 -24.03 -32.36 -1.97
N GLN C 5 -23.10 -33.31 -1.97
CA GLN C 5 -23.27 -34.56 -1.26
C GLN C 5 -21.92 -35.05 -0.76
N GLU C 6 -21.86 -35.36 0.54
CA GLU C 6 -20.63 -35.88 1.13
C GLU C 6 -20.56 -37.39 0.93
N SER C 7 -19.35 -37.92 1.11
CA SER C 7 -19.11 -39.35 0.96
C SER C 7 -17.97 -39.73 1.89
N GLY C 8 -17.40 -40.91 1.69
CA GLY C 8 -16.29 -41.36 2.49
C GLY C 8 -16.64 -42.55 3.36
N PRO C 9 -15.67 -43.05 4.11
CA PRO C 9 -15.93 -44.21 4.98
C PRO C 9 -16.88 -43.85 6.10
N GLY C 10 -17.35 -44.89 6.79
CA GLY C 10 -18.21 -44.71 7.94
C GLY C 10 -17.54 -45.16 9.22
N LEU C 11 -16.65 -46.14 9.12
CA LEU C 11 -15.94 -46.67 10.26
C LEU C 11 -14.47 -46.83 9.88
N VAL C 12 -13.59 -46.29 10.71
CA VAL C 12 -12.14 -46.37 10.49
C VAL C 12 -11.48 -46.80 11.78
N LYS C 13 -10.28 -47.32 11.65
CA LYS C 13 -9.54 -47.69 12.84
C LYS C 13 -8.76 -46.49 13.38
N PRO C 14 -8.57 -46.41 14.69
CA PRO C 14 -7.79 -45.30 15.24
C PRO C 14 -6.35 -45.33 14.74
N SER C 15 -5.71 -44.15 14.80
CA SER C 15 -4.34 -43.96 14.32
C SER C 15 -4.21 -44.34 12.85
N GLN C 16 -5.23 -44.03 12.07
CA GLN C 16 -5.25 -44.27 10.63
C GLN C 16 -5.51 -42.94 9.91
N SER C 17 -5.62 -43.01 8.59
CA SER C 17 -5.83 -41.84 7.75
C SER C 17 -7.08 -42.06 6.91
N LEU C 18 -8.02 -41.12 6.98
CA LEU C 18 -9.24 -41.19 6.21
C LEU C 18 -9.19 -40.21 5.06
N SER C 19 -10.26 -40.19 4.26
CA SER C 19 -10.37 -39.25 3.15
C SER C 19 -11.83 -39.15 2.77
N LEU C 20 -12.41 -37.97 2.94
CA LEU C 20 -13.80 -37.72 2.61
C LEU C 20 -13.92 -37.07 1.23
N THR C 21 -15.14 -37.00 0.74
CA THR C 21 -15.41 -36.44 -0.58
C THR C 21 -16.63 -35.54 -0.51
N CYS C 22 -16.62 -34.50 -1.33
CA CYS C 22 -17.66 -33.48 -1.33
C CYS C 22 -18.06 -33.19 -2.77
N THR C 23 -18.37 -34.25 -3.53
CA THR C 23 -18.75 -34.10 -4.93
C THR C 23 -19.85 -33.06 -5.09
N VAL C 24 -19.54 -31.98 -5.80
CA VAL C 24 -20.47 -30.89 -6.05
C VAL C 24 -21.09 -31.10 -7.42
N THR C 25 -22.42 -31.04 -7.49
CA THR C 25 -23.15 -31.22 -8.73
C THR C 25 -23.92 -29.94 -9.07
N GLY C 26 -24.08 -29.69 -10.37
CA GLY C 26 -24.84 -28.56 -10.83
C GLY C 26 -24.12 -27.23 -10.78
N TYR C 27 -22.84 -27.22 -10.42
CA TYR C 27 -22.10 -25.96 -10.35
C TYR C 27 -20.61 -26.26 -10.37
N SER C 28 -19.83 -25.27 -10.79
CA SER C 28 -18.38 -25.40 -10.86
C SER C 28 -17.76 -24.95 -9.55
N ILE C 29 -16.83 -25.76 -9.03
CA ILE C 29 -16.22 -25.48 -7.74
C ILE C 29 -15.15 -24.40 -7.81
N THR C 30 -14.92 -23.81 -8.97
CA THR C 30 -13.82 -22.87 -9.14
C THR C 30 -14.26 -21.47 -9.54
N SER C 31 -15.56 -21.22 -9.69
CA SER C 31 -15.96 -19.93 -10.26
C SER C 31 -16.02 -18.81 -9.22
N ASP C 32 -16.98 -18.87 -8.30
CA ASP C 32 -17.17 -17.77 -7.37
C ASP C 32 -17.60 -18.26 -5.99
N TYR C 33 -17.06 -19.38 -5.54
CA TYR C 33 -17.48 -19.91 -4.25
C TYR C 33 -16.33 -20.65 -3.57
N ALA C 34 -16.14 -20.36 -2.29
CA ALA C 34 -15.19 -21.07 -1.45
C ALA C 34 -15.94 -22.10 -0.62
N TRP C 35 -15.34 -23.26 -0.43
CA TRP C 35 -15.98 -24.37 0.27
C TRP C 35 -15.23 -24.67 1.55
N ASN C 36 -15.98 -24.75 2.65
CA ASN C 36 -15.41 -25.01 3.97
C ASN C 36 -15.78 -26.40 4.42
N TRP C 37 -15.04 -26.91 5.40
CA TRP C 37 -15.30 -28.19 6.02
C TRP C 37 -15.61 -27.99 7.49
N ILE C 38 -16.84 -28.28 7.89
CA ILE C 38 -17.29 -28.12 9.26
C ILE C 38 -17.67 -29.50 9.80
N ARG C 39 -17.29 -29.77 11.04
CA ARG C 39 -17.66 -31.01 11.70
C ARG C 39 -18.42 -30.71 12.98
N GLN C 40 -19.38 -31.56 13.29
CA GLN C 40 -20.26 -31.37 14.44
C GLN C 40 -20.14 -32.57 15.37
N PHE C 41 -19.62 -32.34 16.57
CA PHE C 41 -19.45 -33.40 17.53
C PHE C 41 -20.80 -33.88 18.06
N PRO C 42 -20.85 -35.07 18.65
CA PRO C 42 -22.13 -35.58 19.19
C PRO C 42 -22.76 -34.68 20.23
N GLY C 43 -21.96 -33.85 20.88
CA GLY C 43 -22.48 -32.94 21.88
C GLY C 43 -23.07 -31.67 21.29
N ASN C 44 -23.40 -31.71 20.00
CA ASN C 44 -23.96 -30.56 19.29
C ASN C 44 -23.03 -29.36 19.40
N LYS C 45 -21.77 -29.56 19.04
CA LYS C 45 -20.75 -28.52 19.09
C LYS C 45 -20.09 -28.44 17.73
N LEU C 46 -20.29 -27.33 17.03
CA LEU C 46 -19.74 -27.16 15.70
C LEU C 46 -18.30 -26.71 15.76
N GLU C 47 -17.53 -27.10 14.75
CA GLU C 47 -16.13 -26.70 14.66
C GLU C 47 -15.76 -26.53 13.19
N TRP C 48 -15.11 -25.43 12.87
CA TRP C 48 -14.68 -25.14 11.51
C TRP C 48 -13.28 -25.69 11.30
N MET C 49 -13.15 -26.66 10.40
CA MET C 49 -11.88 -27.33 10.17
C MET C 49 -10.99 -26.57 9.20
N GLY C 50 -11.52 -26.20 8.04
CA GLY C 50 -10.74 -25.47 7.07
C GLY C 50 -11.57 -25.20 5.83
N TYR C 51 -11.03 -24.35 4.97
CA TYR C 51 -11.70 -23.99 3.73
C TYR C 51 -10.70 -24.05 2.60
N ILE C 52 -11.21 -24.07 1.37
CA ILE C 52 -10.37 -24.07 0.18
C ILE C 52 -10.98 -23.09 -0.82
N SER C 53 -10.22 -22.07 -1.19
CA SER C 53 -10.71 -21.07 -2.12
C SER C 53 -10.85 -21.67 -3.51
N ASN C 54 -11.50 -20.92 -4.40
CA ASN C 54 -11.66 -21.37 -5.78
C ASN C 54 -10.38 -21.25 -6.58
N SER C 55 -9.27 -20.88 -5.95
CA SER C 55 -7.97 -20.82 -6.61
C SER C 55 -6.98 -21.82 -6.04
N GLY C 56 -7.44 -22.77 -5.24
CA GLY C 56 -6.57 -23.74 -4.61
C GLY C 56 -5.99 -23.31 -3.29
N SER C 57 -6.15 -22.05 -2.90
CA SER C 57 -5.64 -21.58 -1.62
C SER C 57 -6.45 -22.17 -0.48
N THR C 58 -5.76 -22.72 0.51
CA THR C 58 -6.41 -23.34 1.66
C THR C 58 -5.96 -22.67 2.94
N SER C 59 -6.78 -22.83 3.98
CA SER C 59 -6.47 -22.31 5.30
C SER C 59 -7.19 -23.17 6.32
N TYR C 60 -6.44 -23.72 7.27
CA TYR C 60 -6.97 -24.70 8.20
C TYR C 60 -7.08 -24.11 9.60
N ASN C 61 -7.86 -24.79 10.43
CA ASN C 61 -7.97 -24.42 11.83
C ASN C 61 -6.63 -24.67 12.52
N PRO C 62 -6.07 -23.68 13.21
CA PRO C 62 -4.77 -23.88 13.86
C PRO C 62 -4.77 -24.99 14.90
N SER C 63 -5.92 -25.29 15.50
CA SER C 63 -5.97 -26.34 16.51
C SER C 63 -5.70 -27.72 15.93
N LEU C 64 -5.88 -27.89 14.62
CA LEU C 64 -5.56 -29.15 13.96
C LEU C 64 -4.89 -28.92 12.61
N LYS C 65 -4.13 -27.83 12.50
CA LYS C 65 -3.52 -27.49 11.21
C LYS C 65 -2.52 -28.52 10.76
N SER C 66 -1.84 -29.18 11.70
CA SER C 66 -0.81 -30.14 11.33
C SER C 66 -1.41 -31.38 10.68
N ARG C 67 -2.40 -31.99 11.33
CA ARG C 67 -2.98 -33.24 10.86
C ARG C 67 -4.27 -32.99 10.08
N ILE C 68 -4.12 -32.29 8.95
CA ILE C 68 -5.27 -31.98 8.09
C ILE C 68 -4.75 -31.60 6.72
N SER C 69 -5.58 -31.81 5.70
CA SER C 69 -5.22 -31.46 4.33
C SER C 69 -6.49 -31.44 3.50
N ILE C 70 -6.70 -30.35 2.77
CA ILE C 70 -7.90 -30.19 1.94
C ILE C 70 -7.42 -29.99 0.51
N THR C 71 -7.70 -30.98 -0.34
CA THR C 71 -7.36 -30.93 -1.76
C THR C 71 -8.63 -30.93 -2.58
N ARG C 72 -8.48 -30.70 -3.88
CA ARG C 72 -9.62 -30.66 -4.78
C ARG C 72 -9.25 -31.34 -6.09
N ASP C 73 -10.28 -31.74 -6.83
CA ASP C 73 -10.15 -32.34 -8.16
C ASP C 73 -11.10 -31.58 -9.07
N THR C 74 -10.61 -30.49 -9.67
CA THR C 74 -11.46 -29.63 -10.47
C THR C 74 -11.99 -30.33 -11.73
N SER C 75 -11.39 -31.46 -12.10
CA SER C 75 -11.87 -32.18 -13.29
C SER C 75 -13.25 -32.78 -13.07
N LYS C 76 -13.66 -33.01 -11.82
CA LYS C 76 -14.95 -33.61 -11.55
C LYS C 76 -15.67 -32.95 -10.38
N ASN C 77 -15.23 -31.76 -9.95
CA ASN C 77 -15.87 -30.99 -8.88
C ASN C 77 -15.95 -31.80 -7.59
N GLN C 78 -14.78 -32.11 -7.05
CA GLN C 78 -14.67 -32.88 -5.82
C GLN C 78 -13.71 -32.19 -4.87
N PHE C 79 -13.88 -32.47 -3.58
CA PHE C 79 -12.96 -32.05 -2.54
C PHE C 79 -12.55 -33.28 -1.74
N PHE C 80 -11.44 -33.15 -1.01
CA PHE C 80 -10.91 -34.26 -0.24
C PHE C 80 -10.35 -33.73 1.08
N LEU C 81 -10.83 -34.29 2.18
CA LEU C 81 -10.37 -33.93 3.52
C LEU C 81 -9.60 -35.12 4.08
N GLN C 82 -8.31 -34.94 4.30
CA GLN C 82 -7.45 -36.00 4.82
C GLN C 82 -7.10 -35.70 6.27
N LEU C 83 -7.43 -36.63 7.16
CA LEU C 83 -6.99 -36.58 8.55
C LEU C 83 -5.93 -37.67 8.71
N ILE C 84 -4.67 -37.25 8.79
CA ILE C 84 -3.57 -38.20 8.66
C ILE C 84 -3.50 -39.15 9.86
N SER C 85 -3.90 -38.69 11.03
CA SER C 85 -3.85 -39.52 12.25
C SER C 85 -5.15 -39.33 13.01
N VAL C 86 -6.12 -40.21 12.74
CA VAL C 86 -7.42 -40.09 13.39
C VAL C 86 -7.32 -40.55 14.83
N THR C 87 -8.27 -40.13 15.65
CA THR C 87 -8.30 -40.48 17.06
C THR C 87 -9.75 -40.71 17.48
N THR C 88 -9.95 -40.99 18.77
CA THR C 88 -11.29 -41.15 19.30
C THR C 88 -12.08 -39.85 19.21
N GLU C 89 -11.38 -38.71 19.30
CA GLU C 89 -12.05 -37.42 19.30
C GLU C 89 -12.57 -37.05 17.92
N ASP C 90 -12.11 -37.75 16.87
CA ASP C 90 -12.38 -37.29 15.52
C ASP C 90 -13.75 -37.73 15.02
N THR C 91 -14.44 -38.59 15.78
CA THR C 91 -15.77 -39.01 15.38
C THR C 91 -16.76 -37.85 15.48
N ALA C 92 -17.43 -37.55 14.36
CA ALA C 92 -18.36 -36.44 14.28
C ALA C 92 -19.08 -36.51 12.95
N THR C 93 -19.97 -35.56 12.72
CA THR C 93 -20.67 -35.42 11.45
C THR C 93 -20.00 -34.31 10.65
N TYR C 94 -19.55 -34.62 9.45
CA TYR C 94 -18.75 -33.70 8.65
C TYR C 94 -19.60 -33.14 7.51
N TYR C 95 -19.81 -31.82 7.54
CA TYR C 95 -20.49 -31.11 6.47
C TYR C 95 -19.47 -30.33 5.66
N CYS C 96 -19.72 -30.18 4.37
CA CYS C 96 -18.97 -29.25 3.54
C CYS C 96 -19.94 -28.19 3.02
N ALA C 97 -19.80 -26.97 3.53
CA ALA C 97 -20.70 -25.87 3.21
C ALA C 97 -19.96 -24.83 2.40
N ARG C 98 -20.65 -24.23 1.43
CA ARG C 98 -20.04 -23.23 0.58
C ARG C 98 -20.27 -21.83 1.12
N GLU C 99 -19.55 -20.87 0.55
CA GLU C 99 -19.70 -19.47 0.90
C GLU C 99 -19.25 -18.62 -0.27
N ARG C 100 -19.89 -17.47 -0.44
CA ARG C 100 -19.47 -16.54 -1.48
C ARG C 100 -18.07 -16.04 -1.17
N ASN C 101 -17.20 -16.06 -2.17
CA ASN C 101 -15.79 -15.84 -1.92
C ASN C 101 -15.51 -14.39 -1.52
N TYR C 102 -14.28 -14.16 -1.09
CA TYR C 102 -13.86 -12.88 -0.54
C TYR C 102 -14.09 -11.75 -1.53
N ASP C 103 -14.40 -10.58 -1.00
CA ASP C 103 -14.63 -9.38 -1.80
C ASP C 103 -14.05 -8.18 -1.08
N TYR C 104 -13.41 -7.28 -1.84
CA TYR C 104 -12.73 -6.15 -1.23
C TYR C 104 -13.69 -5.12 -0.65
N ASP C 105 -14.94 -5.11 -1.09
CA ASP C 105 -15.91 -4.15 -0.58
C ASP C 105 -16.52 -4.62 0.74
N ASP C 106 -17.18 -5.78 0.72
CA ASP C 106 -17.77 -6.39 1.91
C ASP C 106 -17.32 -7.84 1.93
N TYR C 107 -16.33 -8.14 2.75
CA TYR C 107 -15.66 -9.42 2.74
C TYR C 107 -16.41 -10.45 3.57
N TYR C 108 -16.08 -11.73 3.35
CA TYR C 108 -16.46 -12.82 4.25
C TYR C 108 -17.99 -12.88 4.43
N TYR C 109 -18.68 -13.23 3.34
CA TYR C 109 -20.13 -13.08 3.38
C TYR C 109 -20.82 -13.94 4.44
N ALA C 110 -20.89 -15.25 4.22
CA ALA C 110 -21.50 -16.19 5.16
C ALA C 110 -21.45 -17.58 4.52
N MET C 111 -21.59 -18.60 5.36
CA MET C 111 -21.71 -19.97 4.87
C MET C 111 -23.19 -20.27 4.70
N ASP C 112 -23.70 -20.04 3.49
CA ASP C 112 -25.13 -20.09 3.24
C ASP C 112 -25.63 -21.52 3.07
N TYR C 113 -25.13 -22.22 2.05
CA TYR C 113 -25.63 -23.54 1.71
C TYR C 113 -24.74 -24.62 2.32
N TRP C 114 -25.37 -25.59 2.97
CA TRP C 114 -24.67 -26.70 3.62
C TRP C 114 -25.05 -28.00 2.93
N GLY C 115 -24.26 -29.03 3.19
CA GLY C 115 -24.55 -30.37 2.73
C GLY C 115 -25.23 -31.19 3.81
N GLN C 116 -25.75 -32.35 3.39
CA GLN C 116 -26.41 -33.24 4.34
C GLN C 116 -25.43 -33.88 5.31
N GLY C 117 -24.13 -33.84 5.01
CA GLY C 117 -23.12 -34.32 5.91
C GLY C 117 -23.05 -35.84 5.97
N THR C 118 -21.91 -36.33 6.42
CA THR C 118 -21.66 -37.76 6.57
C THR C 118 -21.16 -38.02 7.98
N THR C 119 -21.58 -39.16 8.54
CA THR C 119 -21.16 -39.55 9.88
C THR C 119 -19.85 -40.32 9.80
N LEU C 120 -18.96 -40.03 10.74
CA LEU C 120 -17.65 -40.68 10.81
C LEU C 120 -17.47 -41.25 12.20
N THR C 121 -17.09 -42.52 12.27
CA THR C 121 -16.87 -43.20 13.54
C THR C 121 -15.51 -43.87 13.52
N VAL C 122 -14.83 -43.88 14.65
CA VAL C 122 -13.51 -44.49 14.74
C VAL C 122 -13.56 -45.76 15.60
N VAL D 2 -0.55 4.24 38.33
CA VAL D 2 -1.05 2.91 37.98
C VAL D 2 -0.46 1.86 38.90
N GLN D 3 -1.33 1.02 39.46
CA GLN D 3 -0.92 -0.04 40.37
C GLN D 3 -1.50 -1.35 39.87
N VAL D 4 -0.63 -2.27 39.48
CA VAL D 4 -1.04 -3.58 38.97
C VAL D 4 -0.62 -4.64 39.98
N GLN D 5 -1.40 -5.71 40.04
CA GLN D 5 -1.16 -6.78 41.02
C GLN D 5 -1.58 -8.11 40.42
N GLU D 6 -0.68 -9.08 40.47
CA GLU D 6 -0.98 -10.42 39.98
C GLU D 6 -1.69 -11.24 41.06
N SER D 7 -2.31 -12.32 40.62
CA SER D 7 -3.03 -13.21 41.53
C SER D 7 -2.97 -14.61 40.95
N GLY D 8 -3.80 -15.51 41.47
CA GLY D 8 -3.87 -16.86 40.98
C GLY D 8 -3.38 -17.87 42.00
N PRO D 9 -3.43 -19.15 41.64
CA PRO D 9 -2.99 -20.19 42.58
C PRO D 9 -1.50 -20.12 42.84
N GLY D 10 -1.08 -20.87 43.85
CA GLY D 10 0.33 -20.96 44.18
C GLY D 10 0.89 -22.34 43.94
N LEU D 11 0.04 -23.35 44.07
CA LEU D 11 0.43 -24.74 43.87
C LEU D 11 -0.64 -25.43 43.04
N VAL D 12 -0.23 -26.09 41.96
CA VAL D 12 -1.14 -26.81 41.09
C VAL D 12 -0.58 -28.19 40.83
N LYS D 13 -1.45 -29.08 40.42
CA LYS D 13 -0.97 -30.41 40.08
C LYS D 13 -0.52 -30.45 38.63
N PRO D 14 0.46 -31.29 38.30
CA PRO D 14 0.90 -31.40 36.91
C PRO D 14 -0.22 -31.92 36.02
N SER D 15 -0.08 -31.63 34.72
CA SER D 15 -1.07 -32.00 33.71
C SER D 15 -2.45 -31.43 34.04
N GLN D 16 -2.47 -30.21 34.59
CA GLN D 16 -3.70 -29.50 34.91
C GLN D 16 -3.70 -28.16 34.17
N SER D 17 -4.73 -27.36 34.43
CA SER D 17 -4.91 -26.07 33.79
C SER D 17 -5.06 -25.00 34.88
N LEU D 18 -4.21 -23.98 34.81
CA LEU D 18 -4.26 -22.88 35.77
C LEU D 18 -4.88 -21.64 35.12
N SER D 19 -4.99 -20.58 35.90
CA SER D 19 -5.52 -19.31 35.40
C SER D 19 -5.07 -18.21 36.33
N LEU D 20 -4.25 -17.29 35.83
CA LEU D 20 -3.76 -16.18 36.61
C LEU D 20 -4.59 -14.93 36.35
N THR D 21 -4.36 -13.92 37.17
CA THR D 21 -5.10 -12.67 37.07
C THR D 21 -4.15 -11.50 37.22
N CYS D 22 -4.45 -10.41 36.52
CA CYS D 22 -3.60 -9.23 36.47
C CYS D 22 -4.47 -7.99 36.67
N THR D 23 -5.29 -8.00 37.73
CA THR D 23 -6.17 -6.88 38.01
C THR D 23 -5.41 -5.56 38.00
N VAL D 24 -5.77 -4.69 37.07
CA VAL D 24 -5.15 -3.38 36.92
C VAL D 24 -6.02 -2.35 37.62
N THR D 25 -5.41 -1.53 38.47
CA THR D 25 -6.10 -0.50 39.22
C THR D 25 -5.57 0.88 38.82
N GLY D 26 -6.45 1.86 38.88
CA GLY D 26 -6.07 3.23 38.60
C GLY D 26 -5.93 3.58 37.14
N TYR D 27 -6.26 2.67 36.23
CA TYR D 27 -6.14 2.95 34.81
C TYR D 27 -7.00 1.96 34.03
N SER D 28 -7.38 2.35 32.82
CA SER D 28 -8.19 1.51 31.96
C SER D 28 -7.29 0.65 31.08
N ILE D 29 -7.60 -0.65 31.01
CA ILE D 29 -6.77 -1.58 30.25
C ILE D 29 -6.99 -1.51 28.76
N THR D 30 -7.83 -0.60 28.28
CA THR D 30 -8.19 -0.56 26.87
C THR D 30 -7.82 0.74 26.18
N SER D 31 -7.21 1.69 26.87
CA SER D 31 -7.05 3.01 26.25
C SER D 31 -5.81 3.10 25.37
N ASP D 32 -4.62 3.06 25.96
CA ASP D 32 -3.40 3.26 25.18
C ASP D 32 -2.25 2.40 25.68
N TYR D 33 -2.53 1.18 26.11
CA TYR D 33 -1.46 0.35 26.65
C TYR D 33 -1.73 -1.13 26.36
N ALA D 34 -0.70 -1.82 25.88
CA ALA D 34 -0.73 -3.25 25.69
C ALA D 34 -0.03 -3.92 26.87
N TRP D 35 -0.57 -5.06 27.31
CA TRP D 35 -0.08 -5.75 28.48
C TRP D 35 0.49 -7.10 28.08
N ASN D 36 1.72 -7.38 28.53
CA ASN D 36 2.41 -8.61 28.20
C ASN D 36 2.49 -9.49 29.43
N TRP D 37 2.74 -10.78 29.20
CA TRP D 37 2.93 -11.75 30.28
C TRP D 37 4.33 -12.33 30.18
N ILE D 38 5.16 -12.03 31.18
CA ILE D 38 6.54 -12.51 31.22
C ILE D 38 6.68 -13.41 32.43
N ARG D 39 7.41 -14.50 32.26
CA ARG D 39 7.71 -15.41 33.36
C ARG D 39 9.21 -15.57 33.51
N GLN D 40 9.65 -15.72 34.76
CA GLN D 40 11.07 -15.79 35.09
C GLN D 40 11.34 -17.10 35.80
N PHE D 41 12.13 -17.96 35.16
CA PHE D 41 12.47 -19.25 35.73
C PHE D 41 13.39 -19.08 36.93
N PRO D 42 13.49 -20.10 37.80
CA PRO D 42 14.36 -19.99 38.97
C PRO D 42 15.83 -19.73 38.63
N GLY D 43 16.24 -20.06 37.40
CA GLY D 43 17.60 -19.83 36.98
C GLY D 43 17.84 -18.41 36.51
N ASN D 44 16.96 -17.49 36.89
CA ASN D 44 17.04 -16.09 36.49
C ASN D 44 17.08 -15.96 34.97
N LYS D 45 16.12 -16.57 34.31
CA LYS D 45 16.01 -16.57 32.86
C LYS D 45 14.61 -16.09 32.48
N LEU D 46 14.52 -14.92 31.88
CA LEU D 46 13.23 -14.35 31.53
C LEU D 46 12.73 -14.93 30.21
N GLU D 47 11.41 -14.99 30.08
CA GLU D 47 10.78 -15.47 28.87
C GLU D 47 9.48 -14.73 28.65
N TRP D 48 9.28 -14.25 27.42
CA TRP D 48 8.07 -13.53 27.06
C TRP D 48 7.03 -14.51 26.55
N MET D 49 5.91 -14.61 27.26
CA MET D 49 4.88 -15.59 26.92
C MET D 49 3.93 -15.06 25.86
N GLY D 50 3.37 -13.88 26.07
CA GLY D 50 2.45 -13.31 25.11
C GLY D 50 1.96 -11.97 25.59
N TYR D 51 1.29 -11.27 24.69
CA TYR D 51 0.75 -9.96 24.99
C TYR D 51 -0.68 -9.88 24.48
N ILE D 52 -1.42 -8.89 24.96
CA ILE D 52 -2.79 -8.66 24.51
C ILE D 52 -2.96 -7.16 24.30
N SER D 53 -3.29 -6.77 23.08
CA SER D 53 -3.47 -5.36 22.77
C SER D 53 -4.72 -4.82 23.45
N ASN D 54 -4.85 -3.50 23.41
CA ASN D 54 -6.03 -2.85 23.98
C ASN D 54 -7.28 -3.03 23.13
N SER D 55 -7.19 -3.81 22.05
CA SER D 55 -8.34 -4.11 21.20
C SER D 55 -8.69 -5.58 21.20
N GLY D 56 -8.14 -6.36 22.14
CA GLY D 56 -8.39 -7.78 22.21
C GLY D 56 -7.47 -8.63 21.37
N SER D 57 -6.65 -8.02 20.52
CA SER D 57 -5.72 -8.79 19.69
C SER D 57 -4.60 -9.34 20.55
N THR D 58 -4.33 -10.63 20.40
CA THR D 58 -3.30 -11.30 21.18
C THR D 58 -2.26 -11.92 20.25
N SER D 59 -1.08 -12.15 20.81
CA SER D 59 0.01 -12.80 20.10
C SER D 59 0.88 -13.51 21.12
N TYR D 60 1.10 -14.80 20.91
CA TYR D 60 1.78 -15.63 21.90
C TYR D 60 3.15 -16.05 21.40
N ASN D 61 3.97 -16.50 22.35
CA ASN D 61 5.28 -17.03 22.00
C ASN D 61 5.10 -18.33 21.23
N PRO D 62 5.71 -18.47 20.04
CA PRO D 62 5.52 -19.70 19.26
C PRO D 62 5.99 -20.95 19.97
N SER D 63 6.94 -20.85 20.90
CA SER D 63 7.42 -22.03 21.61
C SER D 63 6.36 -22.64 22.50
N LEU D 64 5.33 -21.88 22.89
CA LEU D 64 4.22 -22.41 23.67
C LEU D 64 2.89 -21.85 23.18
N LYS D 65 2.79 -21.57 21.88
CA LYS D 65 1.57 -20.94 21.34
C LYS D 65 0.36 -21.86 21.48
N SER D 66 0.58 -23.17 21.42
CA SER D 66 -0.55 -24.10 21.47
C SER D 66 -1.20 -24.10 22.85
N ARG D 67 -0.39 -24.30 23.89
CA ARG D 67 -0.92 -24.43 25.25
C ARG D 67 -0.83 -23.11 26.00
N ILE D 68 -1.57 -22.11 25.51
CA ILE D 68 -1.59 -20.80 26.13
C ILE D 68 -2.82 -20.06 25.64
N SER D 69 -3.31 -19.12 26.46
CA SER D 69 -4.46 -18.31 26.09
C SER D 69 -4.51 -17.10 27.01
N ILE D 70 -4.63 -15.91 26.43
CA ILE D 70 -4.65 -14.66 27.18
C ILE D 70 -5.97 -13.97 26.87
N THR D 71 -6.85 -13.91 27.87
CA THR D 71 -8.13 -13.24 27.74
C THR D 71 -8.17 -12.04 28.67
N ARG D 72 -9.21 -11.23 28.53
CA ARG D 72 -9.37 -10.05 29.36
C ARG D 72 -10.83 -9.88 29.74
N ASP D 73 -11.05 -9.11 30.80
CA ASP D 73 -12.39 -8.76 31.28
C ASP D 73 -12.39 -7.24 31.45
N THR D 74 -12.75 -6.52 30.38
CA THR D 74 -12.69 -5.07 30.40
C THR D 74 -13.68 -4.46 31.38
N SER D 75 -14.66 -5.22 31.86
CA SER D 75 -15.61 -4.69 32.82
C SER D 75 -14.97 -4.40 34.17
N LYS D 76 -13.84 -5.05 34.49
CA LYS D 76 -13.19 -4.82 35.77
C LYS D 76 -11.67 -4.72 35.65
N ASN D 77 -11.14 -4.53 34.44
CA ASN D 77 -9.72 -4.34 34.20
C ASN D 77 -8.90 -5.53 34.72
N GLN D 78 -9.16 -6.68 34.11
CA GLN D 78 -8.47 -7.91 34.47
C GLN D 78 -7.96 -8.61 33.23
N PHE D 79 -6.92 -9.43 33.43
CA PHE D 79 -6.40 -10.31 32.40
C PHE D 79 -6.37 -11.72 32.94
N PHE D 80 -6.28 -12.69 32.03
CA PHE D 80 -6.30 -14.10 32.41
C PHE D 80 -5.33 -14.87 31.52
N LEU D 81 -4.39 -15.57 32.14
CA LEU D 81 -3.43 -16.41 31.43
C LEU D 81 -3.75 -17.86 31.75
N GLN D 82 -4.15 -18.61 30.73
CA GLN D 82 -4.51 -20.02 30.88
C GLN D 82 -3.42 -20.89 30.27
N LEU D 83 -2.85 -21.77 31.09
CA LEU D 83 -1.93 -22.80 30.62
C LEU D 83 -2.69 -24.12 30.70
N ILE D 84 -3.10 -24.63 29.54
CA ILE D 84 -4.06 -25.73 29.51
C ILE D 84 -3.46 -27.02 30.05
N SER D 85 -2.16 -27.22 29.86
CA SER D 85 -1.49 -28.44 30.31
C SER D 85 -0.17 -28.05 30.98
N VAL D 86 -0.21 -27.87 32.29
CA VAL D 86 0.99 -27.45 33.02
C VAL D 86 1.95 -28.64 33.14
N THR D 87 3.22 -28.33 33.39
CA THR D 87 4.25 -29.35 33.53
C THR D 87 5.21 -28.91 34.62
N THR D 88 6.25 -29.73 34.83
CA THR D 88 7.28 -29.38 35.81
C THR D 88 8.03 -28.13 35.38
N GLU D 89 8.15 -27.91 34.07
CA GLU D 89 8.91 -26.77 33.57
C GLU D 89 8.17 -25.45 33.77
N ASP D 90 6.88 -25.50 34.08
CA ASP D 90 6.07 -24.28 34.06
C ASP D 90 6.20 -23.50 35.35
N THR D 91 6.85 -24.06 36.36
CA THR D 91 7.04 -23.32 37.62
C THR D 91 7.99 -22.14 37.41
N ALA D 92 7.52 -20.95 37.74
CA ALA D 92 8.29 -19.73 37.56
C ALA D 92 7.54 -18.59 38.22
N THR D 93 8.12 -17.40 38.15
CA THR D 93 7.49 -16.17 38.64
C THR D 93 6.91 -15.43 37.45
N TYR D 94 5.60 -15.17 37.49
CA TYR D 94 4.88 -14.60 36.37
C TYR D 94 4.58 -13.14 36.63
N TYR D 95 5.14 -12.25 35.80
CA TYR D 95 4.86 -10.83 35.84
C TYR D 95 3.96 -10.47 34.66
N CYS D 96 3.10 -9.48 34.85
CA CYS D 96 2.38 -8.87 33.75
C CYS D 96 2.79 -7.40 33.67
N ALA D 97 3.55 -7.06 32.64
CA ALA D 97 4.10 -5.73 32.46
C ALA D 97 3.44 -5.05 31.27
N ARG D 98 3.20 -3.75 31.38
CA ARG D 98 2.55 -3.00 30.33
C ARG D 98 3.57 -2.37 29.40
N GLU D 99 3.08 -1.87 28.27
CA GLU D 99 3.92 -1.17 27.30
C GLU D 99 3.03 -0.24 26.49
N ARG D 100 3.60 0.89 26.09
CA ARG D 100 2.87 1.81 25.23
C ARG D 100 2.60 1.15 23.89
N ASN D 101 1.36 1.24 23.43
CA ASN D 101 0.95 0.42 22.30
C ASN D 101 1.62 0.90 21.00
N TYR D 102 1.45 0.08 19.97
CA TYR D 102 2.12 0.28 18.69
C TYR D 102 1.81 1.65 18.11
N ASP D 103 2.79 2.21 17.39
CA ASP D 103 2.66 3.50 16.75
C ASP D 103 3.36 3.46 15.41
N TYR D 104 2.74 4.07 14.40
CA TYR D 104 3.28 4.00 13.04
C TYR D 104 4.56 4.80 12.88
N ASP D 105 4.82 5.78 13.75
CA ASP D 105 6.03 6.58 13.63
C ASP D 105 7.23 5.86 14.26
N ASP D 106 7.14 5.57 15.55
CA ASP D 106 8.18 4.84 16.28
C ASP D 106 7.49 3.72 17.04
N TYR D 107 7.57 2.51 16.52
CA TYR D 107 6.79 1.40 17.02
C TYR D 107 7.49 0.72 18.21
N TYR D 108 6.71 -0.09 18.93
CA TYR D 108 7.26 -1.03 19.90
C TYR D 108 8.13 -0.33 20.95
N TYR D 109 7.48 0.49 21.78
CA TYR D 109 8.26 1.37 22.64
C TYR D 109 9.17 0.62 23.62
N ALA D 110 8.59 0.02 24.67
CA ALA D 110 9.32 -0.74 25.67
C ALA D 110 8.32 -1.21 26.72
N MET D 111 8.72 -2.22 27.48
CA MET D 111 7.91 -2.67 28.63
C MET D 111 8.41 -1.91 29.85
N ASP D 112 7.75 -0.79 30.14
CA ASP D 112 8.24 0.12 31.17
C ASP D 112 7.86 -0.34 32.57
N TYR D 113 6.57 -0.44 32.85
CA TYR D 113 6.09 -0.73 34.19
C TYR D 113 5.79 -2.21 34.33
N TRP D 114 6.30 -2.82 35.39
CA TRP D 114 6.09 -4.23 35.69
C TRP D 114 5.29 -4.38 36.97
N GLY D 115 4.76 -5.59 37.17
CA GLY D 115 4.08 -5.93 38.39
C GLY D 115 5.00 -6.68 39.35
N GLN D 116 4.53 -6.82 40.58
CA GLN D 116 5.32 -7.53 41.58
C GLN D 116 5.40 -9.02 41.31
N GLY D 117 4.54 -9.54 40.44
CA GLY D 117 4.61 -10.92 40.03
C GLY D 117 4.10 -11.88 41.10
N THR D 118 3.75 -13.08 40.64
CA THR D 118 3.27 -14.13 41.51
C THR D 118 4.06 -15.40 41.24
N THR D 119 4.34 -16.16 42.29
CA THR D 119 5.07 -17.41 42.17
C THR D 119 4.12 -18.55 41.87
N LEU D 120 4.53 -19.43 40.96
CA LEU D 120 3.72 -20.58 40.56
C LEU D 120 4.56 -21.83 40.71
N THR D 121 4.01 -22.84 41.38
CA THR D 121 4.69 -24.10 41.63
C THR D 121 3.78 -25.24 41.21
N VAL D 122 4.35 -26.29 40.63
CA VAL D 122 3.58 -27.43 40.19
C VAL D 122 3.86 -28.65 41.08
N VAL E 2 32.59 -19.68 -6.57
CA VAL E 2 32.10 -19.99 -5.23
C VAL E 2 32.20 -21.49 -4.96
N GLN E 3 32.77 -21.83 -3.81
CA GLN E 3 32.95 -23.22 -3.39
C GLN E 3 32.37 -23.38 -2.00
N VAL E 4 31.32 -24.19 -1.88
CA VAL E 4 30.65 -24.43 -0.62
C VAL E 4 30.89 -25.88 -0.22
N GLN E 5 30.96 -26.13 1.09
CA GLN E 5 31.26 -27.46 1.60
C GLN E 5 30.53 -27.68 2.91
N GLU E 6 29.79 -28.78 3.01
CA GLU E 6 29.09 -29.12 4.23
C GLU E 6 30.01 -29.85 5.20
N SER E 7 29.61 -29.88 6.46
CA SER E 7 30.37 -30.55 7.50
C SER E 7 29.39 -31.08 8.54
N GLY E 8 29.90 -31.45 9.70
CA GLY E 8 29.08 -31.93 10.78
C GLY E 8 29.32 -33.40 11.09
N PRO E 9 28.61 -33.92 12.08
CA PRO E 9 28.79 -35.33 12.46
C PRO E 9 28.30 -36.26 11.36
N GLY E 10 28.64 -37.54 11.52
CA GLY E 10 28.19 -38.55 10.60
C GLY E 10 27.25 -39.53 11.25
N LEU E 11 27.42 -39.75 12.55
CA LEU E 11 26.60 -40.66 13.31
C LEU E 11 26.22 -39.99 14.62
N VAL E 12 24.93 -39.99 14.94
CA VAL E 12 24.42 -39.39 16.17
C VAL E 12 23.45 -40.37 16.82
N LYS E 13 23.24 -40.18 18.09
CA LYS E 13 22.28 -41.03 18.78
C LYS E 13 20.88 -40.45 18.65
N PRO E 14 19.86 -41.29 18.62
CA PRO E 14 18.48 -40.78 18.54
C PRO E 14 18.14 -39.95 19.77
N SER E 15 17.13 -39.08 19.59
CA SER E 15 16.68 -38.16 20.64
C SER E 15 17.81 -37.26 21.12
N GLN E 16 18.68 -36.85 20.20
CA GLN E 16 19.77 -35.95 20.48
C GLN E 16 19.66 -34.71 19.58
N SER E 17 20.64 -33.83 19.68
CA SER E 17 20.66 -32.59 18.90
C SER E 17 21.96 -32.51 18.12
N LEU E 18 21.85 -32.33 16.81
CA LEU E 18 23.02 -32.21 15.95
C LEU E 18 23.23 -30.76 15.55
N SER E 19 24.27 -30.53 14.76
CA SER E 19 24.57 -29.19 14.25
C SER E 19 25.47 -29.33 13.04
N LEU E 20 24.98 -28.95 11.88
CA LEU E 20 25.76 -29.02 10.64
C LEU E 20 26.39 -27.67 10.33
N THR E 21 27.29 -27.67 9.35
CA THR E 21 27.99 -26.46 8.96
C THR E 21 28.04 -26.38 7.44
N CYS E 22 28.01 -25.16 6.93
CA CYS E 22 27.96 -24.90 5.50
C CYS E 22 28.98 -23.80 5.17
N THR E 23 30.21 -23.99 5.61
CA THR E 23 31.27 -23.00 5.37
C THR E 23 31.33 -22.63 3.90
N VAL E 24 31.07 -21.36 3.60
CA VAL E 24 31.09 -20.84 2.24
C VAL E 24 32.44 -20.17 2.01
N THR E 25 33.10 -20.52 0.91
CA THR E 25 34.39 -19.96 0.56
C THR E 25 34.29 -19.22 -0.77
N GLY E 26 35.10 -18.18 -0.89
CA GLY E 26 35.16 -17.41 -2.12
C GLY E 26 34.05 -16.42 -2.32
N TYR E 27 33.16 -16.24 -1.34
CA TYR E 27 32.06 -15.31 -1.48
C TYR E 27 31.52 -14.96 -0.11
N SER E 28 30.86 -13.81 -0.02
CA SER E 28 30.27 -13.36 1.24
C SER E 28 28.84 -13.83 1.34
N ILE E 29 28.48 -14.39 2.50
CA ILE E 29 27.15 -14.97 2.69
C ILE E 29 26.08 -13.92 2.94
N THR E 30 26.43 -12.64 2.90
CA THR E 30 25.48 -11.59 3.26
C THR E 30 25.19 -10.61 2.13
N SER E 31 25.79 -10.78 0.95
CA SER E 31 25.66 -9.73 -0.06
C SER E 31 24.37 -9.85 -0.87
N ASP E 32 24.26 -10.87 -1.71
CA ASP E 32 23.10 -10.96 -2.61
C ASP E 32 22.66 -12.40 -2.82
N TYR E 33 22.70 -13.22 -1.77
CA TYR E 33 22.34 -14.62 -1.94
C TYR E 33 21.72 -15.17 -0.66
N ALA E 34 20.60 -15.87 -0.82
CA ALA E 34 19.97 -16.60 0.28
C ALA E 34 20.34 -18.06 0.18
N TRP E 35 20.57 -18.70 1.32
CA TRP E 35 21.03 -20.07 1.37
C TRP E 35 19.96 -20.95 2.00
N ASN E 36 19.63 -22.05 1.33
CA ASN E 36 18.60 -22.97 1.80
C ASN E 36 19.25 -24.26 2.27
N TRP E 37 18.50 -25.03 3.05
CA TRP E 37 18.93 -26.34 3.52
C TRP E 37 17.97 -27.39 3.00
N ILE E 38 18.47 -28.26 2.12
CA ILE E 38 17.68 -29.32 1.53
C ILE E 38 18.26 -30.65 1.96
N ARG E 39 17.39 -31.61 2.28
CA ARG E 39 17.82 -32.94 2.64
C ARG E 39 17.15 -33.96 1.72
N GLN E 40 17.88 -35.02 1.41
CA GLN E 40 17.44 -36.04 0.46
C GLN E 40 17.42 -37.39 1.16
N PHE E 41 16.23 -37.96 1.31
CA PHE E 41 16.08 -39.24 1.97
C PHE E 41 16.64 -40.35 1.09
N PRO E 42 16.94 -41.52 1.69
CA PRO E 42 17.49 -42.63 0.90
C PRO E 42 16.60 -43.07 -0.25
N GLY E 43 15.31 -42.78 -0.16
CA GLY E 43 14.38 -43.14 -1.22
C GLY E 43 14.37 -42.16 -2.36
N ASN E 44 15.42 -41.35 -2.47
CA ASN E 44 15.54 -40.32 -3.51
C ASN E 44 14.35 -39.38 -3.48
N LYS E 45 14.08 -38.82 -2.31
CA LYS E 45 12.97 -37.90 -2.09
C LYS E 45 13.51 -36.64 -1.46
N LEU E 46 13.48 -35.53 -2.20
CA LEU E 46 14.02 -34.28 -1.70
C LEU E 46 13.01 -33.57 -0.80
N GLU E 47 13.53 -32.80 0.15
CA GLU E 47 12.69 -32.03 1.05
C GLU E 47 13.40 -30.74 1.42
N TRP E 48 12.69 -29.63 1.33
CA TRP E 48 13.24 -28.32 1.65
C TRP E 48 13.00 -28.03 3.13
N MET E 49 14.08 -27.90 3.89
CA MET E 49 13.97 -27.72 5.33
C MET E 49 13.77 -26.25 5.70
N GLY E 50 14.62 -25.37 5.19
CA GLY E 50 14.49 -23.96 5.50
C GLY E 50 15.58 -23.18 4.81
N TYR E 51 15.43 -21.86 4.84
CA TYR E 51 16.39 -20.97 4.22
C TYR E 51 16.69 -19.83 5.19
N ILE E 52 17.78 -19.12 4.92
CA ILE E 52 18.17 -17.97 5.73
C ILE E 52 18.60 -16.86 4.77
N SER E 53 17.91 -15.73 4.83
CA SER E 53 18.23 -14.61 3.96
C SER E 53 19.57 -14.00 4.34
N ASN E 54 20.08 -13.13 3.48
CA ASN E 54 21.33 -12.44 3.75
C ASN E 54 21.18 -11.35 4.81
N SER E 55 20.00 -11.23 5.43
CA SER E 55 19.78 -10.27 6.51
C SER E 55 19.44 -10.95 7.82
N GLY E 56 19.66 -12.26 7.92
CA GLY E 56 19.35 -13.01 9.11
C GLY E 56 17.93 -13.53 9.19
N SER E 57 17.06 -13.11 8.28
CA SER E 57 15.69 -13.60 8.29
C SER E 57 15.64 -15.05 7.85
N THR E 58 14.94 -15.87 8.62
CA THR E 58 14.83 -17.29 8.34
C THR E 58 13.38 -17.68 8.16
N SER E 59 13.17 -18.81 7.48
CA SER E 59 11.83 -19.37 7.29
C SER E 59 11.98 -20.86 7.10
N TYR E 60 11.27 -21.63 7.92
CA TYR E 60 11.45 -23.07 7.96
C TYR E 60 10.23 -23.78 7.38
N ASN E 61 10.43 -25.05 7.07
CA ASN E 61 9.33 -25.89 6.61
C ASN E 61 8.35 -26.10 7.75
N PRO E 62 7.06 -25.83 7.55
CA PRO E 62 6.11 -25.99 8.66
C PRO E 62 6.01 -27.41 9.18
N SER E 63 6.33 -28.41 8.37
CA SER E 63 6.26 -29.80 8.82
C SER E 63 7.29 -30.10 9.91
N LEU E 64 8.35 -29.31 10.01
CA LEU E 64 9.33 -29.47 11.06
C LEU E 64 9.78 -28.13 11.61
N LYS E 65 8.89 -27.13 11.61
CA LYS E 65 9.27 -25.79 12.03
C LYS E 65 9.65 -25.74 13.50
N SER E 66 9.05 -26.60 14.32
CA SER E 66 9.32 -26.55 15.76
C SER E 66 10.74 -27.02 16.06
N ARG E 67 11.12 -28.18 15.55
CA ARG E 67 12.42 -28.78 15.86
C ARG E 67 13.44 -28.48 14.77
N ILE E 68 13.74 -27.20 14.59
CA ILE E 68 14.71 -26.78 13.59
C ILE E 68 15.17 -25.37 13.94
N SER E 69 16.37 -25.02 13.50
CA SER E 69 16.93 -23.70 13.73
C SER E 69 18.10 -23.49 12.79
N ILE E 70 18.10 -22.39 12.06
CA ILE E 70 19.15 -22.07 11.10
C ILE E 70 19.78 -20.76 11.51
N THR E 71 21.02 -20.82 11.96
CA THR E 71 21.79 -19.64 12.36
C THR E 71 22.97 -19.47 11.42
N ARG E 72 23.64 -18.33 11.55
CA ARG E 72 24.79 -18.02 10.71
C ARG E 72 25.86 -17.35 11.54
N ASP E 73 27.09 -17.40 11.02
CA ASP E 73 28.25 -16.73 11.62
C ASP E 73 28.91 -15.93 10.51
N THR E 74 28.47 -14.68 10.34
CA THR E 74 28.95 -13.87 9.24
C THR E 74 30.44 -13.54 9.36
N SER E 75 31.04 -13.74 10.54
CA SER E 75 32.46 -13.46 10.70
C SER E 75 33.32 -14.43 9.91
N LYS E 76 32.80 -15.63 9.59
CA LYS E 76 33.59 -16.61 8.86
C LYS E 76 32.79 -17.31 7.77
N ASN E 77 31.63 -16.78 7.40
CA ASN E 77 30.80 -17.31 6.31
C ASN E 77 30.41 -18.76 6.58
N GLN E 78 29.65 -18.94 7.64
CA GLN E 78 29.19 -20.26 8.04
C GLN E 78 27.70 -20.23 8.32
N PHE E 79 27.08 -21.40 8.21
CA PHE E 79 25.69 -21.60 8.59
C PHE E 79 25.62 -22.78 9.54
N PHE E 80 24.52 -22.87 10.28
CA PHE E 80 24.34 -23.92 11.28
C PHE E 80 22.89 -24.37 11.27
N LEU E 81 22.69 -25.68 11.09
CA LEU E 81 21.37 -26.28 11.10
C LEU E 81 21.28 -27.16 12.35
N GLN E 82 20.39 -26.78 13.27
CA GLN E 82 20.20 -27.50 14.52
C GLN E 82 18.88 -28.26 14.48
N LEU E 83 18.96 -29.58 14.66
CA LEU E 83 17.78 -30.42 14.83
C LEU E 83 17.76 -30.83 16.30
N ILE E 84 16.85 -30.22 17.06
CA ILE E 84 16.93 -30.33 18.52
C ILE E 84 16.61 -31.74 18.99
N SER E 85 15.76 -32.47 18.28
CA SER E 85 15.38 -33.82 18.67
C SER E 85 15.40 -34.71 17.43
N VAL E 86 16.54 -35.36 17.19
CA VAL E 86 16.68 -36.20 16.00
C VAL E 86 15.91 -37.49 16.20
N THR E 87 15.59 -38.16 15.09
CA THR E 87 14.85 -39.41 15.12
C THR E 87 15.40 -40.32 14.03
N THR E 88 14.79 -41.50 13.91
CA THR E 88 15.18 -42.43 12.86
C THR E 88 14.90 -41.85 11.48
N GLU E 89 13.87 -41.01 11.37
CA GLU E 89 13.49 -40.46 10.08
C GLU E 89 14.47 -39.40 9.59
N ASP E 90 15.33 -38.90 10.48
CA ASP E 90 16.12 -37.72 10.14
C ASP E 90 17.37 -38.09 9.35
N THR E 91 17.67 -39.38 9.21
CA THR E 91 18.83 -39.78 8.43
C THR E 91 18.61 -39.48 6.94
N ALA E 92 19.52 -38.71 6.36
CA ALA E 92 19.41 -38.31 4.97
C ALA E 92 20.70 -37.61 4.57
N THR E 93 20.77 -37.17 3.32
CA THR E 93 21.89 -36.39 2.81
C THR E 93 21.49 -34.93 2.78
N TYR E 94 22.25 -34.09 3.47
CA TYR E 94 21.89 -32.69 3.66
C TYR E 94 22.76 -31.80 2.77
N TYR E 95 22.12 -31.11 1.85
CA TYR E 95 22.79 -30.12 1.00
C TYR E 95 22.39 -28.73 1.45
N CYS E 96 23.30 -27.78 1.30
CA CYS E 96 22.98 -26.37 1.45
C CYS E 96 23.22 -25.69 0.11
N ALA E 97 22.13 -25.29 -0.55
CA ALA E 97 22.19 -24.70 -1.88
C ALA E 97 21.80 -23.23 -1.80
N ARG E 98 22.45 -22.40 -2.60
CA ARG E 98 22.18 -20.98 -2.60
C ARG E 98 21.14 -20.61 -3.65
N GLU E 99 20.66 -19.38 -3.57
CA GLU E 99 19.72 -18.86 -4.55
C GLU E 99 19.81 -17.34 -4.56
N ARG E 100 19.61 -16.75 -5.72
CA ARG E 100 19.59 -15.30 -5.81
C ARG E 100 18.41 -14.76 -5.01
N ASN E 101 18.68 -13.75 -4.19
CA ASN E 101 17.69 -13.33 -3.21
C ASN E 101 16.49 -12.66 -3.86
N TYR E 102 15.47 -12.44 -3.05
CA TYR E 102 14.18 -11.94 -3.53
C TYR E 102 14.34 -10.61 -4.26
N ASP E 103 13.48 -10.40 -5.25
CA ASP E 103 13.47 -9.18 -6.05
C ASP E 103 12.04 -8.80 -6.36
N TYR E 104 11.74 -7.51 -6.28
CA TYR E 104 10.37 -7.05 -6.46
C TYR E 104 9.88 -7.18 -7.89
N ASP E 105 10.80 -7.26 -8.86
CA ASP E 105 10.38 -7.38 -10.26
C ASP E 105 10.05 -8.83 -10.61
N ASP E 106 11.03 -9.72 -10.47
CA ASP E 106 10.86 -11.15 -10.72
C ASP E 106 11.43 -11.88 -9.51
N TYR E 107 10.54 -12.34 -8.63
CA TYR E 107 10.95 -12.86 -7.34
C TYR E 107 11.32 -14.35 -7.43
N TYR E 108 12.01 -14.83 -6.41
CA TYR E 108 12.19 -16.27 -6.17
C TYR E 108 12.86 -16.93 -7.38
N TYR E 109 14.12 -16.59 -7.62
CA TYR E 109 14.72 -17.00 -8.88
C TYR E 109 14.82 -18.51 -9.05
N ALA E 110 15.73 -19.17 -8.33
CA ALA E 110 15.91 -20.62 -8.37
C ALA E 110 17.08 -20.96 -7.46
N MET E 111 17.15 -22.23 -7.06
CA MET E 111 18.30 -22.73 -6.31
C MET E 111 19.31 -23.26 -7.31
N ASP E 112 20.25 -22.41 -7.71
CA ASP E 112 21.14 -22.74 -8.81
C ASP E 112 22.30 -23.63 -8.36
N TYR E 113 23.12 -23.14 -7.44
CA TYR E 113 24.33 -23.84 -7.03
C TYR E 113 24.08 -24.64 -5.76
N TRP E 114 24.48 -25.91 -5.78
CA TRP E 114 24.32 -26.81 -4.64
C TRP E 114 25.69 -27.21 -4.11
N GLY E 115 25.68 -27.75 -2.90
CA GLY E 115 26.88 -28.30 -2.31
C GLY E 115 26.95 -29.80 -2.48
N GLN E 116 28.12 -30.37 -2.19
CA GLN E 116 28.30 -31.81 -2.31
C GLN E 116 27.52 -32.57 -1.24
N GLY E 117 27.06 -31.90 -0.20
CA GLY E 117 26.23 -32.52 0.80
C GLY E 117 27.00 -33.42 1.74
N THR E 118 26.40 -33.67 2.90
CA THR E 118 26.95 -34.55 3.90
C THR E 118 25.92 -35.58 4.31
N THR E 119 26.36 -36.79 4.58
CA THR E 119 25.48 -37.87 5.00
C THR E 119 25.32 -37.85 6.51
N LEU E 120 24.09 -38.06 6.97
CA LEU E 120 23.76 -38.06 8.39
C LEU E 120 23.04 -39.36 8.70
N THR E 121 23.51 -40.04 9.75
CA THR E 121 22.93 -41.30 10.18
C THR E 121 22.65 -41.23 11.67
N VAL E 122 21.55 -41.83 12.11
CA VAL E 122 21.18 -41.83 13.51
C VAL E 122 21.33 -43.22 14.12
N ASP F 1 13.55 -16.52 16.22
CA ASP F 1 13.73 -15.78 17.46
C ASP F 1 15.13 -15.17 17.53
N ILE F 2 15.19 -13.86 17.73
CA ILE F 2 16.48 -13.19 17.84
C ILE F 2 17.13 -13.61 19.15
N VAL F 3 18.34 -14.16 19.05
CA VAL F 3 19.05 -14.67 20.21
C VAL F 3 19.93 -13.56 20.77
N MET F 4 19.63 -13.12 21.98
CA MET F 4 20.44 -12.13 22.66
C MET F 4 21.52 -12.82 23.49
N SER F 5 22.72 -12.25 23.51
CA SER F 5 23.84 -12.85 24.22
C SER F 5 24.61 -11.75 24.93
N GLN F 6 24.65 -11.82 26.26
CA GLN F 6 25.41 -10.87 27.06
C GLN F 6 26.80 -11.43 27.32
N SER F 7 27.83 -10.60 27.09
CA SER F 7 29.20 -11.11 27.16
C SER F 7 29.60 -11.47 28.58
N PRO F 8 29.61 -10.55 29.56
CA PRO F 8 30.01 -10.95 30.91
C PRO F 8 28.83 -11.55 31.66
N SER F 9 28.94 -12.82 32.02
CA SER F 9 27.86 -13.47 32.77
C SER F 9 27.78 -12.92 34.18
N SER F 10 28.93 -12.64 34.79
CA SER F 10 28.97 -12.08 36.15
C SER F 10 30.33 -11.44 36.34
N LEU F 11 30.35 -10.13 36.56
CA LEU F 11 31.60 -9.40 36.72
C LEU F 11 31.55 -8.59 38.01
N ALA F 12 32.68 -8.55 38.72
CA ALA F 12 32.79 -7.82 39.96
C ALA F 12 33.39 -6.45 39.73
N VAL F 13 33.10 -5.54 40.66
CA VAL F 13 33.58 -4.16 40.58
C VAL F 13 33.49 -3.55 41.97
N SER F 14 34.27 -2.50 42.20
CA SER F 14 34.24 -1.76 43.45
C SER F 14 33.41 -0.50 43.31
N VAL F 15 33.03 0.07 44.45
CA VAL F 15 32.22 1.28 44.45
C VAL F 15 33.02 2.42 43.83
N GLY F 16 32.38 3.20 42.98
CA GLY F 16 33.05 4.30 42.32
C GLY F 16 34.05 3.84 41.28
N GLU F 17 33.56 3.17 40.24
CA GLU F 17 34.43 2.64 39.20
C GLU F 17 33.59 2.40 37.95
N LYS F 18 34.15 2.69 36.79
CA LYS F 18 33.44 2.50 35.53
C LYS F 18 33.32 1.02 35.21
N VAL F 19 32.16 0.64 34.68
CA VAL F 19 31.90 -0.74 34.30
C VAL F 19 31.06 -0.74 33.03
N THR F 20 31.26 -1.77 32.20
CA THR F 20 30.57 -1.90 30.93
C THR F 20 29.99 -3.30 30.81
N MET F 21 28.81 -3.41 30.21
CA MET F 21 28.16 -4.68 29.95
C MET F 21 27.74 -4.74 28.50
N SER F 22 28.08 -5.83 27.84
CA SER F 22 27.81 -6.00 26.41
C SER F 22 26.59 -6.86 26.19
N CYS F 23 25.95 -6.66 25.03
CA CYS F 23 24.76 -7.42 24.64
C CYS F 23 24.87 -7.68 23.15
N LYS F 24 25.44 -8.83 22.79
CA LYS F 24 25.62 -9.20 21.40
C LYS F 24 24.33 -9.83 20.86
N SER F 25 23.81 -9.27 19.78
CA SER F 25 22.56 -9.72 19.20
C SER F 25 22.80 -10.73 18.08
N SER F 26 21.72 -11.39 17.67
CA SER F 26 21.79 -12.34 16.57
C SER F 26 21.76 -11.63 15.23
N GLN F 27 20.69 -10.90 14.96
CA GLN F 27 20.56 -10.07 13.77
C GLN F 27 20.45 -8.62 14.18
N SER F 28 20.50 -7.74 13.19
CA SER F 28 20.48 -6.30 13.46
C SER F 28 19.13 -5.89 14.04
N LEU F 29 19.17 -5.06 15.07
CA LEU F 29 17.96 -4.53 15.70
C LEU F 29 17.62 -3.13 15.22
N LEU F 30 18.20 -2.72 14.10
CA LEU F 30 18.06 -1.36 13.59
C LEU F 30 17.02 -1.34 12.47
N TYR F 31 15.92 -0.63 12.69
CA TYR F 31 14.95 -0.39 11.62
C TYR F 31 15.49 0.71 10.73
N ARG F 32 15.76 0.37 9.47
CA ARG F 32 16.33 1.36 8.56
C ARG F 32 15.34 2.44 8.17
N SER F 33 14.05 2.23 8.41
CA SER F 33 13.07 3.28 8.15
C SER F 33 13.33 4.49 9.03
N ASN F 34 13.20 4.32 10.34
CA ASN F 34 13.60 5.31 11.33
C ASN F 34 14.76 4.71 12.09
N GLN F 35 15.95 5.28 11.94
CA GLN F 35 17.16 4.60 12.37
C GLN F 35 17.27 4.56 13.88
N LYS F 36 16.39 3.80 14.52
CA LYS F 36 16.42 3.60 15.96
C LYS F 36 16.63 2.13 16.26
N ASN F 37 17.59 1.83 17.11
CA ASN F 37 17.82 0.47 17.54
C ASN F 37 16.82 0.10 18.63
N TYR F 38 16.14 -1.02 18.44
CA TYR F 38 15.06 -1.43 19.35
C TYR F 38 15.63 -2.43 20.34
N LEU F 39 16.21 -1.90 21.42
CA LEU F 39 16.80 -2.71 22.47
C LEU F 39 16.70 -1.95 23.78
N ALA F 40 16.28 -2.63 24.84
CA ALA F 40 16.11 -2.02 26.15
C ALA F 40 17.00 -2.71 27.17
N TRP F 41 17.27 -2.01 28.27
CA TRP F 41 18.05 -2.52 29.38
C TRP F 41 17.23 -2.45 30.65
N TYR F 42 17.13 -3.57 31.35
CA TYR F 42 16.39 -3.65 32.60
C TYR F 42 17.33 -3.89 33.77
N GLN F 43 16.85 -3.60 34.96
CA GLN F 43 17.62 -3.77 36.19
C GLN F 43 16.72 -4.40 37.24
N GLN F 44 17.06 -5.61 37.67
CA GLN F 44 16.26 -6.34 38.65
C GLN F 44 17.02 -6.38 39.97
N LYS F 45 16.61 -5.52 40.91
CA LYS F 45 17.16 -5.56 42.24
C LYS F 45 16.87 -6.92 42.88
N PRO F 46 17.63 -7.30 43.91
CA PRO F 46 17.35 -8.57 44.58
C PRO F 46 15.94 -8.63 45.16
N GLY F 47 15.13 -9.52 44.62
CA GLY F 47 13.76 -9.68 45.10
C GLY F 47 12.82 -8.57 44.70
N GLN F 48 12.93 -8.07 43.47
CA GLN F 48 12.04 -7.03 42.97
C GLN F 48 11.72 -7.31 41.51
N SER F 49 10.81 -6.52 40.98
CA SER F 49 10.46 -6.64 39.57
C SER F 49 11.45 -5.84 38.72
N PRO F 50 11.78 -6.34 37.53
CA PRO F 50 12.70 -5.60 36.67
C PRO F 50 12.13 -4.26 36.27
N LYS F 51 12.94 -3.21 36.44
CA LYS F 51 12.56 -1.86 36.08
C LYS F 51 13.36 -1.40 34.88
N LEU F 52 12.74 -0.62 34.01
CA LEU F 52 13.38 -0.17 32.79
C LEU F 52 14.42 0.91 33.10
N LEU F 53 15.56 0.81 32.43
CA LEU F 53 16.62 1.81 32.56
C LEU F 53 16.79 2.62 31.27
N ILE F 54 17.02 1.94 30.15
CA ILE F 54 17.31 2.60 28.88
C ILE F 54 16.52 1.90 27.79
N TYR F 55 15.75 2.66 27.03
CA TYR F 55 15.05 2.14 25.87
C TYR F 55 15.59 2.80 24.60
N TRP F 56 15.42 2.11 23.48
CA TRP F 56 16.01 2.48 22.20
C TRP F 56 17.53 2.55 22.26
N ALA F 57 18.11 1.89 23.26
CA ALA F 57 19.55 1.65 23.37
C ALA F 57 20.34 2.90 23.71
N SER F 58 19.69 4.07 23.72
CA SER F 58 20.41 5.29 24.05
C SER F 58 19.68 6.23 25.00
N THR F 59 18.36 6.18 25.10
CA THR F 59 17.60 7.15 25.89
C THR F 59 17.29 6.58 27.25
N ARG F 60 17.61 7.34 28.29
CA ARG F 60 17.33 6.91 29.66
C ARG F 60 15.85 7.08 29.97
N GLU F 61 15.33 6.15 30.78
CA GLU F 61 13.97 6.27 31.25
C GLU F 61 13.85 7.40 32.25
N SER F 62 12.70 8.06 32.25
CA SER F 62 12.45 9.16 33.18
C SER F 62 12.59 8.67 34.62
N GLY F 63 13.54 9.25 35.35
CA GLY F 63 13.79 8.85 36.71
C GLY F 63 14.99 7.95 36.90
N VAL F 64 15.86 7.83 35.91
CA VAL F 64 17.05 6.99 36.01
C VAL F 64 18.26 7.89 36.25
N PRO F 65 19.17 7.51 37.16
CA PRO F 65 20.36 8.34 37.37
C PRO F 65 21.17 8.52 36.09
N ASP F 66 21.92 9.62 36.05
CA ASP F 66 22.67 9.97 34.85
C ASP F 66 23.87 9.05 34.60
N ARG F 67 24.28 8.27 35.59
CA ARG F 67 25.46 7.44 35.42
C ARG F 67 25.25 6.27 34.48
N PHE F 68 24.02 5.97 34.10
CA PHE F 68 23.73 4.90 33.16
C PHE F 68 23.69 5.46 31.75
N THR F 69 24.56 4.94 30.87
CA THR F 69 24.63 5.40 29.49
C THR F 69 24.75 4.19 28.58
N GLY F 70 23.78 4.00 27.69
CA GLY F 70 23.80 2.92 26.73
C GLY F 70 24.21 3.43 25.36
N SER F 71 24.94 2.60 24.63
CA SER F 71 25.45 2.98 23.32
C SER F 71 25.43 1.74 22.44
N GLY F 72 25.97 1.88 21.23
CA GLY F 72 26.01 0.79 20.28
C GLY F 72 24.90 0.88 19.26
N SER F 73 25.07 0.14 18.17
CA SER F 73 24.08 0.10 17.10
C SER F 73 24.31 -1.14 16.27
N GLY F 74 23.22 -1.67 15.72
CA GLY F 74 23.30 -2.86 14.90
C GLY F 74 23.14 -4.14 15.67
N THR F 75 24.25 -4.80 15.97
CA THR F 75 24.22 -6.08 16.69
C THR F 75 25.04 -6.06 17.97
N ASP F 76 25.75 -4.98 18.27
CA ASP F 76 26.58 -4.88 19.47
C ASP F 76 26.15 -3.65 20.26
N PHE F 77 25.62 -3.88 21.46
CA PHE F 77 25.19 -2.81 22.34
C PHE F 77 25.90 -2.92 23.67
N THR F 78 26.09 -1.78 24.33
CA THR F 78 26.82 -1.75 25.59
C THR F 78 26.08 -0.85 26.57
N LEU F 79 26.02 -1.29 27.82
CA LEU F 79 25.50 -0.48 28.92
C LEU F 79 26.66 -0.14 29.83
N THR F 80 26.88 1.16 30.05
CA THR F 80 28.01 1.64 30.82
C THR F 80 27.52 2.37 32.06
N ILE F 81 28.19 2.11 33.18
CA ILE F 81 27.93 2.81 34.43
C ILE F 81 29.20 3.60 34.77
N SER F 82 29.07 4.92 34.86
CA SER F 82 30.24 5.76 35.08
C SER F 82 30.85 5.51 36.45
N SER F 83 30.02 5.55 37.50
CA SER F 83 30.49 5.35 38.87
C SER F 83 29.53 4.41 39.56
N VAL F 84 29.96 3.16 39.78
CA VAL F 84 29.12 2.18 40.45
C VAL F 84 28.91 2.59 41.89
N LYS F 85 27.66 2.64 42.32
CA LYS F 85 27.30 2.93 43.69
C LYS F 85 26.85 1.65 44.39
N ALA F 86 26.50 1.78 45.67
CA ALA F 86 26.13 0.61 46.45
C ALA F 86 24.78 0.04 46.01
N GLU F 87 23.86 0.89 45.56
CA GLU F 87 22.53 0.42 45.17
C GLU F 87 22.48 -0.11 43.75
N ASP F 88 23.60 -0.09 43.02
CA ASP F 88 23.65 -0.61 41.66
C ASP F 88 23.94 -2.11 41.61
N LEU F 89 23.75 -2.82 42.72
CA LEU F 89 23.98 -4.26 42.77
C LEU F 89 22.69 -4.94 42.35
N ALA F 90 22.65 -5.42 41.10
CA ALA F 90 21.45 -6.05 40.57
C ALA F 90 21.84 -6.85 39.33
N VAL F 91 20.85 -7.49 38.73
CA VAL F 91 21.02 -8.23 37.48
C VAL F 91 20.48 -7.36 36.36
N TYR F 92 21.27 -7.20 35.31
CA TYR F 92 20.93 -6.33 34.19
C TYR F 92 20.63 -7.18 32.96
N TYR F 93 19.40 -7.08 32.47
CA TYR F 93 18.96 -7.79 31.28
C TYR F 93 18.88 -6.84 30.10
N CYS F 94 19.16 -7.35 28.92
CA CYS F 94 18.92 -6.64 27.67
C CYS F 94 17.90 -7.42 26.87
N GLN F 95 16.81 -6.76 26.50
CA GLN F 95 15.80 -7.36 25.65
C GLN F 95 15.71 -6.61 24.34
N GLN F 96 15.12 -7.27 23.35
CA GLN F 96 14.86 -6.65 22.05
C GLN F 96 13.37 -6.65 21.79
N TYR F 97 12.86 -5.56 21.24
CA TYR F 97 11.50 -5.51 20.75
C TYR F 97 11.48 -5.17 19.26
N TYR F 98 12.48 -5.65 18.53
CA TYR F 98 12.52 -5.44 17.09
C TYR F 98 11.37 -6.16 16.40
N ASN F 99 10.99 -7.33 16.90
CA ASN F 99 9.88 -8.09 16.34
C ASN F 99 9.34 -9.01 17.42
N TYR F 100 8.45 -9.92 17.02
CA TYR F 100 7.91 -10.89 17.95
C TYR F 100 8.47 -12.28 17.65
N PRO F 101 8.73 -13.10 18.67
CA PRO F 101 8.54 -12.80 20.09
C PRO F 101 9.69 -12.01 20.70
N ARG F 102 9.42 -11.26 21.77
CA ARG F 102 10.48 -10.57 22.48
C ARG F 102 11.40 -11.59 23.15
N THR F 103 12.69 -11.31 23.16
CA THR F 103 13.67 -12.19 23.76
C THR F 103 14.58 -11.40 24.68
N PHE F 104 14.88 -11.97 25.83
CA PHE F 104 15.76 -11.35 26.82
C PHE F 104 17.14 -11.97 26.77
N GLY F 105 18.11 -11.26 27.33
CA GLY F 105 19.45 -11.79 27.45
C GLY F 105 19.58 -12.72 28.63
N GLY F 106 20.76 -13.34 28.74
CA GLY F 106 21.03 -14.24 29.84
C GLY F 106 21.13 -13.55 31.18
N GLY F 107 21.31 -12.24 31.19
CA GLY F 107 21.45 -11.50 32.43
C GLY F 107 22.88 -11.38 32.88
N THR F 108 23.27 -10.20 33.33
CA THR F 108 24.62 -9.93 33.81
C THR F 108 24.53 -9.54 35.28
N LYS F 109 24.99 -10.43 36.15
CA LYS F 109 24.94 -10.16 37.58
C LYS F 109 26.13 -9.28 37.98
N LEU F 110 25.84 -8.15 38.61
CA LEU F 110 26.87 -7.22 39.03
C LEU F 110 27.11 -7.40 40.53
N GLU F 111 28.35 -7.76 40.88
CA GLU F 111 28.73 -8.04 42.26
C GLU F 111 29.66 -6.93 42.74
N ILE F 112 29.22 -6.19 43.74
CA ILE F 112 30.03 -5.11 44.31
C ILE F 112 31.13 -5.71 45.16
N LYS F 113 32.33 -5.14 45.07
CA LYS F 113 33.48 -5.65 45.79
C LYS F 113 34.06 -4.59 46.72
N ASP G 1 0.89 -26.88 1.31
CA ASP G 1 2.04 -27.25 0.51
C ASP G 1 1.62 -27.70 -0.87
N ILE G 2 2.18 -27.08 -1.90
CA ILE G 2 1.88 -27.45 -3.27
C ILE G 2 2.47 -28.83 -3.54
N VAL G 3 1.62 -29.77 -3.93
CA VAL G 3 2.04 -31.15 -4.17
C VAL G 3 2.43 -31.30 -5.64
N MET G 4 3.70 -31.57 -5.88
CA MET G 4 4.19 -31.83 -7.24
C MET G 4 4.10 -33.32 -7.54
N SER G 5 3.72 -33.66 -8.76
CA SER G 5 3.54 -35.04 -9.16
C SER G 5 4.12 -35.23 -10.55
N GLN G 6 5.14 -36.07 -10.68
CA GLN G 6 5.73 -36.38 -11.96
C GLN G 6 5.08 -37.65 -12.52
N SER G 7 4.67 -37.59 -13.80
CA SER G 7 3.88 -38.69 -14.36
C SER G 7 4.72 -39.95 -14.52
N PRO G 8 5.81 -39.97 -15.29
CA PRO G 8 6.57 -41.22 -15.42
C PRO G 8 7.56 -41.36 -14.26
N SER G 9 7.36 -42.38 -13.44
CA SER G 9 8.28 -42.60 -12.33
C SER G 9 9.65 -43.06 -12.83
N SER G 10 9.67 -43.88 -13.87
CA SER G 10 10.92 -44.36 -14.45
C SER G 10 10.64 -44.84 -15.85
N LEU G 11 11.23 -44.20 -16.85
CA LEU G 11 11.00 -44.55 -18.24
C LEU G 11 12.33 -44.79 -18.93
N ALA G 12 12.37 -45.80 -19.80
CA ALA G 12 13.56 -46.16 -20.54
C ALA G 12 13.55 -45.53 -21.93
N VAL G 13 14.74 -45.38 -22.50
CA VAL G 13 14.89 -44.77 -23.80
C VAL G 13 16.27 -45.15 -24.34
N SER G 14 16.42 -45.10 -25.66
CA SER G 14 17.69 -45.37 -26.31
C SER G 14 18.40 -44.07 -26.65
N VAL G 15 19.69 -44.18 -26.94
CA VAL G 15 20.49 -43.01 -27.28
C VAL G 15 19.99 -42.43 -28.59
N GLY G 16 19.86 -41.10 -28.64
CA GLY G 16 19.38 -40.43 -29.82
C GLY G 16 17.90 -40.67 -30.05
N GLU G 17 17.07 -40.19 -29.12
CA GLU G 17 15.63 -40.37 -29.20
C GLU G 17 14.96 -39.34 -28.32
N LYS G 18 13.84 -38.79 -28.81
CA LYS G 18 13.12 -37.78 -28.05
C LYS G 18 12.42 -38.41 -26.85
N VAL G 19 12.43 -37.69 -25.73
CA VAL G 19 11.78 -38.15 -24.50
C VAL G 19 11.16 -36.94 -23.81
N THR G 20 10.06 -37.19 -23.11
CA THR G 20 9.34 -36.14 -22.41
C THR G 20 9.04 -36.59 -20.99
N MET G 21 9.10 -35.64 -20.04
CA MET G 21 8.80 -35.89 -18.65
C MET G 21 7.80 -34.85 -18.18
N SER G 22 6.73 -35.31 -17.53
CA SER G 22 5.66 -34.43 -17.08
C SER G 22 5.79 -34.14 -15.59
N CYS G 23 5.23 -33.00 -15.18
CA CYS G 23 5.25 -32.56 -13.79
C CYS G 23 3.90 -31.91 -13.51
N LYS G 24 2.95 -32.70 -13.02
CA LYS G 24 1.62 -32.21 -12.72
C LYS G 24 1.61 -31.57 -11.35
N SER G 25 1.17 -30.31 -11.29
CA SER G 25 1.16 -29.55 -10.05
C SER G 25 -0.19 -29.63 -9.36
N SER G 26 -0.22 -29.20 -8.10
CA SER G 26 -1.46 -29.17 -7.34
C SER G 26 -2.29 -27.95 -7.70
N GLN G 27 -1.75 -26.75 -7.48
CA GLN G 27 -2.36 -25.50 -7.87
C GLN G 27 -1.49 -24.81 -8.90
N SER G 28 -2.03 -23.73 -9.48
CA SER G 28 -1.32 -23.03 -10.53
C SER G 28 -0.06 -22.37 -9.99
N LEU G 29 1.04 -22.49 -10.72
CA LEU G 29 2.31 -21.88 -10.36
C LEU G 29 2.54 -20.58 -11.11
N LEU G 30 1.50 -20.00 -11.69
CA LEU G 30 1.62 -18.82 -12.52
C LEU G 30 1.22 -17.58 -11.72
N TYR G 31 2.16 -16.68 -11.52
CA TYR G 31 1.86 -15.38 -10.93
C TYR G 31 1.24 -14.49 -12.00
N ARG G 32 -0.02 -14.11 -11.81
CA ARG G 32 -0.70 -13.32 -12.82
C ARG G 32 -0.16 -11.90 -12.90
N SER G 33 0.58 -11.44 -11.89
CA SER G 33 1.20 -10.12 -11.97
C SER G 33 2.19 -10.06 -13.13
N ASN G 34 3.25 -10.85 -13.04
CA ASN G 34 4.19 -11.05 -14.15
C ASN G 34 4.04 -12.51 -14.58
N GLN G 35 3.52 -12.72 -15.78
CA GLN G 35 3.04 -14.05 -16.14
C GLN G 35 4.21 -15.02 -16.35
N LYS G 36 4.90 -15.35 -15.27
CA LYS G 36 5.98 -16.32 -15.29
C LYS G 36 5.63 -17.49 -14.39
N ASN G 37 5.75 -18.70 -14.91
CA ASN G 37 5.53 -19.90 -14.12
C ASN G 37 6.76 -20.19 -13.29
N TYR G 38 6.58 -20.37 -11.99
CA TYR G 38 7.69 -20.54 -11.06
C TYR G 38 7.89 -22.03 -10.82
N LEU G 39 8.65 -22.66 -11.71
CA LEU G 39 8.95 -24.08 -11.63
C LEU G 39 10.31 -24.33 -12.26
N ALA G 40 11.13 -25.13 -11.59
CA ALA G 40 12.47 -25.43 -12.06
C ALA G 40 12.64 -26.92 -12.26
N TRP G 41 13.63 -27.28 -13.07
CA TRP G 41 13.97 -28.68 -13.35
C TRP G 41 15.42 -28.92 -12.98
N TYR G 42 15.66 -29.93 -12.16
CA TYR G 42 17.01 -30.29 -11.75
C TYR G 42 17.40 -31.64 -12.32
N GLN G 43 18.71 -31.89 -12.33
CA GLN G 43 19.25 -33.13 -12.86
C GLN G 43 20.33 -33.63 -11.91
N GLN G 44 20.12 -34.78 -11.30
CA GLN G 44 21.05 -35.34 -10.34
C GLN G 44 21.74 -36.55 -10.96
N LYS G 45 22.97 -36.36 -11.41
CA LYS G 45 23.77 -37.47 -11.89
C LYS G 45 23.98 -38.48 -10.77
N PRO G 46 24.31 -39.73 -11.12
CA PRO G 46 24.57 -40.73 -10.07
C PRO G 46 25.70 -40.31 -9.14
N GLY G 47 25.37 -40.08 -7.87
CA GLY G 47 26.37 -39.70 -6.89
C GLY G 47 26.88 -38.28 -7.02
N GLN G 48 26.00 -37.34 -7.34
CA GLN G 48 26.37 -35.93 -7.44
C GLN G 48 25.26 -35.07 -6.86
N SER G 49 25.53 -33.79 -6.77
CA SER G 49 24.53 -32.84 -6.30
C SER G 49 23.62 -32.42 -7.46
N PRO G 50 22.34 -32.20 -7.19
CA PRO G 50 21.43 -31.78 -8.26
C PRO G 50 21.85 -30.43 -8.81
N LYS G 51 21.93 -30.36 -10.14
CA LYS G 51 22.28 -29.13 -10.83
C LYS G 51 21.06 -28.60 -11.59
N LEU G 52 20.94 -27.29 -11.64
CA LEU G 52 19.79 -26.67 -12.27
C LEU G 52 19.89 -26.78 -13.79
N LEU G 53 18.76 -27.08 -14.43
CA LEU G 53 18.68 -27.14 -15.88
C LEU G 53 17.83 -26.01 -16.45
N ILE G 54 16.58 -25.89 -15.98
CA ILE G 54 15.63 -24.92 -16.52
C ILE G 54 14.91 -24.27 -15.36
N TYR G 55 14.93 -22.94 -15.33
CA TYR G 55 14.16 -22.18 -14.35
C TYR G 55 13.08 -21.37 -15.07
N TRP G 56 12.04 -21.03 -14.32
CA TRP G 56 10.84 -20.39 -14.86
C TRP G 56 10.18 -21.23 -15.94
N ALA G 57 10.47 -22.53 -15.96
CA ALA G 57 9.79 -23.53 -16.77
C ALA G 57 10.08 -23.42 -18.26
N SER G 58 10.80 -22.37 -18.67
CA SER G 58 11.13 -22.23 -20.08
C SER G 58 12.56 -21.82 -20.38
N THR G 59 13.26 -21.18 -19.46
CA THR G 59 14.59 -20.63 -19.74
C THR G 59 15.66 -21.60 -19.25
N ARG G 60 16.59 -21.92 -20.14
CA ARG G 60 17.69 -22.81 -19.78
C ARG G 60 18.71 -22.07 -18.93
N GLU G 61 19.31 -22.81 -18.00
CA GLU G 61 20.41 -22.26 -17.20
C GLU G 61 21.65 -22.10 -18.07
N SER G 62 22.44 -21.07 -17.76
CA SER G 62 23.66 -20.82 -18.50
C SER G 62 24.60 -22.01 -18.39
N GLY G 63 24.91 -22.62 -19.53
CA GLY G 63 25.76 -23.80 -19.56
C GLY G 63 25.04 -25.10 -19.73
N VAL G 64 23.76 -25.08 -20.13
CA VAL G 64 22.98 -26.30 -20.31
C VAL G 64 22.88 -26.58 -21.81
N PRO G 65 23.05 -27.82 -22.26
CA PRO G 65 22.92 -28.13 -23.68
C PRO G 65 21.55 -27.72 -24.22
N ASP G 66 21.52 -27.45 -25.53
CA ASP G 66 20.29 -26.97 -26.17
C ASP G 66 19.21 -28.03 -26.28
N ARG G 67 19.54 -29.30 -26.08
CA ARG G 67 18.56 -30.35 -26.27
C ARG G 67 17.51 -30.38 -25.17
N PHE G 68 17.70 -29.66 -24.07
CA PHE G 68 16.73 -29.59 -22.99
C PHE G 68 15.79 -28.42 -23.24
N THR G 69 14.49 -28.69 -23.35
CA THR G 69 13.49 -27.66 -23.58
C THR G 69 12.30 -27.93 -22.68
N GLY G 70 12.00 -26.98 -21.80
CA GLY G 70 10.85 -27.07 -20.92
C GLY G 70 9.71 -26.20 -21.43
N SER G 71 8.49 -26.68 -21.23
CA SER G 71 7.30 -25.97 -21.71
C SER G 71 6.19 -26.18 -20.70
N GLY G 72 5.00 -25.70 -21.04
CA GLY G 72 3.85 -25.82 -20.18
C GLY G 72 3.60 -24.56 -19.38
N SER G 73 2.39 -24.46 -18.84
CA SER G 73 2.00 -23.32 -18.03
C SER G 73 0.79 -23.71 -17.19
N GLY G 74 0.71 -23.10 -16.00
CA GLY G 74 -0.39 -23.37 -15.10
C GLY G 74 -0.11 -24.50 -14.14
N THR G 75 -0.63 -25.68 -14.43
CA THR G 75 -0.46 -26.84 -13.58
C THR G 75 0.18 -28.03 -14.27
N ASP G 76 0.44 -27.95 -15.57
CA ASP G 76 1.03 -29.05 -16.32
C ASP G 76 2.28 -28.55 -17.02
N PHE G 77 3.43 -29.08 -16.63
CA PHE G 77 4.71 -28.70 -17.20
C PHE G 77 5.41 -29.95 -17.74
N THR G 78 6.23 -29.76 -18.77
CA THR G 78 6.90 -30.87 -19.42
C THR G 78 8.35 -30.50 -19.70
N LEU G 79 9.25 -31.45 -19.46
CA LEU G 79 10.66 -31.32 -19.81
C LEU G 79 10.94 -32.29 -20.95
N THR G 80 11.43 -31.76 -22.07
CA THR G 80 11.67 -32.55 -23.26
C THR G 80 13.15 -32.56 -23.59
N ILE G 81 13.64 -33.74 -23.97
CA ILE G 81 15.01 -33.91 -24.44
C ILE G 81 14.93 -34.34 -25.90
N SER G 82 15.51 -33.53 -26.80
CA SER G 82 15.38 -33.81 -28.22
C SER G 82 16.12 -35.08 -28.60
N SER G 83 17.38 -35.21 -28.19
CA SER G 83 18.19 -36.38 -28.50
C SER G 83 18.91 -36.82 -27.22
N VAL G 84 18.45 -37.93 -26.63
CA VAL G 84 19.07 -38.44 -25.42
C VAL G 84 20.48 -38.92 -25.74
N LYS G 85 21.45 -38.43 -24.96
CA LYS G 85 22.84 -38.86 -25.09
C LYS G 85 23.18 -39.78 -23.92
N ALA G 86 24.44 -40.25 -23.91
CA ALA G 86 24.86 -41.20 -22.88
C ALA G 86 24.97 -40.55 -21.52
N GLU G 87 25.33 -39.26 -21.46
CA GLU G 87 25.52 -38.58 -20.20
C GLU G 87 24.21 -38.03 -19.62
N ASP G 88 23.09 -38.23 -20.30
CA ASP G 88 21.80 -37.77 -19.81
C ASP G 88 21.10 -38.79 -18.92
N LEU G 89 21.86 -39.75 -18.39
CA LEU G 89 21.32 -40.77 -17.49
C LEU G 89 21.37 -40.22 -16.08
N ALA G 90 20.23 -39.76 -15.57
CA ALA G 90 20.17 -39.16 -14.25
C ALA G 90 18.72 -39.13 -13.79
N VAL G 91 18.50 -38.63 -12.59
CA VAL G 91 17.17 -38.43 -12.04
C VAL G 91 16.81 -36.97 -12.19
N TYR G 92 15.63 -36.69 -12.73
CA TYR G 92 15.18 -35.34 -13.01
C TYR G 92 14.06 -34.96 -12.06
N TYR G 93 14.29 -33.94 -11.26
CA TYR G 93 13.31 -33.43 -10.31
C TYR G 93 12.71 -32.13 -10.83
N CYS G 94 11.44 -31.90 -10.51
CA CYS G 94 10.80 -30.62 -10.74
C CYS G 94 10.39 -30.05 -9.39
N GLN G 95 10.83 -28.84 -9.10
CA GLN G 95 10.44 -28.15 -7.89
C GLN G 95 9.68 -26.89 -8.24
N GLN G 96 8.95 -26.38 -7.27
CA GLN G 96 8.24 -25.12 -7.40
C GLN G 96 8.75 -24.14 -6.36
N TYR G 97 8.91 -22.89 -6.76
CA TYR G 97 9.21 -21.81 -5.83
C TYR G 97 8.13 -20.74 -5.90
N TYR G 98 6.89 -21.16 -6.15
CA TYR G 98 5.77 -20.22 -6.17
C TYR G 98 5.54 -19.60 -4.80
N ASN G 99 5.75 -20.38 -3.74
CA ASN G 99 5.57 -19.89 -2.37
C ASN G 99 6.40 -20.77 -1.45
N TYR G 100 6.22 -20.59 -0.15
CA TYR G 100 6.91 -21.41 0.82
C TYR G 100 5.94 -22.36 1.49
N PRO G 101 6.35 -23.60 1.80
CA PRO G 101 7.70 -24.13 1.56
C PRO G 101 7.89 -24.65 0.15
N ARG G 102 9.13 -24.68 -0.33
CA ARG G 102 9.41 -25.27 -1.63
C ARG G 102 9.16 -26.78 -1.56
N THR G 103 8.64 -27.33 -2.65
CA THR G 103 8.35 -28.75 -2.73
C THR G 103 8.92 -29.31 -4.02
N PHE G 104 9.50 -30.49 -3.93
CA PHE G 104 10.08 -31.18 -5.07
C PHE G 104 9.16 -32.29 -5.55
N GLY G 105 9.39 -32.72 -6.78
CA GLY G 105 8.65 -33.85 -7.31
C GLY G 105 9.22 -35.18 -6.84
N GLY G 106 8.52 -36.25 -7.20
CA GLY G 106 8.99 -37.57 -6.84
C GLY G 106 10.25 -38.00 -7.55
N GLY G 107 10.60 -37.32 -8.64
CA GLY G 107 11.78 -37.68 -9.40
C GLY G 107 11.48 -38.67 -10.51
N THR G 108 12.06 -38.44 -11.69
CA THR G 108 11.87 -39.31 -12.83
C THR G 108 13.24 -39.88 -13.22
N LYS G 109 13.42 -41.17 -12.97
CA LYS G 109 14.70 -41.81 -13.29
C LYS G 109 14.72 -42.18 -14.77
N LEU G 110 15.74 -41.71 -15.47
CA LEU G 110 15.90 -41.97 -16.90
C LEU G 110 16.92 -43.09 -17.07
N GLU G 111 16.49 -44.18 -17.68
CA GLU G 111 17.33 -45.36 -17.88
C GLU G 111 17.63 -45.49 -19.37
N ILE G 112 18.90 -45.39 -19.73
CA ILE G 112 19.32 -45.53 -21.12
C ILE G 112 19.27 -46.99 -21.51
N LYS G 113 18.80 -47.26 -22.73
CA LYS G 113 18.65 -48.62 -23.22
C LYS G 113 19.48 -48.86 -24.48
N LEU H 69 15.55 45.54 -15.27
CA LEU H 69 15.15 44.14 -15.42
C LEU H 69 14.24 43.71 -14.28
N PHE H 70 12.95 43.58 -14.57
CA PHE H 70 11.92 43.24 -13.59
C PHE H 70 11.99 44.17 -12.39
N PRO H 71 11.60 45.44 -12.55
CA PRO H 71 11.67 46.37 -11.41
C PRO H 71 10.64 46.07 -10.34
N GLN H 72 9.47 45.58 -10.69
CA GLN H 72 8.41 45.32 -9.72
C GLN H 72 8.52 43.94 -9.09
N TRP H 73 9.51 43.15 -9.46
CA TRP H 73 9.70 41.83 -8.89
C TRP H 73 10.91 41.73 -7.97
N HIS H 74 11.69 42.79 -7.83
CA HIS H 74 12.84 42.75 -6.94
C HIS H 74 12.42 42.58 -5.49
N LEU H 75 11.52 43.44 -5.02
CA LEU H 75 11.08 43.36 -3.63
C LEU H 75 10.36 42.06 -3.30
N PRO H 76 9.41 41.58 -4.10
CA PRO H 76 8.74 40.32 -3.72
C PRO H 76 9.66 39.12 -3.73
N ILE H 77 10.60 39.04 -4.69
CA ILE H 77 11.49 37.89 -4.75
C ILE H 77 12.46 37.89 -3.58
N LYS H 78 13.01 39.05 -3.24
CA LYS H 78 13.91 39.12 -2.09
C LYS H 78 13.20 38.70 -0.80
N ILE H 79 11.94 39.10 -0.65
CA ILE H 79 11.18 38.68 0.53
C ILE H 79 10.86 37.20 0.45
N ALA H 80 10.57 36.69 -0.75
CA ALA H 80 10.30 35.27 -0.91
C ALA H 80 11.56 34.45 -0.68
N ALA H 81 12.72 34.95 -1.11
CA ALA H 81 13.96 34.22 -0.91
C ALA H 81 14.38 34.23 0.55
N ILE H 82 14.13 35.32 1.25
CA ILE H 82 14.48 35.40 2.66
C ILE H 82 13.63 34.44 3.48
N ILE H 83 12.31 34.43 3.22
CA ILE H 83 11.43 33.52 3.95
C ILE H 83 11.77 32.07 3.61
N ALA H 84 12.05 31.78 2.35
CA ALA H 84 12.37 30.42 1.95
C ALA H 84 13.69 29.96 2.55
N SER H 85 14.72 30.80 2.47
CA SER H 85 16.02 30.41 3.00
C SER H 85 15.99 30.29 4.53
N LEU H 86 15.26 31.18 5.19
CA LEU H 86 15.19 31.13 6.65
C LEU H 86 14.38 29.93 7.11
N THR H 87 13.27 29.64 6.44
CA THR H 87 12.48 28.47 6.81
C THR H 87 13.22 27.17 6.49
N PHE H 88 13.97 27.16 5.38
CA PHE H 88 14.69 25.95 5.00
C PHE H 88 15.68 25.54 6.08
N LEU H 89 16.56 26.47 6.48
CA LEU H 89 17.50 26.16 7.55
C LEU H 89 16.79 25.82 8.85
N TYR H 90 15.64 26.44 9.10
CA TYR H 90 14.90 26.14 10.32
C TYR H 90 14.29 24.75 10.27
N THR H 91 13.70 24.38 9.13
CA THR H 91 13.12 23.04 9.01
C THR H 91 14.19 21.98 8.90
N LEU H 92 15.26 22.26 8.16
CA LEU H 92 16.36 21.30 8.06
C LEU H 92 16.99 21.05 9.42
N LEU H 93 16.93 22.03 10.31
CA LEU H 93 17.53 21.86 11.64
C LEU H 93 16.68 20.94 12.51
N ARG H 94 15.35 21.05 12.40
CA ARG H 94 14.48 20.26 13.27
C ARG H 94 14.32 18.83 12.77
N GLU H 95 14.50 18.58 11.47
CA GLU H 95 14.22 17.29 10.90
C GLU H 95 15.46 16.47 10.55
N VAL H 96 16.61 17.10 10.39
CA VAL H 96 17.83 16.42 9.96
C VAL H 96 18.98 16.64 10.94
N ILE H 97 19.25 17.90 11.28
CA ILE H 97 20.41 18.20 12.11
C ILE H 97 20.20 17.69 13.54
N HIS H 98 19.03 17.95 14.12
CA HIS H 98 18.78 17.51 15.49
C HIS H 98 18.84 16.00 15.65
N PRO H 99 18.22 15.18 14.80
CA PRO H 99 18.40 13.73 14.97
C PRO H 99 19.82 13.28 14.69
N LEU H 100 20.54 13.99 13.82
CA LEU H 100 21.91 13.59 13.49
C LEU H 100 22.86 13.85 14.65
N ALA H 101 22.68 14.97 15.35
CA ALA H 101 23.57 15.31 16.45
C ALA H 101 23.35 14.39 17.64
N THR H 102 22.15 14.39 18.20
CA THR H 102 21.82 13.54 19.32
C THR H 102 21.21 12.25 18.81
N SER H 103 21.76 11.11 19.25
CA SER H 103 21.30 9.78 18.85
C SER H 103 21.35 9.64 17.32
N HIS H 104 22.59 9.60 16.82
CA HIS H 104 22.91 9.70 15.40
C HIS H 104 21.91 8.95 14.53
N GLN H 105 21.29 9.69 13.61
CA GLN H 105 20.33 9.13 12.67
C GLN H 105 20.48 9.90 11.37
N GLN H 106 20.59 9.18 10.25
CA GLN H 106 20.87 9.82 8.97
C GLN H 106 19.76 10.78 8.57
N TYR H 107 18.58 10.26 8.26
CA TYR H 107 17.42 11.07 7.87
C TYR H 107 17.73 12.01 6.71
N PHE H 108 18.79 11.74 5.95
CA PHE H 108 19.16 12.63 4.86
C PHE H 108 18.22 12.53 3.67
N TYR H 109 17.43 11.46 3.59
CA TYR H 109 16.50 11.31 2.47
C TYR H 109 15.30 12.23 2.57
N LYS H 110 15.09 12.88 3.72
CA LYS H 110 13.94 13.75 3.88
C LYS H 110 14.12 15.12 3.24
N ILE H 111 15.34 15.46 2.85
CA ILE H 111 15.65 16.79 2.33
C ILE H 111 14.95 17.05 0.99
N PRO H 112 15.04 16.16 -0.01
CA PRO H 112 14.51 16.52 -1.34
C PRO H 112 13.02 16.80 -1.36
N ILE H 113 12.21 16.12 -0.55
CA ILE H 113 10.78 16.30 -0.63
C ILE H 113 10.18 16.69 0.72
N LEU H 114 10.41 15.87 1.73
CA LEU H 114 9.77 16.08 3.02
C LEU H 114 10.21 17.38 3.71
N VAL H 115 11.31 17.98 3.25
CA VAL H 115 11.75 19.27 3.76
C VAL H 115 11.32 20.41 2.83
N ILE H 116 11.44 20.20 1.53
CA ILE H 116 11.01 21.21 0.57
C ILE H 116 9.51 21.42 0.67
N ASN H 117 8.75 20.36 0.89
CA ASN H 117 7.30 20.48 1.02
C ASN H 117 6.89 21.07 2.36
N LYS H 118 7.83 21.45 3.21
CA LYS H 118 7.54 22.26 4.38
C LYS H 118 7.99 23.69 4.25
N VAL H 119 8.76 24.01 3.20
CA VAL H 119 9.14 25.39 2.92
C VAL H 119 8.16 26.05 1.96
N LEU H 120 7.76 25.32 0.92
CA LEU H 120 6.81 25.86 -0.06
C LEU H 120 5.50 26.31 0.57
N PRO H 121 4.81 25.51 1.38
CA PRO H 121 3.54 25.99 1.93
C PRO H 121 3.70 27.17 2.86
N MET H 122 4.76 27.20 3.66
CA MET H 122 4.97 28.34 4.56
C MET H 122 5.27 29.61 3.77
N VAL H 123 6.05 29.49 2.70
CA VAL H 123 6.27 30.63 1.82
C VAL H 123 4.98 31.01 1.11
N SER H 124 4.18 30.02 0.71
CA SER H 124 2.96 30.30 -0.02
C SER H 124 1.94 31.02 0.85
N ILE H 125 1.74 30.55 2.08
CA ILE H 125 0.72 31.15 2.93
C ILE H 125 1.19 32.45 3.57
N THR H 126 2.51 32.65 3.71
CA THR H 126 2.99 33.92 4.24
C THR H 126 2.89 35.02 3.21
N LEU H 127 3.35 34.75 1.98
CA LEU H 127 3.20 35.73 0.91
C LEU H 127 1.74 36.06 0.66
N LEU H 128 0.84 35.09 0.82
CA LEU H 128 -0.58 35.37 0.66
C LEU H 128 -1.08 36.29 1.76
N ALA H 129 -0.58 36.13 2.98
CA ALA H 129 -0.99 37.02 4.06
C ALA H 129 -0.44 38.43 3.87
N LEU H 130 0.71 38.57 3.22
CA LEU H 130 1.27 39.88 2.96
C LEU H 130 0.50 40.64 1.88
N VAL H 131 -0.48 40.00 1.23
CA VAL H 131 -1.27 40.71 0.23
C VAL H 131 -2.32 41.58 0.90
N TYR H 132 -2.94 41.07 1.97
CA TYR H 132 -4.01 41.76 2.65
C TYR H 132 -3.57 42.43 3.94
N LEU H 133 -2.34 42.20 4.38
CA LEU H 133 -1.83 42.93 5.53
C LEU H 133 -1.77 44.44 5.31
N PRO H 134 -1.35 44.95 4.16
CA PRO H 134 -1.44 46.41 3.95
C PRO H 134 -2.86 46.91 3.91
N GLY H 135 -3.79 46.11 3.39
CA GLY H 135 -5.18 46.51 3.38
C GLY H 135 -5.74 46.73 4.77
N VAL H 136 -5.21 46.03 5.77
CA VAL H 136 -5.63 46.25 7.14
C VAL H 136 -4.89 47.42 7.75
N ILE H 137 -3.57 47.52 7.51
CA ILE H 137 -2.79 48.63 8.03
C ILE H 137 -3.28 49.95 7.46
N ALA H 138 -3.59 49.97 6.16
CA ALA H 138 -4.05 51.19 5.53
C ALA H 138 -5.37 51.67 6.12
N ALA H 139 -6.18 50.75 6.64
CA ALA H 139 -7.45 51.14 7.22
C ALA H 139 -7.28 51.68 8.64
N ILE H 140 -6.40 51.07 9.44
CA ILE H 140 -6.26 51.54 10.81
C ILE H 140 -5.50 52.86 10.86
N VAL H 141 -4.55 53.08 9.96
CA VAL H 141 -3.85 54.36 9.93
C VAL H 141 -4.72 55.44 9.33
N GLN H 142 -5.72 55.08 8.52
CA GLN H 142 -6.69 56.07 8.07
C GLN H 142 -7.58 56.54 9.21
N LEU H 143 -7.88 55.64 10.15
CA LEU H 143 -8.65 56.03 11.33
C LEU H 143 -7.75 56.61 12.41
N HIS H 144 -6.48 56.19 12.46
CA HIS H 144 -5.56 56.72 13.47
C HIS H 144 -5.30 58.19 13.28
N ASN H 145 -5.38 58.68 12.04
CA ASN H 145 -5.26 60.10 11.75
C ASN H 145 -6.57 60.75 11.36
N GLY H 146 -7.61 59.97 11.11
CA GLY H 146 -8.91 60.49 10.71
C GLY H 146 -9.02 60.91 9.27
N THR H 147 -7.89 61.12 8.58
CA THR H 147 -7.92 61.54 7.19
C THR H 147 -6.67 61.04 6.46
N LYS H 150 -5.03 63.53 3.98
CA LYS H 150 -5.10 62.14 3.54
C LYS H 150 -3.85 61.75 2.77
N LYS H 151 -3.04 60.89 3.37
CA LYS H 151 -1.79 60.47 2.76
C LYS H 151 -1.35 59.15 3.37
N PHE H 152 -0.49 58.44 2.65
CA PHE H 152 0.13 57.22 3.13
C PHE H 152 1.64 57.42 3.18
N PRO H 153 2.31 56.79 4.16
CA PRO H 153 3.77 56.86 4.19
C PRO H 153 4.38 56.19 2.97
N HIS H 154 5.64 56.53 2.70
CA HIS H 154 6.31 56.01 1.51
C HIS H 154 6.45 54.49 1.57
N TRP H 155 6.82 53.95 2.74
CA TRP H 155 7.01 52.52 2.84
C TRP H 155 5.71 51.75 2.64
N LEU H 156 4.57 52.35 3.00
CA LEU H 156 3.30 51.66 2.83
C LEU H 156 2.81 51.71 1.40
N ASP H 157 2.89 52.88 0.76
CA ASP H 157 2.41 52.99 -0.62
C ASP H 157 3.26 52.17 -1.57
N LYS H 158 4.56 52.11 -1.33
CA LYS H 158 5.42 51.20 -2.08
C LYS H 158 4.98 49.76 -1.88
N TRP H 159 4.55 49.43 -0.66
CA TRP H 159 4.09 48.07 -0.38
C TRP H 159 2.75 47.79 -1.05
N MET H 160 1.87 48.79 -1.12
CA MET H 160 0.55 48.59 -1.71
C MET H 160 0.64 48.24 -3.18
N LEU H 161 1.69 48.69 -3.87
CA LEU H 161 1.80 48.45 -5.30
C LEU H 161 2.20 47.02 -5.62
N THR H 162 3.00 46.39 -4.76
CA THR H 162 3.50 45.04 -5.01
C THR H 162 2.52 43.96 -4.54
N ARG H 163 1.26 44.32 -4.31
CA ARG H 163 0.29 43.30 -3.93
C ARG H 163 -0.02 42.35 -5.07
N LYS H 164 0.08 42.83 -6.31
CA LYS H 164 -0.15 41.94 -7.45
C LYS H 164 0.94 40.88 -7.55
N GLN H 165 2.19 41.26 -7.27
CA GLN H 165 3.28 40.29 -7.37
C GLN H 165 3.24 39.28 -6.24
N PHE H 166 2.89 39.72 -5.03
CA PHE H 166 2.78 38.79 -3.90
C PHE H 166 1.72 37.74 -4.17
N GLY H 167 0.58 38.14 -4.74
CA GLY H 167 -0.47 37.19 -5.05
C GLY H 167 -0.10 36.19 -6.11
N LEU H 168 0.90 36.50 -6.93
CA LEU H 168 1.35 35.56 -7.96
C LEU H 168 2.40 34.60 -7.44
N LEU H 169 3.38 35.10 -6.69
CA LEU H 169 4.36 34.21 -6.08
C LEU H 169 3.68 33.25 -5.09
N SER H 170 2.70 33.75 -4.34
CA SER H 170 1.96 32.89 -3.43
C SER H 170 1.27 31.76 -4.18
N PHE H 171 0.75 32.05 -5.38
CA PHE H 171 0.14 31.01 -6.19
C PHE H 171 1.18 30.11 -6.83
N PHE H 172 2.32 30.67 -7.23
CA PHE H 172 3.36 29.86 -7.84
C PHE H 172 3.93 28.84 -6.86
N PHE H 173 4.00 29.18 -5.58
CA PHE H 173 4.45 28.22 -4.58
C PHE H 173 3.32 27.34 -4.07
N ALA H 174 2.07 27.75 -4.26
CA ALA H 174 0.95 26.90 -3.86
C ALA H 174 0.82 25.70 -4.77
N VAL H 175 1.01 25.90 -6.08
CA VAL H 175 0.92 24.78 -7.01
C VAL H 175 2.12 23.85 -6.86
N LEU H 176 3.28 24.39 -6.50
CA LEU H 176 4.42 23.53 -6.19
C LEU H 176 4.15 22.71 -4.94
N HIS H 177 3.63 23.36 -3.89
CA HIS H 177 3.22 22.63 -2.70
C HIS H 177 2.13 21.62 -3.02
N ALA H 178 1.31 21.90 -4.04
CA ALA H 178 0.27 20.98 -4.43
C ALA H 178 0.85 19.74 -5.11
N ILE H 179 1.77 19.95 -6.05
CA ILE H 179 2.34 18.82 -6.79
C ILE H 179 3.22 17.97 -5.90
N TYR H 180 4.01 18.61 -5.04
CA TYR H 180 4.84 17.86 -4.11
C TYR H 180 4.00 16.99 -3.19
N SER H 181 2.82 17.49 -2.79
CA SER H 181 1.98 16.73 -1.89
C SER H 181 1.31 15.57 -2.60
N LEU H 182 0.89 15.77 -3.84
CA LEU H 182 0.26 14.68 -4.59
C LEU H 182 1.26 13.59 -4.96
N SER H 183 2.55 13.87 -4.88
CA SER H 183 3.58 12.89 -5.20
C SER H 183 4.03 12.09 -3.99
N TYR H 184 3.34 12.23 -2.86
CA TYR H 184 3.71 11.43 -1.68
C TYR H 184 3.54 9.94 -1.90
N PRO H 185 2.37 9.43 -2.32
CA PRO H 185 2.24 7.98 -2.48
C PRO H 185 3.05 7.41 -3.64
N MET H 186 3.68 8.25 -4.45
CA MET H 186 4.45 7.76 -5.58
C MET H 186 5.86 7.36 -5.17
N ARG H 187 6.40 7.96 -4.12
CA ARG H 187 7.78 7.72 -3.72
C ARG H 187 7.97 6.27 -3.28
N ARG H 188 9.25 5.86 -3.24
CA ARG H 188 9.59 4.54 -2.74
C ARG H 188 9.58 4.48 -1.23
N SER H 189 9.89 5.59 -0.56
CA SER H 189 9.86 5.61 0.89
C SER H 189 8.45 5.33 1.41
N TYR H 190 7.43 5.67 0.64
CA TYR H 190 6.07 5.36 1.04
C TYR H 190 5.73 3.89 0.80
N ARG H 191 6.35 3.28 -0.22
CA ARG H 191 6.12 1.86 -0.46
C ARG H 191 6.75 1.01 0.63
N TYR H 192 8.02 1.27 0.95
CA TYR H 192 8.71 0.47 1.94
C TYR H 192 8.14 0.64 3.33
N LYS H 193 7.46 1.75 3.60
CA LYS H 193 6.79 1.89 4.88
C LYS H 193 5.45 1.18 4.91
N LEU H 194 4.77 1.07 3.77
CA LEU H 194 3.55 0.29 3.71
C LEU H 194 3.82 -1.19 3.93
N LEU H 195 4.91 -1.70 3.36
CA LEU H 195 5.23 -3.11 3.53
C LEU H 195 5.67 -3.41 4.95
N ASN H 196 6.34 -2.47 5.61
CA ASN H 196 6.71 -2.67 7.01
C ASN H 196 5.47 -2.65 7.90
N TRP H 197 4.59 -1.69 7.69
CA TRP H 197 3.37 -1.64 8.49
C TRP H 197 2.51 -2.88 8.26
N ALA H 198 2.43 -3.35 7.02
CA ALA H 198 1.65 -4.54 6.74
C ALA H 198 2.25 -5.77 7.42
N TYR H 199 3.57 -5.85 7.48
CA TYR H 199 4.21 -6.96 8.17
C TYR H 199 4.03 -6.85 9.68
N GLN H 200 4.26 -5.66 10.24
CA GLN H 200 4.12 -5.48 11.68
C GLN H 200 2.68 -5.66 12.14
N GLN H 201 1.71 -5.46 11.25
CA GLN H 201 0.32 -5.72 11.61
C GLN H 201 0.03 -7.21 11.64
N VAL H 202 0.50 -7.95 10.64
CA VAL H 202 0.37 -9.40 10.65
C VAL H 202 1.15 -10.01 11.80
N GLN H 203 2.27 -9.39 12.16
CA GLN H 203 3.12 -9.93 13.22
C GLN H 203 2.40 -9.92 14.56
N GLN H 204 1.51 -8.96 14.76
CA GLN H 204 0.82 -8.81 16.04
C GLN H 204 -0.67 -9.14 15.95
N ASN H 205 -1.11 -9.75 14.84
CA ASN H 205 -2.47 -10.27 14.71
C ASN H 205 -3.52 -9.19 14.99
N LYS H 206 -3.30 -8.01 14.42
CA LYS H 206 -4.20 -6.88 14.63
C LYS H 206 -5.03 -6.67 13.38
N GLU H 207 -6.24 -7.22 13.36
CA GLU H 207 -7.15 -6.93 12.28
C GLU H 207 -7.68 -5.50 12.44
N ASP H 208 -8.18 -4.95 11.32
CA ASP H 208 -8.89 -3.68 11.32
C ASP H 208 -8.01 -2.55 11.87
N ALA H 209 -6.96 -2.25 11.13
CA ALA H 209 -6.05 -1.15 11.47
C ALA H 209 -6.70 0.22 11.33
N TRP H 210 -8.00 0.28 11.06
CA TRP H 210 -8.68 1.55 10.85
C TRP H 210 -8.68 2.39 12.12
N ILE H 211 -8.47 3.69 11.96
CA ILE H 211 -8.54 4.66 13.04
C ILE H 211 -9.48 5.77 12.60
N GLU H 212 -10.61 5.89 13.29
CA GLU H 212 -11.70 6.73 12.79
C GLU H 212 -11.32 8.21 12.80
N HIS H 213 -10.88 8.73 13.95
CA HIS H 213 -10.61 10.15 14.04
C HIS H 213 -9.45 10.59 13.17
N ASP H 214 -8.53 9.68 12.82
CA ASP H 214 -7.44 10.03 11.94
C ASP H 214 -7.88 10.13 10.48
N VAL H 215 -8.85 9.32 10.09
CA VAL H 215 -9.39 9.43 8.74
C VAL H 215 -10.18 10.72 8.58
N TRP H 216 -10.94 11.10 9.62
CA TRP H 216 -11.64 12.38 9.60
C TRP H 216 -10.69 13.54 9.33
N ARG H 217 -9.52 13.51 9.95
CA ARG H 217 -8.56 14.61 9.78
C ARG H 217 -8.10 14.71 8.33
N MET H 218 -7.70 13.58 7.75
CA MET H 218 -7.08 13.61 6.43
C MET H 218 -8.08 14.01 5.35
N GLU H 219 -9.32 13.56 5.47
CA GLU H 219 -10.31 13.89 4.44
C GLU H 219 -10.63 15.37 4.41
N ILE H 220 -10.55 16.04 5.55
CA ILE H 220 -10.99 17.43 5.63
C ILE H 220 -9.91 18.37 5.11
N TYR H 221 -8.71 18.32 5.69
CA TYR H 221 -7.70 19.30 5.32
C TYR H 221 -7.18 19.09 3.91
N VAL H 222 -7.34 17.89 3.35
CA VAL H 222 -7.00 17.72 1.94
C VAL H 222 -8.08 18.34 1.06
N SER H 223 -9.35 18.16 1.44
CA SER H 223 -10.43 18.76 0.67
C SER H 223 -10.40 20.27 0.73
N LEU H 224 -10.09 20.83 1.91
CA LEU H 224 -10.02 22.28 2.04
C LEU H 224 -8.83 22.85 1.28
N GLY H 225 -7.72 22.11 1.23
CA GLY H 225 -6.55 22.60 0.51
C GLY H 225 -6.77 22.68 -0.98
N ILE H 226 -7.63 21.82 -1.52
CA ILE H 226 -7.88 21.82 -2.96
C ILE H 226 -8.78 22.98 -3.35
N VAL H 227 -9.88 23.17 -2.62
CA VAL H 227 -10.74 24.32 -2.89
C VAL H 227 -10.06 25.62 -2.52
N GLY H 228 -9.10 25.59 -1.60
CA GLY H 228 -8.31 26.78 -1.33
C GLY H 228 -7.35 27.11 -2.46
N LEU H 229 -6.87 26.09 -3.17
CA LEU H 229 -6.02 26.32 -4.33
C LEU H 229 -6.83 26.72 -5.55
N ALA H 230 -8.05 26.21 -5.68
CA ALA H 230 -8.89 26.58 -6.81
C ALA H 230 -9.22 28.07 -6.80
N ILE H 231 -9.46 28.62 -5.61
CA ILE H 231 -9.77 30.04 -5.51
C ILE H 231 -8.55 30.88 -5.85
N LEU H 232 -7.35 30.42 -5.45
CA LEU H 232 -6.14 31.11 -5.86
C LEU H 232 -5.98 31.12 -7.36
N ALA H 233 -6.41 30.05 -8.03
CA ALA H 233 -6.31 30.01 -9.49
C ALA H 233 -7.17 31.09 -10.14
N LEU H 234 -8.29 31.46 -9.49
CA LEU H 234 -9.09 32.56 -10.00
C LEU H 234 -8.37 33.89 -9.84
N LEU H 235 -7.64 34.06 -8.74
CA LEU H 235 -6.85 35.27 -8.56
C LEU H 235 -5.72 35.35 -9.56
N ALA H 236 -5.13 34.20 -9.92
CA ALA H 236 -4.02 34.20 -10.84
C ALA H 236 -4.49 34.43 -12.27
N VAL H 237 -5.61 33.82 -12.65
CA VAL H 237 -6.08 33.94 -14.04
C VAL H 237 -6.58 35.36 -14.31
N THR H 238 -7.08 36.04 -13.29
CA THR H 238 -7.50 37.43 -13.46
C THR H 238 -6.33 38.40 -13.42
N SER H 239 -5.12 37.91 -13.24
CA SER H 239 -3.92 38.75 -13.28
C SER H 239 -3.35 38.88 -14.68
N ILE H 240 -3.84 38.10 -15.63
CA ILE H 240 -3.40 38.25 -17.02
C ILE H 240 -3.85 39.60 -17.55
N PRO H 241 -2.95 40.40 -18.14
CA PRO H 241 -3.34 41.77 -18.52
C PRO H 241 -4.49 41.83 -19.50
N SER H 242 -4.64 40.83 -20.38
CA SER H 242 -5.78 40.84 -21.28
C SER H 242 -7.07 40.52 -20.55
N VAL H 243 -7.02 39.58 -19.61
CA VAL H 243 -8.20 39.26 -18.82
C VAL H 243 -8.44 40.33 -17.76
N SER H 244 -7.38 40.87 -17.19
CA SER H 244 -7.53 41.92 -16.18
C SER H 244 -8.14 43.18 -16.79
N ASP H 245 -7.67 43.58 -17.97
CA ASP H 245 -8.24 44.75 -18.63
C ASP H 245 -9.46 44.34 -19.45
N SER H 246 -10.35 43.57 -18.84
CA SER H 246 -11.61 43.22 -19.46
C SER H 246 -12.77 43.26 -18.48
N LEU H 247 -12.55 43.68 -17.23
CA LEU H 247 -13.57 43.69 -16.21
C LEU H 247 -13.62 45.07 -15.58
N THR H 248 -14.83 45.54 -15.26
CA THR H 248 -14.96 46.79 -14.56
C THR H 248 -14.35 46.68 -13.17
N TRP H 249 -14.02 47.85 -12.59
CA TRP H 249 -13.31 47.87 -11.33
C TRP H 249 -14.10 47.17 -10.22
N ARG H 250 -15.43 47.24 -10.26
CA ARG H 250 -16.22 46.58 -9.23
C ARG H 250 -16.07 45.07 -9.31
N GLU H 251 -15.99 44.52 -10.52
CA GLU H 251 -15.80 43.09 -10.67
C GLU H 251 -14.39 42.67 -10.27
N PHE H 252 -13.38 43.41 -10.75
CA PHE H 252 -12.00 43.08 -10.41
C PHE H 252 -11.77 43.17 -8.91
N HIS H 253 -12.25 44.24 -8.29
CA HIS H 253 -12.10 44.38 -6.84
C HIS H 253 -12.88 43.30 -6.09
N TYR H 254 -13.96 42.79 -6.70
CA TYR H 254 -14.72 41.73 -6.04
C TYR H 254 -13.95 40.43 -5.98
N ILE H 255 -13.13 40.15 -6.99
CA ILE H 255 -12.37 38.90 -6.99
C ILE H 255 -11.14 39.01 -6.11
N GLN H 256 -10.36 40.08 -6.29
CA GLN H 256 -9.10 40.21 -5.57
C GLN H 256 -9.30 40.40 -4.07
N SER H 257 -10.44 40.92 -3.64
CA SER H 257 -10.68 41.20 -2.23
C SER H 257 -11.64 40.21 -1.58
N LYS H 258 -12.84 40.04 -2.12
CA LYS H 258 -13.81 39.15 -1.49
C LYS H 258 -13.37 37.70 -1.61
N LEU H 259 -13.22 37.21 -2.84
CA LEU H 259 -12.76 35.84 -3.03
C LEU H 259 -11.31 35.66 -2.62
N GLY H 260 -10.52 36.73 -2.63
CA GLY H 260 -9.12 36.60 -2.27
C GLY H 260 -8.93 36.25 -0.81
N ILE H 261 -9.65 36.93 0.08
CA ILE H 261 -9.51 36.66 1.50
C ILE H 261 -10.09 35.30 1.87
N VAL H 262 -11.00 34.77 1.05
CA VAL H 262 -11.55 33.44 1.33
C VAL H 262 -10.47 32.38 1.14
N SER H 263 -9.63 32.53 0.12
CA SER H 263 -8.55 31.58 -0.09
C SER H 263 -7.56 31.59 1.06
N LEU H 264 -7.33 32.76 1.66
CA LEU H 264 -6.49 32.82 2.86
C LEU H 264 -7.16 32.11 4.03
N LEU H 265 -8.48 32.23 4.13
CA LEU H 265 -9.20 31.54 5.19
C LEU H 265 -9.14 30.02 5.01
N LEU H 266 -9.42 29.55 3.80
CA LEU H 266 -9.32 28.12 3.53
C LEU H 266 -7.88 27.63 3.60
N GLY H 267 -6.90 28.51 3.38
CA GLY H 267 -5.52 28.08 3.46
C GLY H 267 -5.06 27.84 4.88
N THR H 268 -5.45 28.71 5.81
CA THR H 268 -5.02 28.54 7.19
C THR H 268 -5.80 27.46 7.91
N ILE H 269 -7.09 27.27 7.57
CA ILE H 269 -7.82 26.14 8.13
C ILE H 269 -7.27 24.83 7.59
N HIS H 270 -6.83 24.82 6.33
CA HIS H 270 -6.16 23.65 5.78
C HIS H 270 -4.94 23.27 6.60
N ALA H 271 -4.30 24.24 7.24
CA ALA H 271 -3.13 23.95 8.06
C ALA H 271 -3.49 23.66 9.52
N LEU H 272 -4.56 24.25 10.03
CA LEU H 272 -4.97 23.98 11.40
C LEU H 272 -5.54 22.56 11.53
N ILE H 273 -6.43 22.18 10.61
CA ILE H 273 -6.96 20.83 10.62
C ILE H 273 -5.83 19.81 10.45
N PHE H 274 -4.79 20.17 9.70
CA PHE H 274 -3.63 19.29 9.62
C PHE H 274 -2.99 19.08 10.98
N ALA H 275 -3.02 20.10 11.84
CA ALA H 275 -2.53 19.97 13.20
C ALA H 275 -3.71 19.68 14.13
N TRP H 276 -4.25 18.48 13.98
CA TRP H 276 -5.44 18.09 14.75
C TRP H 276 -5.17 18.16 16.24
N ASN H 277 -4.08 17.54 16.69
CA ASN H 277 -3.73 17.55 18.10
C ASN H 277 -2.24 17.74 18.33
N LYS H 278 -1.51 18.17 17.31
CA LYS H 278 -0.08 18.40 17.46
C LYS H 278 0.25 19.64 18.27
N TRP H 279 -0.75 20.42 18.66
CA TRP H 279 -0.48 21.60 19.50
C TRP H 279 -0.05 21.17 20.90
N ILE H 280 -0.82 20.29 21.53
CA ILE H 280 -0.53 19.89 22.90
C ILE H 280 0.67 18.94 22.99
N ASP H 281 1.05 18.32 21.88
CA ASP H 281 2.16 17.37 21.91
C ASP H 281 3.48 18.10 22.12
N ILE H 282 4.31 17.55 23.00
CA ILE H 282 5.62 18.13 23.27
C ILE H 282 6.71 17.53 22.38
N LYS H 283 6.47 16.38 21.77
CA LYS H 283 7.44 15.79 20.87
C LYS H 283 7.73 16.66 19.66
N GLN H 284 6.83 17.58 19.32
CA GLN H 284 7.04 18.45 18.17
C GLN H 284 8.22 19.39 18.40
N PHE H 285 8.37 19.90 19.61
CA PHE H 285 9.44 20.84 19.92
C PHE H 285 10.76 20.07 20.02
N VAL H 286 11.66 20.30 19.07
CA VAL H 286 12.90 19.52 19.01
C VAL H 286 13.80 19.87 20.18
N TRP H 287 14.25 21.12 20.27
CA TRP H 287 14.96 21.60 21.44
C TRP H 287 14.12 22.61 22.22
N TYR H 288 13.79 23.74 21.61
CA TYR H 288 12.76 24.62 22.13
C TYR H 288 11.94 25.27 21.03
N THR H 289 12.26 25.03 19.78
CA THR H 289 11.59 25.69 18.67
C THR H 289 10.20 25.10 18.44
N PRO H 290 9.22 25.92 18.08
CA PRO H 290 7.89 25.40 17.79
C PRO H 290 7.88 24.65 16.47
N PRO H 291 6.89 23.80 16.24
CA PRO H 291 6.79 23.14 14.94
C PRO H 291 6.58 24.16 13.84
N THR H 292 6.95 23.76 12.62
CA THR H 292 6.99 24.71 11.52
C THR H 292 5.62 25.25 11.15
N PHE H 293 4.55 24.52 11.45
CA PHE H 293 3.23 25.01 11.09
C PHE H 293 2.75 26.11 12.04
N MET H 294 3.24 26.13 13.28
CA MET H 294 2.83 27.18 14.21
C MET H 294 3.35 28.53 13.75
N ILE H 295 4.54 28.57 13.16
CA ILE H 295 5.05 29.83 12.64
C ILE H 295 4.36 30.20 11.34
N ALA H 296 3.90 29.20 10.59
CA ALA H 296 3.25 29.48 9.31
C ALA H 296 1.91 30.14 9.50
N VAL H 297 1.05 29.56 10.34
CA VAL H 297 -0.31 30.07 10.53
C VAL H 297 -0.39 31.28 11.43
N PHE H 298 0.75 31.73 11.98
CA PHE H 298 0.71 32.87 12.89
C PHE H 298 0.27 34.14 12.17
N LEU H 299 0.93 34.47 11.06
CA LEU H 299 0.61 35.73 10.37
C LEU H 299 -0.78 35.71 9.75
N PRO H 300 -1.22 34.66 9.05
CA PRO H 300 -2.59 34.69 8.51
C PRO H 300 -3.67 34.82 9.57
N ILE H 301 -3.47 34.22 10.75
CA ILE H 301 -4.46 34.35 11.81
C ILE H 301 -4.55 35.80 12.28
N VAL H 302 -3.42 36.49 12.36
CA VAL H 302 -3.43 37.90 12.74
C VAL H 302 -4.18 38.72 11.70
N VAL H 303 -3.95 38.44 10.41
CA VAL H 303 -4.59 39.21 9.36
C VAL H 303 -6.10 38.94 9.34
N LEU H 304 -6.49 37.69 9.61
CA LEU H 304 -7.91 37.34 9.52
C LEU H 304 -8.71 37.97 10.65
N ILE H 305 -8.19 37.96 11.87
CA ILE H 305 -8.96 38.50 12.98
C ILE H 305 -9.08 40.01 12.85
N PHE H 306 -8.05 40.70 12.36
CA PHE H 306 -8.14 42.14 12.17
C PHE H 306 -9.08 42.50 11.03
N LYS H 307 -9.14 41.67 9.99
CA LYS H 307 -10.16 41.86 8.96
C LYS H 307 -11.55 41.68 9.53
N SER H 308 -11.70 40.80 10.52
CA SER H 308 -13.00 40.60 11.15
C SER H 308 -13.34 41.75 12.09
N ILE H 309 -12.36 42.25 12.83
CA ILE H 309 -12.59 43.40 13.72
C ILE H 309 -13.03 44.61 12.90
N LEU H 310 -12.36 44.86 11.78
CA LEU H 310 -12.74 45.96 10.92
C LEU H 310 -14.09 45.75 10.26
N PHE H 311 -14.53 44.50 10.12
CA PHE H 311 -15.85 44.24 9.55
C PHE H 311 -16.97 44.59 10.51
N LEU H 312 -16.69 44.57 11.82
CA LEU H 312 -17.65 45.04 12.80
C LEU H 312 -17.92 46.54 12.58
N PRO H 313 -19.07 47.03 13.03
CA PRO H 313 -19.38 48.47 12.86
C PRO H 313 -18.29 49.36 13.44
N CYS H 314 -17.59 50.07 12.57
CA CYS H 314 -16.45 50.90 12.96
C CYS H 314 -16.02 51.80 11.81
N LEU I 69 -4.59 27.32 -42.19
CA LEU I 69 -4.99 26.79 -40.89
C LEU I 69 -3.77 26.37 -40.08
N PHE I 70 -3.42 27.18 -39.07
CA PHE I 70 -2.25 26.98 -38.24
C PHE I 70 -1.00 26.80 -39.10
N PRO I 71 -0.50 27.86 -39.73
CA PRO I 71 0.68 27.72 -40.58
C PRO I 71 1.95 27.48 -39.79
N GLN I 72 2.07 28.05 -38.59
CA GLN I 72 3.28 27.92 -37.79
C GLN I 72 3.28 26.67 -36.92
N TRP I 73 2.23 25.85 -36.98
CA TRP I 73 2.16 24.63 -36.19
C TRP I 73 2.28 23.38 -37.04
N HIS I 74 2.37 23.50 -38.36
CA HIS I 74 2.50 22.31 -39.19
C HIS I 74 3.83 21.60 -38.93
N LEU I 75 4.93 22.34 -39.01
CA LEU I 75 6.25 21.72 -38.80
C LEU I 75 6.43 21.16 -37.40
N PRO I 76 6.08 21.87 -36.32
CA PRO I 76 6.28 21.26 -34.98
C PRO I 76 5.43 20.04 -34.73
N ILE I 77 4.18 20.04 -35.21
CA ILE I 77 3.30 18.90 -34.96
C ILE I 77 3.78 17.68 -35.73
N LYS I 78 4.18 17.86 -36.99
CA LYS I 78 4.69 16.74 -37.78
C LYS I 78 5.94 16.14 -37.13
N ILE I 79 6.81 16.98 -36.57
CA ILE I 79 7.98 16.47 -35.88
C ILE I 79 7.57 15.81 -34.58
N ALA I 80 6.58 16.37 -33.89
CA ALA I 80 6.11 15.75 -32.65
C ALA I 80 5.41 14.43 -32.92
N ALA I 81 4.67 14.35 -34.03
CA ALA I 81 3.97 13.10 -34.35
C ALA I 81 4.95 12.04 -34.79
N ILE I 82 6.01 12.42 -35.51
CA ILE I 82 7.00 11.43 -35.94
C ILE I 82 7.75 10.87 -34.75
N ILE I 83 8.19 11.73 -33.83
CA ILE I 83 8.89 11.26 -32.65
C ILE I 83 7.98 10.41 -31.78
N ALA I 84 6.71 10.82 -31.63
CA ALA I 84 5.78 10.06 -30.80
C ALA I 84 5.48 8.70 -31.43
N SER I 85 5.19 8.68 -32.73
CA SER I 85 4.86 7.42 -33.37
C SER I 85 6.06 6.48 -33.42
N LEU I 86 7.25 7.03 -33.65
CA LEU I 86 8.45 6.18 -33.72
C LEU I 86 8.82 5.65 -32.35
N THR I 87 8.71 6.48 -31.31
CA THR I 87 9.00 6.01 -29.96
C THR I 87 7.95 5.02 -29.49
N PHE I 88 6.69 5.23 -29.86
CA PHE I 88 5.63 4.34 -29.42
C PHE I 88 5.87 2.92 -29.91
N LEU I 89 6.08 2.75 -31.22
CA LEU I 89 6.38 1.42 -31.75
C LEU I 89 7.66 0.85 -31.16
N TYR I 90 8.63 1.72 -30.86
CA TYR I 90 9.87 1.23 -30.27
C TYR I 90 9.67 0.77 -28.83
N THR I 91 8.91 1.55 -28.04
CA THR I 91 8.65 1.15 -26.67
C THR I 91 7.69 -0.02 -26.59
N LEU I 92 6.66 -0.01 -27.44
CA LEU I 92 5.73 -1.14 -27.48
C LEU I 92 6.43 -2.43 -27.86
N LEU I 93 7.51 -2.33 -28.64
CA LEU I 93 8.24 -3.54 -29.05
C LEU I 93 9.04 -4.11 -27.90
N ARG I 94 9.64 -3.25 -27.08
CA ARG I 94 10.48 -3.74 -25.99
C ARG I 94 9.68 -4.22 -24.80
N GLU I 95 8.47 -3.71 -24.61
CA GLU I 95 7.70 -3.99 -23.40
C GLU I 95 6.56 -4.97 -23.60
N VAL I 96 6.07 -5.13 -24.83
CA VAL I 96 4.91 -5.97 -25.12
C VAL I 96 5.22 -7.04 -26.15
N ILE I 97 5.77 -6.64 -27.30
CA ILE I 97 5.99 -7.59 -28.37
C ILE I 97 7.07 -8.59 -28.01
N HIS I 98 8.19 -8.13 -27.47
CA HIS I 98 9.27 -9.06 -27.13
C HIS I 98 8.87 -10.08 -26.08
N PRO I 99 8.21 -9.73 -24.97
CA PRO I 99 7.77 -10.79 -24.06
C PRO I 99 6.70 -11.69 -24.66
N LEU I 100 5.89 -11.17 -25.58
CA LEU I 100 4.83 -11.98 -26.17
C LEU I 100 5.38 -13.01 -27.12
N ALA I 101 6.41 -12.64 -27.90
CA ALA I 101 6.98 -13.58 -28.87
C ALA I 101 7.73 -14.70 -28.16
N THR I 102 8.77 -14.35 -27.41
CA THR I 102 9.57 -15.33 -26.68
C THR I 102 9.01 -15.47 -25.26
N SER I 103 8.71 -16.71 -24.87
CA SER I 103 8.17 -17.00 -23.54
C SER I 103 6.86 -16.23 -23.31
N HIS I 104 5.85 -16.66 -24.06
CA HIS I 104 4.58 -15.95 -24.21
C HIS I 104 4.10 -15.33 -22.90
N GLN I 105 3.92 -14.01 -22.92
CA GLN I 105 3.43 -13.27 -21.77
C GLN I 105 2.57 -12.13 -22.30
N GLN I 106 1.38 -11.98 -21.73
CA GLN I 106 0.42 -11.01 -22.25
C GLN I 106 0.95 -9.59 -22.17
N TYR I 107 1.11 -9.07 -20.95
CA TYR I 107 1.62 -7.72 -20.71
C TYR I 107 0.86 -6.65 -21.49
N PHE I 108 -0.37 -6.96 -21.92
CA PHE I 108 -1.12 -6.00 -22.72
C PHE I 108 -1.66 -4.84 -21.88
N TYR I 109 -1.70 -4.99 -20.56
CA TYR I 109 -2.20 -3.92 -19.71
C TYR I 109 -1.23 -2.76 -19.58
N LYS I 110 0.02 -2.92 -20.02
CA LYS I 110 1.00 -1.86 -19.90
C LYS I 110 0.85 -0.78 -20.96
N ILE I 111 0.06 -1.03 -22.00
CA ILE I 111 -0.07 -0.10 -23.11
C ILE I 111 -0.73 1.22 -22.69
N PRO I 112 -1.88 1.22 -22.01
CA PRO I 112 -2.56 2.50 -21.77
C PRO I 112 -1.77 3.51 -20.96
N ILE I 113 -0.94 3.07 -20.01
CA ILE I 113 -0.25 4.04 -19.15
C ILE I 113 1.26 3.81 -19.18
N LEU I 114 1.69 2.59 -18.85
CA LEU I 114 3.12 2.33 -18.71
C LEU I 114 3.88 2.46 -20.02
N VAL I 115 3.19 2.47 -21.15
CA VAL I 115 3.81 2.71 -22.44
C VAL I 115 3.65 4.16 -22.88
N ILE I 116 2.47 4.73 -22.67
CA ILE I 116 2.25 6.13 -23.02
C ILE I 116 3.13 7.04 -22.17
N ASN I 117 3.32 6.68 -20.91
CA ASN I 117 4.17 7.48 -20.03
C ASN I 117 5.66 7.28 -20.32
N LYS I 118 6.00 6.50 -21.34
CA LYS I 118 7.37 6.47 -21.84
C LYS I 118 7.51 7.14 -23.18
N VAL I 119 6.41 7.51 -23.82
CA VAL I 119 6.46 8.29 -25.06
C VAL I 119 6.37 9.78 -24.77
N LEU I 120 5.48 10.17 -23.85
CA LEU I 120 5.34 11.59 -23.51
C LEU I 120 6.63 12.22 -23.02
N PRO I 121 7.37 11.65 -22.05
CA PRO I 121 8.59 12.33 -21.61
C PRO I 121 9.66 12.40 -22.67
N MET I 122 9.79 11.35 -23.49
CA MET I 122 10.79 11.40 -24.56
C MET I 122 10.44 12.45 -25.61
N VAL I 123 9.14 12.56 -25.94
CA VAL I 123 8.72 13.64 -26.83
C VAL I 123 8.90 14.99 -26.16
N SER I 124 8.63 15.07 -24.86
CA SER I 124 8.73 16.34 -24.16
C SER I 124 10.17 16.83 -24.08
N ILE I 125 11.10 15.95 -23.74
CA ILE I 125 12.49 16.38 -23.58
C ILE I 125 13.21 16.52 -24.91
N THR I 126 12.75 15.84 -25.95
CA THR I 126 13.37 16.00 -27.27
C THR I 126 12.95 17.32 -27.90
N LEU I 127 11.66 17.62 -27.87
CA LEU I 127 11.19 18.91 -28.38
C LEU I 127 11.82 20.07 -27.61
N LEU I 128 12.05 19.89 -26.31
CA LEU I 128 12.70 20.93 -25.53
C LEU I 128 14.14 21.13 -25.98
N ALA I 129 14.83 20.04 -26.34
CA ALA I 129 16.20 20.15 -26.82
C ALA I 129 16.25 20.81 -28.19
N LEU I 130 15.21 20.63 -29.00
CA LEU I 130 15.18 21.27 -30.32
C LEU I 130 14.92 22.77 -30.24
N VAL I 131 14.67 23.31 -29.05
CA VAL I 131 14.48 24.75 -28.93
C VAL I 131 15.82 25.45 -28.91
N TYR I 132 16.82 24.88 -28.24
CA TYR I 132 18.12 25.50 -28.09
C TYR I 132 19.17 24.90 -29.01
N LEU I 133 18.84 23.82 -29.72
CA LEU I 133 19.77 23.30 -30.71
C LEU I 133 20.08 24.30 -31.82
N PRO I 134 19.10 25.03 -32.39
CA PRO I 134 19.47 26.07 -33.36
C PRO I 134 20.31 27.18 -32.75
N GLY I 135 20.06 27.53 -31.49
CA GLY I 135 20.88 28.54 -30.84
C GLY I 135 22.34 28.17 -30.77
N VAL I 136 22.64 26.88 -30.72
CA VAL I 136 24.03 26.44 -30.74
C VAL I 136 24.55 26.39 -32.16
N ILE I 137 23.75 25.86 -33.09
CA ILE I 137 24.17 25.78 -34.49
C ILE I 137 24.38 27.18 -35.06
N ALA I 138 23.48 28.11 -34.74
CA ALA I 138 23.62 29.47 -35.25
C ALA I 138 24.90 30.13 -34.77
N ALA I 139 25.40 29.72 -33.60
CA ALA I 139 26.61 30.32 -33.09
C ALA I 139 27.86 29.73 -33.75
N ILE I 140 27.89 28.42 -33.98
CA ILE I 140 29.08 27.82 -34.55
C ILE I 140 29.19 28.15 -36.04
N VAL I 141 28.06 28.27 -36.75
CA VAL I 141 28.13 28.67 -38.15
C VAL I 141 28.44 30.16 -38.29
N GLN I 142 28.15 30.96 -37.27
CA GLN I 142 28.59 32.36 -37.29
C GLN I 142 30.09 32.46 -37.15
N LEU I 143 30.70 31.55 -36.39
CA LEU I 143 32.16 31.51 -36.28
C LEU I 143 32.79 30.74 -37.43
N HIS I 144 32.07 29.75 -37.98
CA HIS I 144 32.61 28.97 -39.08
C HIS I 144 32.83 29.82 -40.32
N ASN I 145 32.03 30.87 -40.49
CA ASN I 145 32.21 31.81 -41.59
C ASN I 145 32.75 33.16 -41.13
N GLY I 146 32.79 33.41 -39.82
CA GLY I 146 33.28 34.68 -39.29
C GLY I 146 32.30 35.83 -39.38
N THR I 147 31.28 35.73 -40.21
CA THR I 147 30.29 36.80 -40.35
C THR I 147 28.94 36.24 -40.76
N LYS I 150 26.97 38.26 -43.43
CA LYS I 150 26.20 37.72 -42.32
C LYS I 150 24.83 37.24 -42.80
N LYS I 151 24.63 35.93 -42.78
CA LYS I 151 23.39 35.34 -43.25
C LYS I 151 23.23 33.96 -42.65
N PHE I 152 21.99 33.48 -42.64
CA PHE I 152 21.66 32.12 -42.23
C PHE I 152 21.05 31.37 -43.39
N PRO I 153 21.29 30.06 -43.49
CA PRO I 153 20.63 29.27 -44.53
C PRO I 153 19.13 29.26 -44.32
N HIS I 154 18.41 28.92 -45.40
CA HIS I 154 16.95 28.92 -45.34
C HIS I 154 16.42 27.91 -44.34
N TRP I 155 17.00 26.71 -44.32
CA TRP I 155 16.51 25.67 -43.40
C TRP I 155 16.72 26.06 -41.95
N LEU I 156 17.76 26.84 -41.65
CA LEU I 156 18.02 27.23 -40.28
C LEU I 156 17.12 28.37 -39.83
N ASP I 157 16.95 29.39 -40.67
CA ASP I 157 16.12 30.53 -40.28
C ASP I 157 14.66 30.12 -40.15
N LYS I 158 14.20 29.22 -41.02
CA LYS I 158 12.87 28.64 -40.85
C LYS I 158 12.76 27.90 -39.54
N TRP I 159 13.85 27.24 -39.12
CA TRP I 159 13.85 26.52 -37.86
C TRP I 159 13.85 27.49 -36.67
N MET I 160 14.57 28.60 -36.80
CA MET I 160 14.66 29.56 -35.69
C MET I 160 13.31 30.16 -35.35
N LEU I 161 12.41 30.26 -36.32
CA LEU I 161 11.12 30.87 -36.07
C LEU I 161 10.19 29.98 -35.25
N THR I 162 10.28 28.67 -35.43
CA THR I 162 9.39 27.73 -34.76
C THR I 162 9.87 27.37 -33.36
N ARG I 163 10.79 28.14 -32.79
CA ARG I 163 11.24 27.84 -31.43
C ARG I 163 10.15 28.11 -30.41
N LYS I 164 9.25 29.05 -30.69
CA LYS I 164 8.15 29.33 -29.78
C LYS I 164 7.19 28.15 -29.73
N GLN I 165 6.93 27.51 -30.87
CA GLN I 165 5.99 26.39 -30.90
C GLN I 165 6.58 25.16 -30.25
N PHE I 166 7.88 24.91 -30.46
CA PHE I 166 8.52 23.77 -29.82
C PHE I 166 8.48 23.88 -28.31
N GLY I 167 8.71 25.08 -27.78
CA GLY I 167 8.65 25.28 -26.34
C GLY I 167 7.28 25.09 -25.75
N LEU I 168 6.23 25.20 -26.57
CA LEU I 168 4.87 24.99 -26.08
C LEU I 168 4.45 23.53 -26.14
N LEU I 169 4.76 22.84 -27.25
CA LEU I 169 4.47 21.42 -27.31
C LEU I 169 5.27 20.66 -26.27
N SER I 170 6.53 21.06 -26.05
CA SER I 170 7.33 20.42 -25.02
C SER I 170 6.67 20.57 -23.64
N PHE I 171 6.08 21.73 -23.38
CA PHE I 171 5.37 21.91 -22.13
C PHE I 171 4.04 21.18 -22.10
N PHE I 172 3.35 21.11 -23.24
CA PHE I 172 2.07 20.41 -23.29
C PHE I 172 2.24 18.92 -23.03
N PHE I 173 3.36 18.33 -23.47
CA PHE I 173 3.63 16.94 -23.17
C PHE I 173 4.30 16.74 -21.81
N ALA I 174 4.90 17.79 -21.25
CA ALA I 174 5.47 17.66 -19.92
C ALA I 174 4.39 17.55 -18.85
N VAL I 175 3.31 18.33 -18.99
CA VAL I 175 2.24 18.25 -18.02
C VAL I 175 1.47 16.94 -18.17
N LEU I 176 1.38 16.41 -19.39
CA LEU I 176 0.78 15.09 -19.55
C LEU I 176 1.65 14.02 -18.91
N HIS I 177 2.96 14.09 -19.14
CA HIS I 177 3.88 13.19 -18.45
C HIS I 177 3.82 13.38 -16.95
N ALA I 178 3.49 14.59 -16.50
CA ALA I 178 3.35 14.85 -15.07
C ALA I 178 2.12 14.17 -14.50
N ILE I 179 0.98 14.34 -15.16
CA ILE I 179 -0.28 13.80 -14.65
C ILE I 179 -0.26 12.27 -14.72
N TYR I 180 0.26 11.71 -15.82
CA TYR I 180 0.35 10.26 -15.93
C TYR I 180 1.21 9.68 -14.81
N SER I 181 2.28 10.39 -14.43
CA SER I 181 3.16 9.89 -13.39
C SER I 181 2.51 9.98 -12.02
N LEU I 182 1.79 11.06 -11.75
CA LEU I 182 1.12 11.19 -10.46
C LEU I 182 -0.02 10.21 -10.30
N SER I 183 -0.49 9.61 -11.39
CA SER I 183 -1.58 8.64 -11.34
C SER I 183 -1.09 7.21 -11.18
N TYR I 184 0.20 7.01 -10.93
CA TYR I 184 0.70 5.65 -10.73
C TYR I 184 0.12 4.98 -9.49
N PRO I 185 0.17 5.57 -8.29
CA PRO I 185 -0.38 4.87 -7.12
C PRO I 185 -1.89 4.76 -7.13
N MET I 186 -2.57 5.38 -8.09
CA MET I 186 -4.03 5.32 -8.14
C MET I 186 -4.52 4.06 -8.83
N ARG I 187 -3.72 3.50 -9.74
CA ARG I 187 -4.16 2.37 -10.54
C ARG I 187 -4.39 1.14 -9.66
N ARG I 188 -5.11 0.17 -10.23
CA ARG I 188 -5.32 -1.10 -9.54
C ARG I 188 -4.11 -2.00 -9.65
N SER I 189 -3.35 -1.91 -10.75
CA SER I 189 -2.15 -2.72 -10.89
C SER I 189 -1.14 -2.42 -9.79
N TYR I 190 -1.15 -1.19 -9.27
CA TYR I 190 -0.27 -0.86 -8.16
C TYR I 190 -0.80 -1.41 -6.84
N ARG I 191 -2.12 -1.51 -6.71
CA ARG I 191 -2.69 -2.10 -5.49
C ARG I 191 -2.39 -3.58 -5.41
N TYR I 192 -2.67 -4.32 -6.49
CA TYR I 192 -2.48 -5.75 -6.47
C TYR I 192 -1.02 -6.15 -6.36
N LYS I 193 -0.10 -5.26 -6.74
CA LYS I 193 1.32 -5.56 -6.53
C LYS I 193 1.74 -5.26 -5.10
N LEU I 194 1.12 -4.28 -4.44
CA LEU I 194 1.41 -4.03 -3.04
C LEU I 194 0.96 -5.20 -2.17
N LEU I 195 -0.21 -5.77 -2.48
CA LEU I 195 -0.69 -6.88 -1.68
C LEU I 195 0.15 -8.13 -1.90
N ASN I 196 0.66 -8.33 -3.11
CA ASN I 196 1.55 -9.46 -3.36
C ASN I 196 2.87 -9.30 -2.63
N TRP I 197 3.46 -8.10 -2.71
CA TRP I 197 4.71 -7.85 -2.01
C TRP I 197 4.53 -7.99 -0.50
N ALA I 198 3.40 -7.51 0.03
CA ALA I 198 3.15 -7.62 1.46
C ALA I 198 3.01 -9.08 1.87
N TYR I 199 2.39 -9.90 1.02
CA TYR I 199 2.25 -11.31 1.33
C TYR I 199 3.60 -12.02 1.23
N GLN I 200 4.33 -11.77 0.14
CA GLN I 200 5.63 -12.42 -0.04
C GLN I 200 6.64 -12.00 1.02
N GLN I 201 6.46 -10.81 1.62
CA GLN I 201 7.34 -10.42 2.70
C GLN I 201 7.01 -11.16 3.99
N VAL I 202 5.72 -11.29 4.31
CA VAL I 202 5.32 -12.08 5.46
C VAL I 202 5.65 -13.54 5.25
N GLN I 203 5.60 -14.01 4.00
CA GLN I 203 5.86 -15.41 3.72
C GLN I 203 7.31 -15.79 4.05
N GLN I 204 8.22 -14.84 3.94
CA GLN I 204 9.63 -15.11 4.17
C GLN I 204 10.17 -14.44 5.42
N ASN I 205 9.29 -13.91 6.28
CA ASN I 205 9.67 -13.39 7.59
C ASN I 205 10.77 -12.34 7.48
N LYS I 206 10.60 -11.41 6.53
CA LYS I 206 11.58 -10.37 6.29
C LYS I 206 11.05 -9.05 6.82
N GLU I 207 11.44 -8.70 8.04
CA GLU I 207 11.12 -7.39 8.56
C GLU I 207 11.97 -6.34 7.86
N ASP I 208 11.50 -5.09 7.92
CA ASP I 208 12.27 -3.93 7.46
C ASP I 208 12.67 -4.07 5.99
N ALA I 209 11.65 -4.05 5.14
CA ALA I 209 11.85 -4.08 3.69
C ALA I 209 12.51 -2.83 3.14
N TRP I 210 12.95 -1.92 4.00
CA TRP I 210 13.54 -0.66 3.56
C TRP I 210 14.84 -0.90 2.81
N ILE I 211 15.04 -0.14 1.73
CA ILE I 211 16.28 -0.16 0.96
C ILE I 211 16.75 1.28 0.84
N GLU I 212 17.91 1.58 1.44
CA GLU I 212 18.32 2.98 1.61
C GLU I 212 18.62 3.64 0.29
N HIS I 213 19.50 3.04 -0.52
CA HIS I 213 19.93 3.68 -1.75
C HIS I 213 18.81 3.81 -2.77
N ASP I 214 17.79 2.96 -2.68
CA ASP I 214 16.65 3.08 -3.59
C ASP I 214 15.74 4.23 -3.21
N VAL I 215 15.60 4.51 -1.92
CA VAL I 215 14.82 5.67 -1.48
C VAL I 215 15.51 6.96 -1.88
N TRP I 216 16.84 6.99 -1.77
CA TRP I 216 17.59 8.17 -2.22
C TRP I 216 17.30 8.49 -3.67
N ARG I 217 17.23 7.46 -4.52
CA ARG I 217 17.00 7.68 -5.94
C ARG I 217 15.63 8.32 -6.17
N MET I 218 14.59 7.77 -5.56
CA MET I 218 13.23 8.22 -5.86
C MET I 218 12.98 9.63 -5.37
N GLU I 219 13.53 10.00 -4.21
CA GLU I 219 13.29 11.32 -3.68
C GLU I 219 13.92 12.40 -4.54
N ILE I 220 15.02 12.09 -5.20
CA ILE I 220 15.76 13.12 -5.93
C ILE I 220 15.14 13.38 -7.29
N TYR I 221 15.01 12.34 -8.12
CA TYR I 221 14.55 12.58 -9.48
C TYR I 221 13.09 13.00 -9.54
N VAL I 222 12.30 12.70 -8.50
CA VAL I 222 10.95 13.23 -8.44
C VAL I 222 10.97 14.70 -8.08
N SER I 223 11.83 15.08 -7.14
CA SER I 223 11.93 16.48 -6.75
C SER I 223 12.48 17.33 -7.89
N LEU I 224 13.47 16.81 -8.63
CA LEU I 224 14.01 17.56 -9.75
C LEU I 224 13.02 17.68 -10.89
N GLY I 225 12.20 16.65 -11.10
CA GLY I 225 11.21 16.72 -12.17
C GLY I 225 10.13 17.76 -11.92
N ILE I 226 9.83 18.03 -10.66
CA ILE I 226 8.79 19.00 -10.34
C ILE I 226 9.30 20.42 -10.53
N VAL I 227 10.50 20.72 -10.01
CA VAL I 227 11.08 22.04 -10.23
C VAL I 227 11.48 22.22 -11.68
N GLY I 228 11.74 21.14 -12.41
CA GLY I 228 11.97 21.25 -13.83
C GLY I 228 10.71 21.57 -14.60
N LEU I 229 9.56 21.12 -14.11
CA LEU I 229 8.29 21.45 -14.73
C LEU I 229 7.83 22.85 -14.36
N ALA I 230 8.14 23.30 -13.14
CA ALA I 230 7.76 24.65 -12.72
C ALA I 230 8.44 25.70 -13.60
N ILE I 231 9.70 25.47 -13.96
CA ILE I 231 10.40 26.43 -14.80
C ILE I 231 9.81 26.45 -16.20
N LEU I 232 9.41 25.29 -16.71
CA LEU I 232 8.72 25.26 -18.00
C LEU I 232 7.42 26.05 -17.95
N ALA I 233 6.74 26.05 -16.81
CA ALA I 233 5.50 26.82 -16.69
C ALA I 233 5.77 28.31 -16.84
N LEU I 234 6.94 28.78 -16.41
CA LEU I 234 7.29 30.17 -16.62
C LEU I 234 7.52 30.47 -18.10
N LEU I 235 8.11 29.53 -18.83
CA LEU I 235 8.28 29.71 -20.26
C LEU I 235 6.94 29.72 -20.98
N ALA I 236 5.99 28.90 -20.50
CA ALA I 236 4.70 28.82 -21.16
C ALA I 236 3.85 30.05 -20.86
N VAL I 237 3.88 30.54 -19.62
CA VAL I 237 3.04 31.67 -19.26
C VAL I 237 3.52 32.95 -19.92
N THR I 238 4.83 33.05 -20.18
CA THR I 238 5.36 34.21 -20.89
C THR I 238 5.14 34.11 -22.39
N SER I 239 4.55 33.03 -22.88
CA SER I 239 4.21 32.90 -24.29
C SER I 239 2.84 33.47 -24.63
N ILE I 240 2.05 33.84 -23.62
CA ILE I 240 0.76 34.49 -23.88
C ILE I 240 1.01 35.85 -24.51
N PRO I 241 0.37 36.16 -25.64
CA PRO I 241 0.71 37.42 -26.34
C PRO I 241 0.50 38.67 -25.51
N SER I 242 -0.47 38.66 -24.59
CA SER I 242 -0.65 39.83 -23.72
C SER I 242 0.47 39.93 -22.69
N VAL I 243 0.89 38.79 -22.14
CA VAL I 243 1.99 38.81 -21.19
C VAL I 243 3.32 38.96 -21.91
N SER I 244 3.45 38.36 -23.10
CA SER I 244 4.68 38.48 -23.86
C SER I 244 4.90 39.92 -24.30
N ASP I 245 3.87 40.59 -24.79
CA ASP I 245 3.99 41.98 -25.19
C ASP I 245 3.79 42.89 -23.99
N SER I 246 4.46 42.56 -22.89
CA SER I 246 4.45 43.42 -21.71
C SER I 246 5.82 43.51 -21.06
N LEU I 247 6.87 42.93 -21.64
CA LEU I 247 8.19 42.90 -21.07
C LEU I 247 9.19 43.38 -22.11
N THR I 248 10.18 44.14 -21.66
CA THR I 248 11.24 44.56 -22.56
C THR I 248 12.03 43.35 -23.05
N TRP I 249 12.72 43.53 -24.18
CA TRP I 249 13.40 42.40 -24.80
C TRP I 249 14.44 41.78 -23.88
N ARG I 250 15.08 42.59 -23.03
CA ARG I 250 16.08 42.04 -22.11
C ARG I 250 15.44 41.09 -21.11
N GLU I 251 14.23 41.42 -20.63
CA GLU I 251 13.54 40.54 -19.70
C GLU I 251 13.05 39.29 -20.40
N PHE I 252 12.42 39.45 -21.56
CA PHE I 252 11.90 38.30 -22.29
C PHE I 252 13.03 37.34 -22.68
N HIS I 253 14.13 37.89 -23.20
CA HIS I 253 15.26 37.05 -23.54
C HIS I 253 15.89 36.41 -22.31
N TYR I 254 15.76 37.04 -21.15
CA TYR I 254 16.31 36.46 -19.93
C TYR I 254 15.54 35.21 -19.50
N ILE I 255 14.23 35.18 -19.75
CA ILE I 255 13.45 34.02 -19.34
C ILE I 255 13.59 32.90 -20.35
N GLN I 256 13.43 33.20 -21.64
CA GLN I 256 13.44 32.16 -22.66
C GLN I 256 14.81 31.51 -22.82
N SER I 257 15.89 32.21 -22.47
CA SER I 257 17.23 31.69 -22.66
C SER I 257 17.90 31.24 -21.36
N LYS I 258 17.99 32.12 -20.38
CA LYS I 258 18.67 31.77 -19.14
C LYS I 258 17.87 30.73 -18.35
N LEU I 259 16.65 31.07 -17.97
CA LEU I 259 15.80 30.11 -17.26
C LEU I 259 15.38 28.96 -18.16
N GLY I 260 15.33 29.16 -19.47
CA GLY I 260 14.89 28.10 -20.36
C GLY I 260 15.87 26.93 -20.38
N ILE I 261 17.16 27.23 -20.49
CA ILE I 261 18.16 26.15 -20.53
C ILE I 261 18.28 25.46 -19.19
N VAL I 262 17.88 26.12 -18.10
CA VAL I 262 17.93 25.47 -16.79
C VAL I 262 16.90 24.35 -16.72
N SER I 263 15.71 24.58 -17.29
CA SER I 263 14.70 23.52 -17.30
C SER I 263 15.16 22.31 -18.10
N LEU I 264 15.92 22.53 -19.17
CA LEU I 264 16.49 21.42 -19.91
C LEU I 264 17.52 20.68 -19.07
N LEU I 265 18.28 21.42 -18.26
CA LEU I 265 19.27 20.79 -17.38
C LEU I 265 18.59 19.96 -16.31
N LEU I 266 17.59 20.53 -15.64
CA LEU I 266 16.84 19.78 -14.64
C LEU I 266 16.03 18.65 -15.26
N GLY I 267 15.68 18.76 -16.54
CA GLY I 267 14.91 17.70 -17.17
C GLY I 267 15.76 16.47 -17.46
N THR I 268 17.00 16.68 -17.92
CA THR I 268 17.85 15.53 -18.23
C THR I 268 18.44 14.90 -16.99
N ILE I 269 18.73 15.69 -15.95
CA ILE I 269 19.16 15.10 -14.69
C ILE I 269 18.02 14.33 -14.05
N HIS I 270 16.79 14.82 -14.21
CA HIS I 270 15.63 14.06 -13.75
C HIS I 270 15.56 12.69 -14.38
N ALA I 271 16.10 12.53 -15.58
CA ALA I 271 16.09 11.24 -16.25
C ALA I 271 17.34 10.43 -15.95
N LEU I 272 18.47 11.07 -15.71
CA LEU I 272 19.69 10.34 -15.37
C LEU I 272 19.60 9.74 -13.98
N ILE I 273 19.16 10.53 -13.00
CA ILE I 273 18.96 10.01 -11.65
C ILE I 273 17.95 8.88 -11.65
N PHE I 274 16.95 8.95 -12.53
CA PHE I 274 16.03 7.83 -12.68
C PHE I 274 16.74 6.56 -13.09
N ALA I 275 17.79 6.68 -13.91
CA ALA I 275 18.61 5.55 -14.29
C ALA I 275 19.84 5.48 -13.39
N TRP I 276 19.59 5.16 -12.12
CA TRP I 276 20.64 5.14 -11.11
C TRP I 276 21.74 4.17 -11.51
N ASN I 277 21.37 2.93 -11.83
CA ASN I 277 22.34 1.92 -12.21
C ASN I 277 21.86 1.08 -13.39
N LYS I 278 20.83 1.52 -14.10
CA LYS I 278 20.32 0.78 -15.25
C LYS I 278 21.24 0.86 -16.45
N TRP I 279 22.31 1.66 -16.39
CA TRP I 279 23.25 1.72 -17.51
C TRP I 279 24.01 0.41 -17.65
N ILE I 280 24.61 -0.06 -16.54
CA ILE I 280 25.44 -1.25 -16.59
C ILE I 280 24.61 -2.52 -16.72
N ASP I 281 23.32 -2.47 -16.40
CA ASP I 281 22.49 -3.66 -16.47
C ASP I 281 22.27 -4.08 -17.92
N ILE I 282 22.37 -5.38 -18.16
CA ILE I 282 22.16 -5.91 -19.50
C ILE I 282 20.71 -6.36 -19.71
N LYS I 283 19.95 -6.55 -18.63
CA LYS I 283 18.55 -6.94 -18.77
C LYS I 283 17.73 -5.87 -19.48
N GLN I 284 18.20 -4.62 -19.51
CA GLN I 284 17.45 -3.55 -20.17
C GLN I 284 17.38 -3.77 -21.67
N PHE I 285 18.47 -4.26 -22.27
CA PHE I 285 18.50 -4.48 -23.71
C PHE I 285 17.69 -5.73 -24.05
N VAL I 286 16.56 -5.53 -24.72
CA VAL I 286 15.65 -6.64 -24.99
C VAL I 286 16.28 -7.62 -25.98
N TRP I 287 16.54 -7.17 -27.20
CA TRP I 287 17.31 -7.96 -28.16
C TRP I 287 18.67 -7.35 -28.41
N TYR I 288 18.72 -6.13 -28.94
CA TYR I 288 19.94 -5.34 -28.94
C TYR I 288 19.67 -3.85 -28.75
N THR I 289 18.43 -3.45 -28.66
CA THR I 289 18.07 -2.04 -28.57
C THR I 289 18.38 -1.49 -27.18
N PRO I 290 18.82 -0.25 -27.08
CA PRO I 290 19.07 0.34 -25.77
C PRO I 290 17.76 0.66 -25.08
N PRO I 291 17.76 0.84 -23.76
CA PRO I 291 16.55 1.26 -23.08
C PRO I 291 16.10 2.63 -23.57
N THR I 292 14.80 2.89 -23.39
CA THR I 292 14.20 4.07 -24.00
C THR I 292 14.77 5.37 -23.44
N PHE I 293 15.28 5.35 -22.21
CA PHE I 293 15.81 6.59 -21.64
C PHE I 293 17.16 6.96 -22.22
N MET I 294 17.93 5.98 -22.69
CA MET I 294 19.23 6.28 -23.28
C MET I 294 19.06 7.07 -24.57
N ILE I 295 18.02 6.78 -25.34
CA ILE I 295 17.77 7.55 -26.55
C ILE I 295 17.19 8.91 -26.21
N ALA I 296 16.46 9.01 -25.10
CA ALA I 296 15.84 10.27 -24.72
C ALA I 296 16.88 11.31 -24.32
N VAL I 297 17.77 10.94 -23.41
CA VAL I 297 18.75 11.89 -22.88
C VAL I 297 19.93 12.13 -23.81
N PHE I 298 19.98 11.46 -24.96
CA PHE I 298 21.11 11.63 -25.86
C PHE I 298 21.16 13.04 -26.42
N LEU I 299 20.05 13.51 -26.99
CA LEU I 299 20.08 14.84 -27.62
C LEU I 299 20.25 15.96 -26.60
N PRO I 300 19.55 15.99 -25.46
CA PRO I 300 19.79 17.08 -24.50
C PRO I 300 21.21 17.14 -23.98
N ILE I 301 21.86 15.99 -23.80
CA ILE I 301 23.25 16.00 -23.34
C ILE I 301 24.16 16.64 -24.38
N VAL I 302 23.90 16.37 -25.66
CA VAL I 302 24.68 17.00 -26.72
C VAL I 302 24.48 18.51 -26.70
N VAL I 303 23.24 18.96 -26.53
CA VAL I 303 22.96 20.39 -26.53
C VAL I 303 23.58 21.07 -25.32
N LEU I 304 23.58 20.40 -24.17
CA LEU I 304 24.07 21.02 -22.95
C LEU I 304 25.59 21.19 -22.98
N ILE I 305 26.32 20.17 -23.45
CA ILE I 305 27.77 20.29 -23.45
C ILE I 305 28.23 21.32 -24.45
N PHE I 306 27.55 21.45 -25.59
CA PHE I 306 27.93 22.47 -26.56
C PHE I 306 27.59 23.87 -26.08
N LYS I 307 26.50 24.01 -25.32
CA LYS I 307 26.23 25.29 -24.67
C LYS I 307 27.31 25.62 -23.66
N SER I 308 27.89 24.59 -23.02
CA SER I 308 28.96 24.84 -22.06
C SER I 308 30.27 25.17 -22.76
N ILE I 309 30.56 24.49 -23.87
CA ILE I 309 31.76 24.78 -24.63
C ILE I 309 31.73 26.22 -25.14
N LEU I 310 30.58 26.65 -25.66
CA LEU I 310 30.44 28.03 -26.13
C LEU I 310 30.50 29.03 -24.98
N PHE I 311 30.17 28.61 -23.76
CA PHE I 311 30.27 29.52 -22.62
C PHE I 311 31.71 29.77 -22.21
N LEU I 312 32.62 28.86 -22.53
CA LEU I 312 34.04 29.11 -22.32
C LEU I 312 34.49 30.26 -23.20
N PRO I 313 35.59 30.94 -22.84
CA PRO I 313 36.07 32.06 -23.67
C PRO I 313 36.31 31.65 -25.12
N CYS I 314 35.50 32.19 -26.02
CA CYS I 314 35.55 31.84 -27.43
C CYS I 314 34.72 32.81 -28.25
CHA HEM J . -15.11 9.30 -12.54
CHB HEM J . -10.35 10.13 -12.53
CHC HEM J . -10.92 13.41 -16.08
CHD HEM J . -15.71 12.75 -15.88
C1A HEM J . -13.76 9.25 -12.28
C2A HEM J . -13.18 8.37 -11.36
C3A HEM J . -11.85 8.60 -11.34
C4A HEM J . -11.60 9.63 -12.26
CMA HEM J . -10.83 7.88 -10.51
CAA HEM J . -13.90 7.36 -10.52
CBA HEM J . -14.33 8.09 -9.25
CGA HEM J . -14.72 7.09 -8.19
O1A HEM J . -15.86 7.14 -7.67
O2A HEM J . -13.89 6.23 -7.81
C1B HEM J . -10.14 11.09 -13.52
C2B HEM J . -8.84 11.55 -13.83
C3B HEM J . -8.98 12.47 -14.82
C4B HEM J . -10.42 12.56 -15.10
CMB HEM J . -7.58 11.09 -13.17
CAB HEM J . -7.91 13.23 -15.49
CBB HEM J . -7.10 14.02 -14.80
C1C HEM J . -12.29 13.50 -16.35
C2C HEM J . -12.85 14.28 -17.37
C3C HEM J . -14.21 14.09 -17.31
C4C HEM J . -14.48 13.19 -16.25
CMC HEM J . -12.11 15.15 -18.35
CAC HEM J . -15.22 14.70 -18.18
CBC HEM J . -15.51 15.99 -18.07
C1D HEM J . -15.89 11.74 -14.94
C2D HEM J . -17.21 11.22 -14.65
C3D HEM J . -17.05 10.26 -13.72
C4D HEM J . -15.62 10.20 -13.46
CMD HEM J . -18.52 11.66 -15.25
CAD HEM J . -18.11 9.42 -13.09
CBD HEM J . -18.64 10.14 -11.86
CGD HEM J . -19.46 9.17 -11.04
O1D HEM J . -20.69 9.30 -10.97
O2D HEM J . -18.89 8.24 -10.43
NA HEM J . -12.77 10.04 -12.80
NB HEM J . -11.05 11.70 -14.28
NC HEM J . -13.27 12.86 -15.67
ND HEM J . -14.96 11.10 -14.22
FE HEM J . -13.12 11.38 -14.22
O1 XP4 K . -16.88 37.37 -21.73
O2 XP4 K . -16.10 39.78 -21.67
P1 XP4 K . -15.71 38.32 -21.88
O3 XP4 K . -14.94 38.09 -23.16
O4 XP4 K . -14.69 37.96 -20.68
C1 XP4 K . -14.13 36.63 -20.62
C2 XP4 K . -13.24 36.51 -19.42
C3 XP4 K . -13.97 36.73 -18.11
O5 XP4 K . -13.24 36.02 -17.08
C4 XP4 K . -13.79 35.98 -15.87
O6 XP4 K . -14.65 36.73 -15.51
C5 XP4 K . -13.18 34.87 -15.06
C6 XP4 K . -12.13 34.11 -15.80
C7 XP4 K . -11.71 32.84 -15.08
C8 XP4 K . -12.78 31.79 -14.98
C9 XP4 K . -12.31 30.48 -14.38
C10 XP4 K . -11.30 29.74 -15.22
C11 XP4 K . -10.44 28.78 -14.45
C12 XP4 K . -9.53 27.93 -15.30
C13 XP4 K . -8.41 27.27 -14.54
C14 XP4 K . -8.86 26.54 -13.29
C15 XP4 K . -7.73 25.96 -12.48
C16 XP4 K . -8.17 25.36 -11.16
C17 XP4 K . -7.04 24.77 -10.36
O7 XP4 K . -12.61 35.21 -19.30
C18 XP4 K . -11.62 34.87 -20.15
O8 XP4 K . -11.64 35.12 -21.32
C19 XP4 K . -10.47 34.25 -19.42
C20 XP4 K . -10.25 32.80 -19.72
C21 XP4 K . -9.00 32.27 -19.04
C22 XP4 K . -8.76 30.79 -19.21
C23 XP4 K . -7.44 30.33 -18.66
C24 XP4 K . -7.19 28.85 -18.75
C25 XP4 K . -5.80 28.44 -18.32
C26 XP4 K . -5.52 26.95 -18.36
C27 XP4 K . -4.08 26.60 -18.13
C28 XP4 K . -3.79 25.12 -18.08
C29 XP4 K . -4.36 24.41 -16.88
C30 XP4 K . -3.95 22.96 -16.79
C31 XP4 K . -4.46 22.26 -15.55
CHA HEM L . 0.39 21.23 4.66
CHB HEM L . -1.61 19.10 0.82
CHC HEM L . -3.08 23.45 -0.79
CHD HEM L . -0.84 25.58 2.92
C1A HEM L . -0.07 20.31 3.76
C2A HEM L . 0.10 18.93 3.91
C3A HEM L . -0.46 18.32 2.84
C4A HEM L . -0.97 19.33 2.01
CMA HEM L . -0.51 16.84 2.58
CAA HEM L . 0.78 18.23 5.06
CBA HEM L . 2.27 18.16 4.70
CGA HEM L . 2.97 17.17 5.56
O1A HEM L . 3.95 17.52 6.25
O2A HEM L . 2.59 15.98 5.59
C1B HEM L . -2.18 20.14 0.09
C2B HEM L . -2.91 19.88 -1.10
C3B HEM L . -3.33 21.07 -1.57
C4B HEM L . -2.84 22.08 -0.62
CMB HEM L . -3.14 18.51 -1.69
CAB HEM L . -4.14 21.33 -2.78
CBB HEM L . -3.71 20.96 -3.97
C1C HEM L . -2.63 24.40 0.09
C2C HEM L . -2.91 25.77 0.02
C3C HEM L . -2.28 26.38 1.08
C4C HEM L . -1.59 25.36 1.79
CMC HEM L . -3.76 26.46 -1.02
CAC HEM L . -2.29 27.80 1.41
CBC HEM L . -1.62 28.67 0.66
C1D HEM L . -0.36 24.52 3.68
C2D HEM L . 0.36 24.77 4.93
C3D HEM L . 0.69 23.57 5.42
C4D HEM L . 0.20 22.58 4.47
CMD HEM L . 0.64 26.11 5.55
CAD HEM L . 1.44 23.27 6.69
CBD HEM L . 2.93 23.29 6.40
CGD HEM L . 3.66 22.68 7.58
O1D HEM L . 4.34 23.41 8.32
O2D HEM L . 3.56 21.46 7.80
NA HEM L . -0.70 20.55 2.57
NB HEM L . -2.16 21.45 0.34
NC HEM L . -1.82 24.18 1.16
ND HEM L . -0.42 23.21 3.45
FE HEM L . -1.22 22.36 1.99
O1 XP4 M . 3.34 44.38 -13.54
O2 XP4 M . 3.82 45.35 -15.82
P1 XP4 M . 2.97 44.38 -15.01
O3 XP4 M . 1.48 44.57 -15.24
O4 XP4 M . 3.34 42.91 -15.56
C1 XP4 M . 2.65 41.77 -14.98
C2 XP4 M . 3.16 40.50 -15.62
C3 XP4 M . 4.64 40.28 -15.42
O5 XP4 M . 4.88 38.85 -15.51
C4 XP4 M . 6.11 38.43 -15.23
O6 XP4 M . 7.06 39.15 -15.22
C5 XP4 M . 6.10 36.96 -14.91
C6 XP4 M . 4.74 36.35 -15.02
C7 XP4 M . 4.67 34.94 -14.46
C8 XP4 M . 4.92 34.84 -12.97
C9 XP4 M . 4.73 33.46 -12.41
C10 XP4 M . 3.32 32.95 -12.48
C11 XP4 M . 3.19 31.44 -12.43
C12 XP4 M . 1.78 30.93 -12.35
C13 XP4 M . 1.64 29.47 -12.70
C14 XP4 M . 2.61 28.56 -12.00
C15 XP4 M . 2.54 27.11 -12.44
C16 XP4 M . 3.60 26.23 -11.84
C17 XP4 M . 3.51 24.79 -12.26
O7 XP4 M . 2.51 39.30 -15.13
C18 XP4 M . 1.23 39.06 -15.47
O8 XP4 M . 0.37 39.89 -15.51
C19 XP4 M . 1.05 37.62 -15.88
C20 XP4 M . 0.21 36.81 -14.94
C21 XP4 M . -0.02 35.41 -15.47
C22 XP4 M . -0.78 34.49 -14.55
C23 XP4 M . -1.12 33.16 -15.17
C24 XP4 M . -1.82 32.18 -14.27
C25 XP4 M . -2.29 30.94 -14.96
C26 XP4 M . -2.94 29.91 -14.06
C27 XP4 M . -3.57 28.77 -14.81
C28 XP4 M . -4.18 27.70 -13.94
C29 XP4 M . -3.17 26.88 -13.16
C30 XP4 M . -3.79 25.74 -12.40
C31 XP4 M . -2.78 24.87 -11.67
CHA HEM N . 10.73 9.64 -16.29
CHB HEM N . 7.88 11.71 -12.99
CHC HEM N . 8.75 16.06 -14.99
CHD HEM N . 11.38 13.93 -18.45
C1A HEM N . 9.91 9.86 -15.22
C2A HEM N . 9.49 8.87 -14.33
C3A HEM N . 8.69 9.44 -13.41
C4A HEM N . 8.61 10.80 -13.71
CMA HEM N . 8.02 8.75 -12.26
CAA HEM N . 9.85 7.41 -14.41
CBA HEM N . 8.81 6.76 -15.32
CGA HEM N . 8.83 5.26 -15.16
O1A HEM N . 9.03 4.54 -16.15
O2A HEM N . 8.64 4.76 -14.03
C1B HEM N . 7.91 13.07 -13.28
C2B HEM N . 7.23 14.00 -12.47
C3B HEM N . 7.45 15.24 -13.01
C4B HEM N . 8.31 15.02 -14.18
CMB HEM N . 6.40 13.67 -11.26
CAB HEM N . 6.95 16.53 -12.53
CBB HEM N . 5.65 16.77 -12.42
C1C HEM N . 9.56 15.87 -16.09
C2C HEM N . 10.11 16.88 -16.89
C3C HEM N . 10.86 16.26 -17.87
C4C HEM N . 10.76 14.87 -17.66
CMC HEM N . 9.92 18.36 -16.71
CAC HEM N . 11.61 16.93 -18.94
CBC HEM N . 10.96 17.52 -19.94
C1D HEM N . 11.40 12.59 -18.09
C2D HEM N . 12.15 11.62 -18.87
C3D HEM N . 11.97 10.43 -18.27
C4D HEM N . 11.12 10.67 -17.12
CMD HEM N . 12.96 11.90 -20.11
CAD HEM N . 12.53 9.11 -18.70
CBD HEM N . 11.58 8.44 -19.69
CGD HEM N . 11.98 7.01 -19.86
O1D HEM N . 12.49 6.62 -20.93
O2D HEM N . 11.80 6.19 -18.93
NA HEM N . 9.34 11.05 -14.84
NB HEM N . 8.55 13.70 -14.27
NC HEM N . 9.97 14.66 -16.58
ND HEM N . 10.80 11.98 -17.05
FE HEM N . 9.72 12.77 -15.75
O1 XP4 O . 2.36 32.38 -33.27
O2 XP4 O . 0.61 34.03 -34.07
P1 XP4 O . 1.35 33.45 -32.88
O3 XP4 O . 1.94 34.50 -31.98
O4 XP4 O . 0.24 32.69 -31.99
C1 XP4 O . 0.65 32.04 -30.75
C2 XP4 O . -0.55 31.39 -30.10
C3 XP4 O . -1.17 30.32 -30.97
O5 XP4 O . -1.83 29.39 -30.08
C4 XP4 O . -2.35 28.29 -30.63
O6 XP4 O . -2.57 28.18 -31.80
C5 XP4 O . -2.59 27.23 -29.59
C6 XP4 O . -2.21 27.68 -28.21
C7 XP4 O . -2.20 26.55 -27.20
C8 XP4 O . -1.15 25.49 -27.45
C9 XP4 O . -1.08 24.44 -26.37
C10 XP4 O . -0.60 24.96 -25.02
C11 XP4 O . -1.02 24.11 -23.86
C12 XP4 O . -0.43 24.54 -22.53
C13 XP4 O . -1.14 23.96 -21.33
C14 XP4 O . -1.36 22.46 -21.41
C15 XP4 O . -2.15 21.90 -20.25
C16 XP4 O . -2.48 20.43 -20.40
C17 XP4 O . -3.26 19.87 -19.22
O7 XP4 O . -0.22 30.74 -28.84
C18 XP4 O . 0.04 31.50 -27.77
O8 XP4 O . 0.70 32.50 -27.79
C19 XP4 O . -0.69 30.99 -26.55
C20 XP4 O . 0.21 30.42 -25.50
C21 XP4 O . -0.57 30.02 -24.26
C22 XP4 O . 0.23 29.36 -23.17
C23 XP4 O . -0.55 29.11 -21.91
C24 XP4 O . 0.19 28.39 -20.82
C25 XP4 O . -0.56 28.31 -19.52
C26 XP4 O . 0.14 27.55 -18.42
C27 XP4 O . -0.54 27.65 -17.08
C28 XP4 O . 0.10 26.83 -15.98
C29 XP4 O . -0.03 25.34 -16.15
C30 XP4 O . 0.49 24.56 -14.98
C31 XP4 O . 0.31 23.06 -15.10
#